data_2N05
#
_entry.id   2N05
#
_entity_poly.entity_id   1
_entity_poly.type   'polypeptide(L)'
_entity_poly.pdbx_seq_one_letter_code
;MRSPGMADQRQRSLSTSGESLYHVLGLDKNATSDDIKKSYRKLALKYHPDKNPDNPEAADKFKEINNAHAILTDATKRNI
YDKYGSLGLYVAEQFGEENVNTYFV
;
_entity_poly.pdbx_strand_id   A
#
# COMPACT_ATOMS: atom_id res chain seq x y z
N MET A 1 11.11 -16.67 -11.24
CA MET A 1 10.48 -15.34 -11.44
C MET A 1 9.06 -15.31 -10.86
N ARG A 2 8.87 -15.97 -9.71
CA ARG A 2 7.58 -16.07 -9.05
C ARG A 2 6.58 -16.86 -9.89
N SER A 3 6.55 -18.17 -9.68
CA SER A 3 5.60 -19.03 -10.33
C SER A 3 4.25 -18.98 -9.60
N PRO A 4 3.16 -18.77 -10.34
CA PRO A 4 1.80 -18.79 -9.79
C PRO A 4 1.54 -20.07 -9.00
N GLY A 5 0.90 -19.93 -7.86
CA GLY A 5 0.72 -21.05 -6.96
C GLY A 5 1.62 -20.91 -5.75
N MET A 6 2.11 -19.69 -5.55
CA MET A 6 3.01 -19.37 -4.44
C MET A 6 2.35 -19.60 -3.09
N ALA A 7 3.08 -20.25 -2.20
CA ALA A 7 2.61 -20.45 -0.84
C ALA A 7 3.57 -19.81 0.14
N ASP A 8 3.02 -19.16 1.15
CA ASP A 8 3.83 -18.51 2.18
C ASP A 8 4.61 -19.54 2.97
N GLN A 9 5.93 -19.48 2.85
CA GLN A 9 6.81 -20.41 3.54
C GLN A 9 6.95 -20.03 5.01
N ARG A 10 7.77 -20.77 5.75
CA ARG A 10 7.99 -20.48 7.16
C ARG A 10 8.66 -19.12 7.32
N GLN A 11 9.48 -18.78 6.35
CA GLN A 11 10.16 -17.50 6.33
C GLN A 11 9.25 -16.41 5.77
N ARG A 12 8.03 -16.35 6.28
CA ARG A 12 7.05 -15.38 5.84
C ARG A 12 7.44 -13.97 6.29
N SER A 13 7.95 -13.87 7.50
CA SER A 13 8.28 -12.59 8.11
C SER A 13 9.43 -11.89 7.36
N LEU A 14 10.37 -12.67 6.86
CA LEU A 14 11.50 -12.09 6.13
C LEU A 14 11.19 -11.97 4.64
N SER A 15 10.23 -12.75 4.17
CA SER A 15 9.81 -12.69 2.77
C SER A 15 9.10 -11.38 2.51
N THR A 16 8.31 -10.93 3.48
CA THR A 16 7.69 -9.63 3.41
C THR A 16 8.74 -8.53 3.55
N SER A 17 8.68 -7.55 2.66
CA SER A 17 9.67 -6.49 2.62
C SER A 17 9.42 -5.46 3.71
N GLY A 18 8.28 -5.56 4.36
CA GLY A 18 7.92 -4.60 5.39
C GLY A 18 7.02 -3.51 4.84
N GLU A 19 6.98 -3.45 3.52
CA GLU A 19 6.13 -2.51 2.82
C GLU A 19 4.78 -3.15 2.54
N SER A 20 3.74 -2.35 2.60
CA SER A 20 2.39 -2.87 2.49
C SER A 20 1.80 -2.64 1.11
N LEU A 21 1.65 -1.36 0.74
CA LEU A 21 0.96 -0.97 -0.49
C LEU A 21 1.49 -1.72 -1.71
N TYR A 22 2.80 -1.64 -1.91
CA TYR A 22 3.45 -2.33 -3.03
C TYR A 22 3.00 -3.78 -3.15
N HIS A 23 3.03 -4.49 -2.03
CA HIS A 23 2.81 -5.93 -2.03
C HIS A 23 1.35 -6.32 -2.14
N VAL A 24 0.44 -5.38 -1.90
CA VAL A 24 -0.99 -5.66 -2.10
C VAL A 24 -1.24 -5.84 -3.58
N LEU A 25 -0.37 -5.19 -4.36
CA LEU A 25 -0.45 -5.18 -5.80
C LEU A 25 0.44 -6.27 -6.40
N GLY A 26 1.13 -6.98 -5.51
CA GLY A 26 1.98 -8.06 -5.93
C GLY A 26 3.28 -7.58 -6.57
N LEU A 27 3.63 -6.33 -6.31
CA LEU A 27 4.86 -5.77 -6.83
C LEU A 27 5.72 -5.24 -5.68
N ASP A 28 6.97 -4.97 -5.97
CA ASP A 28 7.88 -4.45 -4.95
C ASP A 28 8.10 -2.97 -5.18
N LYS A 29 9.02 -2.40 -4.42
CA LYS A 29 9.34 -0.98 -4.52
C LYS A 29 10.01 -0.66 -5.85
N ASN A 30 10.16 -1.67 -6.68
CA ASN A 30 10.90 -1.55 -7.92
C ASN A 30 9.93 -1.39 -9.09
N ALA A 31 8.67 -1.19 -8.74
CA ALA A 31 7.64 -0.95 -9.74
C ALA A 31 7.62 0.52 -10.13
N THR A 32 7.07 0.80 -11.30
CA THR A 32 6.88 2.17 -11.72
C THR A 32 5.38 2.44 -11.83
N SER A 33 5.00 3.68 -12.13
CA SER A 33 3.59 4.04 -12.23
C SER A 33 2.83 3.03 -13.07
N ASP A 34 3.45 2.61 -14.16
CA ASP A 34 2.87 1.64 -15.07
C ASP A 34 2.50 0.34 -14.36
N ASP A 35 3.39 -0.16 -13.50
CA ASP A 35 3.18 -1.45 -12.85
C ASP A 35 2.08 -1.31 -11.82
N ILE A 36 2.10 -0.20 -11.11
CA ILE A 36 1.18 0.07 -10.03
C ILE A 36 -0.26 0.21 -10.54
N LYS A 37 -0.44 0.93 -11.64
CA LYS A 37 -1.76 1.14 -12.21
C LYS A 37 -2.37 -0.17 -12.71
N LYS A 38 -1.61 -0.91 -13.52
CA LYS A 38 -2.09 -2.16 -14.08
C LYS A 38 -2.41 -3.18 -13.00
N SER A 39 -1.50 -3.33 -12.04
CA SER A 39 -1.72 -4.25 -10.94
C SER A 39 -2.97 -3.87 -10.15
N TYR A 40 -3.25 -2.57 -10.10
CA TYR A 40 -4.49 -2.09 -9.50
C TYR A 40 -5.67 -2.71 -10.20
N ARG A 41 -5.76 -2.49 -11.51
CA ARG A 41 -6.87 -3.01 -12.31
C ARG A 41 -7.01 -4.52 -12.12
N LYS A 42 -5.93 -5.23 -12.40
CA LYS A 42 -5.89 -6.69 -12.34
C LYS A 42 -6.48 -7.24 -11.04
N LEU A 43 -6.20 -6.56 -9.94
CA LEU A 43 -6.69 -7.00 -8.64
C LEU A 43 -8.03 -6.38 -8.27
N ALA A 44 -8.23 -5.15 -8.72
CA ALA A 44 -9.44 -4.36 -8.39
C ALA A 44 -10.73 -5.11 -8.70
N LEU A 45 -10.81 -5.76 -9.86
CA LEU A 45 -12.01 -6.53 -10.18
C LEU A 45 -12.00 -7.86 -9.45
N LYS A 46 -10.83 -8.48 -9.37
CA LYS A 46 -10.62 -9.72 -8.62
C LYS A 46 -11.14 -9.59 -7.18
N TYR A 47 -10.92 -8.44 -6.58
CA TYR A 47 -11.40 -8.19 -5.22
C TYR A 47 -12.49 -7.14 -5.23
N HIS A 48 -13.23 -7.07 -6.34
CA HIS A 48 -14.35 -6.14 -6.46
C HIS A 48 -15.39 -6.47 -5.41
N PRO A 49 -15.97 -5.44 -4.78
CA PRO A 49 -16.87 -5.55 -3.61
C PRO A 49 -17.88 -6.69 -3.67
N ASP A 50 -18.39 -6.98 -4.86
CA ASP A 50 -19.40 -8.03 -5.01
C ASP A 50 -18.80 -9.42 -4.78
N LYS A 51 -17.50 -9.52 -4.96
CA LYS A 51 -16.79 -10.79 -4.81
C LYS A 51 -16.50 -11.10 -3.35
N ASN A 52 -17.11 -10.34 -2.46
CA ASN A 52 -16.72 -10.35 -1.07
C ASN A 52 -17.78 -11.00 -0.20
N PRO A 53 -17.36 -11.91 0.69
CA PRO A 53 -18.24 -12.48 1.70
C PRO A 53 -18.36 -11.56 2.90
N ASP A 54 -18.86 -12.11 3.99
CA ASP A 54 -19.10 -11.33 5.20
C ASP A 54 -17.79 -10.80 5.78
N ASN A 55 -16.73 -11.58 5.65
CA ASN A 55 -15.40 -11.14 6.06
C ASN A 55 -14.94 -9.96 5.22
N PRO A 56 -14.61 -8.83 5.87
CA PRO A 56 -14.18 -7.61 5.18
C PRO A 56 -12.72 -7.69 4.70
N GLU A 57 -12.22 -8.91 4.62
CA GLU A 57 -10.84 -9.16 4.25
C GLU A 57 -10.60 -8.76 2.80
N ALA A 58 -11.53 -9.16 1.96
CA ALA A 58 -11.46 -8.86 0.54
C ALA A 58 -11.76 -7.38 0.30
N ALA A 59 -12.53 -6.79 1.21
CA ALA A 59 -12.80 -5.36 1.16
C ALA A 59 -11.54 -4.60 1.56
N ASP A 60 -10.86 -5.11 2.58
CA ASP A 60 -9.56 -4.60 2.99
C ASP A 60 -8.58 -4.72 1.85
N LYS A 61 -8.69 -5.82 1.10
CA LYS A 61 -7.91 -6.03 -0.10
C LYS A 61 -8.17 -4.95 -1.13
N PHE A 62 -9.40 -4.85 -1.58
CA PHE A 62 -9.77 -3.83 -2.55
C PHE A 62 -9.31 -2.46 -2.09
N LYS A 63 -9.44 -2.22 -0.81
CA LYS A 63 -9.03 -0.96 -0.21
C LYS A 63 -7.54 -0.71 -0.41
N GLU A 64 -6.71 -1.71 -0.10
CA GLU A 64 -5.25 -1.57 -0.23
C GLU A 64 -4.83 -1.52 -1.70
N ILE A 65 -5.51 -2.27 -2.57
CA ILE A 65 -5.25 -2.18 -4.02
C ILE A 65 -5.51 -0.77 -4.49
N ASN A 66 -6.72 -0.31 -4.19
CA ASN A 66 -7.20 1.00 -4.61
C ASN A 66 -6.37 2.11 -3.95
N ASN A 67 -5.82 1.80 -2.79
CA ASN A 67 -4.97 2.72 -2.07
C ASN A 67 -3.60 2.78 -2.71
N ALA A 68 -2.95 1.63 -2.83
CA ALA A 68 -1.61 1.52 -3.42
C ALA A 68 -1.59 2.11 -4.82
N HIS A 69 -2.70 1.93 -5.54
CA HIS A 69 -2.91 2.52 -6.86
C HIS A 69 -2.49 3.99 -6.90
N ALA A 70 -2.79 4.70 -5.84
CA ALA A 70 -2.44 6.10 -5.73
C ALA A 70 -1.08 6.27 -5.08
N ILE A 71 -0.94 5.65 -3.90
CA ILE A 71 0.21 5.86 -3.02
C ILE A 71 1.55 5.76 -3.73
N LEU A 72 1.81 4.64 -4.40
CA LEU A 72 3.15 4.36 -4.90
C LEU A 72 3.55 5.30 -6.03
N THR A 73 2.59 5.72 -6.84
CA THR A 73 2.87 6.60 -7.96
C THR A 73 2.69 8.06 -7.56
N ASP A 74 2.10 8.28 -6.40
CA ASP A 74 1.91 9.63 -5.88
C ASP A 74 3.12 10.04 -5.06
N ALA A 75 3.69 11.18 -5.39
CA ALA A 75 4.92 11.63 -4.77
C ALA A 75 4.73 11.90 -3.27
N THR A 76 3.56 12.40 -2.90
CA THR A 76 3.30 12.76 -1.52
C THR A 76 2.91 11.55 -0.68
N LYS A 77 1.93 10.79 -1.15
CA LYS A 77 1.46 9.62 -0.40
C LYS A 77 2.57 8.59 -0.26
N ARG A 78 3.51 8.62 -1.19
CA ARG A 78 4.68 7.77 -1.12
C ARG A 78 5.70 8.38 -0.19
N ASN A 79 5.78 9.70 -0.27
CA ASN A 79 6.67 10.50 0.56
C ASN A 79 6.46 10.21 2.04
N ILE A 80 5.28 10.54 2.58
CA ILE A 80 5.05 10.36 4.01
C ILE A 80 5.03 8.88 4.37
N TYR A 81 4.64 8.05 3.41
CA TYR A 81 4.64 6.60 3.61
C TYR A 81 6.02 6.12 4.02
N ASP A 82 7.03 6.64 3.35
CA ASP A 82 8.42 6.29 3.66
C ASP A 82 8.92 7.11 4.86
N LYS A 83 8.45 8.33 4.95
CA LYS A 83 8.89 9.24 6.02
C LYS A 83 8.38 8.75 7.38
N TYR A 84 7.07 8.66 7.52
CA TYR A 84 6.46 8.24 8.79
C TYR A 84 5.42 7.14 8.53
N GLY A 85 4.45 7.46 7.68
CA GLY A 85 3.52 6.46 7.20
C GLY A 85 2.37 6.16 8.14
N SER A 86 2.65 6.08 9.43
CA SER A 86 1.63 5.70 10.40
C SER A 86 0.46 6.68 10.40
N LEU A 87 0.72 7.94 10.72
CA LEU A 87 -0.34 8.94 10.74
C LEU A 87 -0.48 9.62 9.38
N GLY A 88 0.57 10.33 8.96
CA GLY A 88 0.52 11.20 7.79
C GLY A 88 -0.09 10.55 6.55
N LEU A 89 0.14 9.26 6.38
CA LEU A 89 -0.40 8.56 5.23
C LEU A 89 -1.91 8.40 5.35
N TYR A 90 -2.35 7.82 6.47
CA TYR A 90 -3.77 7.56 6.70
C TYR A 90 -4.59 8.85 6.67
N VAL A 91 -4.04 9.92 7.26
CA VAL A 91 -4.75 11.18 7.35
C VAL A 91 -4.79 11.88 5.99
N ALA A 92 -3.76 11.71 5.18
CA ALA A 92 -3.73 12.30 3.85
C ALA A 92 -4.78 11.64 2.95
N GLU A 93 -5.10 10.41 3.26
CA GLU A 93 -6.11 9.66 2.53
C GLU A 93 -7.52 10.11 2.93
N GLN A 94 -7.75 10.17 4.23
CA GLN A 94 -9.07 10.52 4.75
C GLN A 94 -9.32 12.03 4.66
N PHE A 95 -8.33 12.81 5.07
CA PHE A 95 -8.48 14.25 5.14
C PHE A 95 -7.96 14.95 3.89
N GLY A 96 -6.91 14.40 3.28
CA GLY A 96 -6.30 15.05 2.13
C GLY A 96 -4.92 15.55 2.49
N GLU A 97 -3.96 15.35 1.59
CA GLU A 97 -2.55 15.60 1.91
C GLU A 97 -2.33 17.04 2.38
N GLU A 98 -2.84 17.99 1.61
CA GLU A 98 -2.68 19.40 1.94
C GLU A 98 -3.53 19.77 3.15
N ASN A 99 -4.57 18.97 3.37
CA ASN A 99 -5.54 19.23 4.43
C ASN A 99 -5.02 18.77 5.78
N VAL A 100 -4.29 17.66 5.78
CA VAL A 100 -3.75 17.03 6.99
C VAL A 100 -3.23 18.03 8.03
N ASN A 101 -2.75 19.17 7.56
CA ASN A 101 -2.21 20.20 8.43
C ASN A 101 -3.24 20.64 9.48
N THR A 102 -4.50 20.34 9.21
CA THR A 102 -5.58 20.60 10.16
C THR A 102 -5.46 19.69 11.38
N TYR A 103 -5.08 18.44 11.14
CA TYR A 103 -4.93 17.46 12.18
C TYR A 103 -3.51 17.50 12.73
N PHE A 104 -2.60 17.97 11.88
CA PHE A 104 -1.22 18.18 12.27
C PHE A 104 -1.05 19.57 12.92
N VAL A 105 0.20 20.01 13.02
CA VAL A 105 0.54 21.29 13.63
C VAL A 105 -0.23 22.46 13.00
N MET A 1 -2.46 -14.62 6.36
CA MET A 1 -2.26 -16.07 6.11
C MET A 1 -3.58 -16.73 5.76
N ARG A 2 -3.63 -17.31 4.56
CA ARG A 2 -4.83 -17.97 4.07
C ARG A 2 -5.02 -19.32 4.74
N SER A 3 -3.92 -19.98 5.06
CA SER A 3 -3.97 -21.28 5.69
C SER A 3 -3.82 -21.13 7.20
N PRO A 4 -4.92 -21.32 7.95
CA PRO A 4 -4.91 -21.22 9.41
C PRO A 4 -4.09 -22.33 10.04
N GLY A 5 -2.97 -21.95 10.65
CA GLY A 5 -2.09 -22.94 11.25
C GLY A 5 -0.76 -23.00 10.55
N MET A 6 -0.34 -21.88 9.99
CA MET A 6 0.97 -21.79 9.36
C MET A 6 2.05 -21.63 10.42
N ALA A 7 2.98 -22.58 10.46
CA ALA A 7 4.08 -22.53 11.41
C ALA A 7 4.96 -21.33 11.14
N ASP A 8 5.38 -20.67 12.21
CA ASP A 8 6.23 -19.50 12.11
C ASP A 8 7.54 -19.84 11.41
N GLN A 9 7.87 -19.06 10.38
CA GLN A 9 9.04 -19.33 9.56
C GLN A 9 10.31 -18.75 10.18
N ARG A 10 11.44 -18.99 9.53
CA ARG A 10 12.73 -18.67 10.11
C ARG A 10 12.92 -17.18 10.32
N GLN A 11 12.67 -16.41 9.27
CA GLN A 11 12.82 -14.96 9.33
C GLN A 11 11.49 -14.27 9.13
N ARG A 12 11.33 -13.15 9.82
CA ARG A 12 10.14 -12.33 9.74
C ARG A 12 10.16 -11.51 8.45
N SER A 13 11.36 -11.14 8.02
CA SER A 13 11.54 -10.27 6.87
C SER A 13 11.28 -11.00 5.55
N LEU A 14 11.43 -12.33 5.55
CA LEU A 14 11.18 -13.10 4.33
C LEU A 14 9.68 -13.30 4.12
N SER A 15 8.92 -13.14 5.18
CA SER A 15 7.47 -13.23 5.09
C SER A 15 6.89 -11.84 4.81
N THR A 16 7.27 -10.89 5.65
CA THR A 16 6.87 -9.51 5.47
C THR A 16 8.10 -8.62 5.33
N SER A 17 8.21 -7.95 4.18
CA SER A 17 9.37 -7.11 3.91
C SER A 17 9.24 -5.75 4.59
N GLY A 18 8.07 -5.50 5.17
CA GLY A 18 7.84 -4.24 5.86
C GLY A 18 7.04 -3.28 4.99
N GLU A 19 7.09 -3.51 3.70
CA GLU A 19 6.33 -2.74 2.75
C GLU A 19 4.93 -3.35 2.62
N SER A 20 3.94 -2.49 2.44
CA SER A 20 2.56 -2.94 2.49
C SER A 20 1.83 -2.70 1.18
N LEU A 21 1.73 -1.43 0.78
CA LEU A 21 1.00 -1.07 -0.45
C LEU A 21 1.54 -1.83 -1.65
N TYR A 22 2.86 -1.84 -1.79
CA TYR A 22 3.52 -2.61 -2.83
C TYR A 22 3.06 -4.07 -2.80
N HIS A 23 2.96 -4.62 -1.60
CA HIS A 23 2.67 -6.03 -1.42
C HIS A 23 1.23 -6.37 -1.82
N VAL A 24 0.32 -5.42 -1.63
CA VAL A 24 -1.09 -5.64 -1.97
C VAL A 24 -1.24 -5.78 -3.48
N LEU A 25 -0.36 -5.12 -4.20
CA LEU A 25 -0.42 -5.08 -5.66
C LEU A 25 0.45 -6.16 -6.28
N GLY A 26 1.14 -6.90 -5.42
CA GLY A 26 1.97 -8.00 -5.87
C GLY A 26 3.21 -7.56 -6.63
N LEU A 27 3.53 -6.28 -6.52
CA LEU A 27 4.73 -5.75 -7.15
C LEU A 27 5.74 -5.34 -6.09
N ASP A 28 6.97 -5.14 -6.52
CA ASP A 28 8.02 -4.73 -5.59
C ASP A 28 8.26 -3.24 -5.71
N LYS A 29 9.28 -2.78 -5.00
CA LYS A 29 9.49 -1.35 -4.79
C LYS A 29 10.24 -0.72 -5.97
N ASN A 30 10.35 -1.46 -7.05
CA ASN A 30 11.01 -0.96 -8.25
C ASN A 30 9.98 -0.76 -9.35
N ALA A 31 8.71 -0.96 -9.00
CA ALA A 31 7.62 -0.76 -9.94
C ALA A 31 7.47 0.70 -10.28
N THR A 32 6.96 0.97 -11.46
CA THR A 32 6.73 2.34 -11.88
C THR A 32 5.24 2.61 -11.91
N SER A 33 4.85 3.83 -12.24
CA SER A 33 3.45 4.21 -12.28
C SER A 33 2.65 3.20 -13.10
N ASP A 34 3.24 2.79 -14.21
CA ASP A 34 2.63 1.82 -15.11
C ASP A 34 2.31 0.52 -14.40
N ASP A 35 3.26 0.00 -13.61
CA ASP A 35 3.08 -1.29 -12.95
C ASP A 35 2.02 -1.18 -11.88
N ILE A 36 2.10 -0.11 -11.12
CA ILE A 36 1.21 0.13 -10.00
C ILE A 36 -0.25 0.26 -10.44
N LYS A 37 -0.47 0.91 -11.58
CA LYS A 37 -1.82 1.06 -12.12
C LYS A 37 -2.38 -0.26 -12.65
N LYS A 38 -1.59 -0.96 -13.46
CA LYS A 38 -2.02 -2.25 -14.02
C LYS A 38 -2.34 -3.24 -12.91
N SER A 39 -1.44 -3.33 -11.93
CA SER A 39 -1.63 -4.22 -10.80
C SER A 39 -2.91 -3.88 -10.05
N TYR A 40 -3.23 -2.59 -10.00
CA TYR A 40 -4.50 -2.16 -9.43
C TYR A 40 -5.63 -2.83 -10.16
N ARG A 41 -5.74 -2.60 -11.46
CA ARG A 41 -6.77 -3.18 -12.30
C ARG A 41 -6.87 -4.69 -12.07
N LYS A 42 -5.76 -5.38 -12.32
CA LYS A 42 -5.70 -6.84 -12.25
C LYS A 42 -6.32 -7.39 -10.97
N LEU A 43 -6.09 -6.72 -9.86
CA LEU A 43 -6.63 -7.15 -8.57
C LEU A 43 -7.99 -6.50 -8.27
N ALA A 44 -8.16 -5.27 -8.71
CA ALA A 44 -9.35 -4.47 -8.43
C ALA A 44 -10.65 -5.21 -8.76
N LEU A 45 -10.71 -5.83 -9.93
CA LEU A 45 -11.91 -6.57 -10.29
C LEU A 45 -11.97 -7.91 -9.55
N LYS A 46 -10.83 -8.56 -9.43
CA LYS A 46 -10.70 -9.79 -8.65
C LYS A 46 -11.26 -9.62 -7.24
N TYR A 47 -11.01 -8.45 -6.66
CA TYR A 47 -11.51 -8.15 -5.33
C TYR A 47 -12.59 -7.07 -5.39
N HIS A 48 -13.32 -7.04 -6.50
CA HIS A 48 -14.39 -6.06 -6.69
C HIS A 48 -15.57 -6.42 -5.77
N PRO A 49 -16.25 -5.41 -5.21
CA PRO A 49 -17.28 -5.55 -4.17
C PRO A 49 -18.18 -6.79 -4.27
N ASP A 50 -18.64 -7.09 -5.47
CA ASP A 50 -19.58 -8.19 -5.67
C ASP A 50 -18.91 -9.55 -5.48
N LYS A 51 -17.59 -9.58 -5.62
CA LYS A 51 -16.83 -10.80 -5.46
C LYS A 51 -16.66 -11.14 -3.99
N ASN A 52 -17.18 -10.30 -3.12
CA ASN A 52 -16.85 -10.36 -1.71
C ASN A 52 -17.94 -11.06 -0.93
N PRO A 53 -17.55 -11.88 0.04
CA PRO A 53 -18.46 -12.49 0.97
C PRO A 53 -18.72 -11.63 2.19
N ASP A 54 -19.20 -12.25 3.24
CA ASP A 54 -19.55 -11.56 4.46
C ASP A 54 -18.33 -10.90 5.10
N ASN A 55 -17.20 -11.58 5.04
CA ASN A 55 -15.95 -11.05 5.58
C ASN A 55 -15.47 -9.85 4.76
N PRO A 56 -15.22 -8.71 5.45
CA PRO A 56 -14.74 -7.48 4.81
C PRO A 56 -13.25 -7.54 4.46
N GLU A 57 -12.72 -8.75 4.42
CA GLU A 57 -11.31 -8.97 4.12
C GLU A 57 -11.02 -8.59 2.69
N ALA A 58 -11.90 -9.03 1.81
CA ALA A 58 -11.78 -8.77 0.40
C ALA A 58 -12.03 -7.29 0.09
N ALA A 59 -12.80 -6.65 0.97
CA ALA A 59 -13.04 -5.22 0.89
C ALA A 59 -11.79 -4.47 1.33
N ASP A 60 -11.16 -4.99 2.37
CA ASP A 60 -9.88 -4.48 2.85
C ASP A 60 -8.87 -4.55 1.72
N LYS A 61 -8.87 -5.70 1.09
CA LYS A 61 -8.05 -5.97 -0.08
C LYS A 61 -8.25 -4.92 -1.15
N PHE A 62 -9.47 -4.80 -1.64
CA PHE A 62 -9.78 -3.79 -2.65
C PHE A 62 -9.34 -2.42 -2.19
N LYS A 63 -9.55 -2.15 -0.91
CA LYS A 63 -9.17 -0.89 -0.31
C LYS A 63 -7.67 -0.62 -0.48
N GLU A 64 -6.85 -1.59 -0.11
CA GLU A 64 -5.40 -1.45 -0.21
C GLU A 64 -4.93 -1.43 -1.66
N ILE A 65 -5.58 -2.20 -2.55
CA ILE A 65 -5.28 -2.14 -3.99
C ILE A 65 -5.50 -0.72 -4.48
N ASN A 66 -6.70 -0.24 -4.19
CA ASN A 66 -7.15 1.07 -4.63
C ASN A 66 -6.30 2.17 -4.01
N ASN A 67 -5.80 1.89 -2.80
CA ASN A 67 -4.95 2.84 -2.09
C ASN A 67 -3.56 2.86 -2.70
N ALA A 68 -2.95 1.67 -2.81
CA ALA A 68 -1.61 1.54 -3.37
C ALA A 68 -1.55 2.11 -4.78
N HIS A 69 -2.65 1.97 -5.50
CA HIS A 69 -2.83 2.55 -6.82
C HIS A 69 -2.38 4.01 -6.87
N ALA A 70 -2.65 4.74 -5.80
CA ALA A 70 -2.25 6.13 -5.71
C ALA A 70 -0.88 6.28 -5.05
N ILE A 71 -0.70 5.55 -3.94
CA ILE A 71 0.45 5.72 -3.06
C ILE A 71 1.80 5.58 -3.77
N LEU A 72 2.05 4.41 -4.36
CA LEU A 72 3.40 4.08 -4.84
C LEU A 72 3.83 4.98 -5.99
N THR A 73 2.87 5.41 -6.79
CA THR A 73 3.17 6.26 -7.92
C THR A 73 3.21 7.72 -7.51
N ASP A 74 2.86 7.97 -6.25
CA ASP A 74 2.90 9.32 -5.70
C ASP A 74 4.12 9.49 -4.83
N ALA A 75 4.99 10.42 -5.21
CA ALA A 75 6.25 10.63 -4.52
C ALA A 75 6.04 10.99 -3.05
N THR A 76 4.96 11.71 -2.76
CA THR A 76 4.68 12.16 -1.40
C THR A 76 4.02 11.06 -0.57
N LYS A 77 2.97 10.43 -1.10
CA LYS A 77 2.24 9.40 -0.37
C LYS A 77 3.15 8.22 -0.04
N ARG A 78 4.13 7.98 -0.89
CA ARG A 78 5.09 6.92 -0.63
C ARG A 78 6.21 7.46 0.24
N ASN A 79 6.41 8.77 0.16
CA ASN A 79 7.40 9.45 0.99
C ASN A 79 7.07 9.27 2.47
N ILE A 80 5.95 9.83 2.93
CA ILE A 80 5.62 9.77 4.35
C ILE A 80 5.38 8.33 4.77
N TYR A 81 4.87 7.51 3.84
CA TYR A 81 4.68 6.09 4.07
C TYR A 81 5.97 5.44 4.54
N ASP A 82 7.07 5.86 3.94
CA ASP A 82 8.38 5.33 4.27
C ASP A 82 9.00 6.09 5.43
N LYS A 83 8.77 7.39 5.46
CA LYS A 83 9.34 8.26 6.48
C LYS A 83 8.73 7.97 7.85
N TYR A 84 7.41 8.09 7.94
CA TYR A 84 6.71 7.91 9.21
C TYR A 84 5.58 6.89 9.05
N GLY A 85 4.64 7.20 8.17
CA GLY A 85 3.61 6.26 7.78
C GLY A 85 2.40 6.27 8.69
N SER A 86 2.61 6.37 9.99
CA SER A 86 1.53 6.30 10.96
C SER A 86 0.54 7.46 10.77
N LEU A 87 0.97 8.66 11.09
CA LEU A 87 0.14 9.84 10.91
C LEU A 87 0.14 10.27 9.45
N GLY A 88 1.34 10.45 8.93
CA GLY A 88 1.55 11.00 7.59
C GLY A 88 0.63 10.44 6.50
N LEU A 89 0.53 9.13 6.41
CA LEU A 89 -0.21 8.51 5.32
C LEU A 89 -1.72 8.74 5.48
N TYR A 90 -2.17 8.83 6.72
CA TYR A 90 -3.58 9.00 7.01
C TYR A 90 -3.99 10.47 6.86
N VAL A 91 -3.12 11.37 7.30
CA VAL A 91 -3.42 12.80 7.26
C VAL A 91 -3.37 13.36 5.85
N ALA A 92 -2.50 12.80 5.01
CA ALA A 92 -2.35 13.29 3.65
C ALA A 92 -3.61 13.06 2.83
N GLU A 93 -4.30 11.96 3.11
CA GLU A 93 -5.52 11.62 2.40
C GLU A 93 -6.60 12.67 2.63
N GLN A 94 -6.71 13.12 3.87
CA GLN A 94 -7.76 14.05 4.26
C GLN A 94 -7.31 15.49 4.04
N PHE A 95 -6.07 15.77 4.41
CA PHE A 95 -5.56 17.14 4.40
C PHE A 95 -4.97 17.54 3.05
N GLY A 96 -4.53 16.56 2.26
CA GLY A 96 -4.10 16.89 0.91
C GLY A 96 -2.60 16.89 0.74
N GLU A 97 -1.92 16.11 1.59
CA GLU A 97 -0.47 15.89 1.52
C GLU A 97 0.34 17.14 1.88
N GLU A 98 0.15 18.20 1.10
CA GLU A 98 0.91 19.43 1.26
C GLU A 98 0.59 20.11 2.59
N ASN A 99 -0.68 20.04 2.98
CA ASN A 99 -1.16 20.72 4.18
C ASN A 99 -0.68 20.06 5.45
N VAL A 100 -0.56 18.74 5.41
CA VAL A 100 -0.18 17.92 6.56
C VAL A 100 1.05 18.47 7.28
N ASN A 101 1.89 19.18 6.53
CA ASN A 101 3.13 19.75 7.07
C ASN A 101 2.84 20.66 8.26
N THR A 102 1.58 21.07 8.38
CA THR A 102 1.14 21.89 9.49
C THR A 102 1.26 21.13 10.83
N TYR A 103 1.00 19.83 10.77
CA TYR A 103 1.12 18.98 11.95
C TYR A 103 2.55 18.45 12.06
N PHE A 104 3.28 18.55 10.96
CA PHE A 104 4.62 18.00 10.88
C PHE A 104 5.67 19.08 11.10
N VAL A 105 6.90 18.79 10.67
CA VAL A 105 8.06 19.67 10.87
C VAL A 105 7.71 21.15 10.65
N MET A 1 33.25 -3.94 -12.09
CA MET A 1 32.33 -4.93 -12.70
C MET A 1 31.61 -5.73 -11.62
N ARG A 2 30.29 -5.73 -11.69
CA ARG A 2 29.50 -6.50 -10.73
C ARG A 2 29.22 -7.88 -11.28
N SER A 3 29.87 -8.88 -10.69
CA SER A 3 29.73 -10.26 -11.12
C SER A 3 28.29 -10.73 -10.95
N PRO A 4 27.63 -11.16 -12.03
CA PRO A 4 26.26 -11.66 -11.97
C PRO A 4 26.16 -12.96 -11.19
N GLY A 5 25.06 -13.13 -10.48
CA GLY A 5 24.91 -14.29 -9.63
C GLY A 5 24.85 -13.92 -8.17
N MET A 6 24.34 -12.73 -7.90
CA MET A 6 24.18 -12.24 -6.54
C MET A 6 23.30 -13.18 -5.73
N ALA A 7 23.82 -13.66 -4.62
CA ALA A 7 23.12 -14.64 -3.78
C ALA A 7 22.08 -13.95 -2.91
N ASP A 8 20.92 -13.68 -3.51
CA ASP A 8 19.77 -13.17 -2.77
C ASP A 8 18.80 -14.31 -2.52
N GLN A 9 18.69 -14.73 -1.26
CA GLN A 9 17.91 -15.91 -0.90
C GLN A 9 16.40 -15.63 -0.95
N ARG A 10 15.60 -16.63 -0.61
CA ARG A 10 14.16 -16.48 -0.61
C ARG A 10 13.73 -15.56 0.54
N GLN A 11 14.25 -15.83 1.74
CA GLN A 11 13.91 -15.02 2.91
C GLN A 11 14.60 -13.67 2.90
N ARG A 12 15.02 -13.27 1.72
CA ARG A 12 15.65 -11.98 1.52
C ARG A 12 14.65 -10.99 0.94
N SER A 13 13.75 -11.50 0.11
CA SER A 13 12.79 -10.63 -0.55
C SER A 13 11.37 -10.87 -0.02
N LEU A 14 10.91 -12.13 -0.04
CA LEU A 14 9.56 -12.43 0.39
C LEU A 14 9.40 -12.24 1.90
N SER A 15 10.50 -12.38 2.63
CA SER A 15 10.48 -12.18 4.07
C SER A 15 10.65 -10.70 4.39
N THR A 16 11.85 -10.18 4.17
CA THR A 16 12.10 -8.77 4.40
C THR A 16 11.85 -7.97 3.14
N SER A 17 10.66 -7.41 3.03
CA SER A 17 10.31 -6.60 1.88
C SER A 17 10.33 -5.11 2.24
N GLY A 18 9.81 -4.80 3.42
CA GLY A 18 9.72 -3.43 3.87
C GLY A 18 8.57 -2.69 3.22
N GLU A 19 7.85 -3.38 2.35
CA GLU A 19 6.77 -2.81 1.57
C GLU A 19 5.42 -3.17 2.18
N SER A 20 4.45 -2.29 1.98
CA SER A 20 3.09 -2.54 2.43
C SER A 20 2.11 -2.52 1.25
N LEU A 21 2.02 -1.37 0.60
CA LEU A 21 1.14 -1.19 -0.56
C LEU A 21 1.58 -2.09 -1.71
N TYR A 22 2.88 -2.09 -1.95
CA TYR A 22 3.46 -2.94 -2.99
C TYR A 22 3.05 -4.39 -2.78
N HIS A 23 3.01 -4.80 -1.52
CA HIS A 23 2.68 -6.18 -1.16
C HIS A 23 1.25 -6.54 -1.59
N VAL A 24 0.32 -5.60 -1.42
CA VAL A 24 -1.06 -5.84 -1.77
C VAL A 24 -1.22 -6.00 -3.27
N LEU A 25 -0.44 -5.20 -4.01
CA LEU A 25 -0.55 -5.13 -5.46
C LEU A 25 0.26 -6.24 -6.12
N GLY A 26 1.16 -6.83 -5.36
CA GLY A 26 1.94 -7.95 -5.85
C GLY A 26 3.16 -7.50 -6.65
N LEU A 27 3.47 -6.22 -6.61
CA LEU A 27 4.66 -5.69 -7.27
C LEU A 27 5.70 -5.30 -6.24
N ASP A 28 6.94 -5.15 -6.69
CA ASP A 28 8.02 -4.77 -5.80
C ASP A 28 8.12 -3.26 -5.74
N LYS A 29 9.11 -2.81 -5.01
CA LYS A 29 9.28 -1.40 -4.69
C LYS A 29 10.07 -0.71 -5.79
N ASN A 30 10.17 -1.40 -6.92
CA ASN A 30 10.91 -0.93 -8.06
C ASN A 30 9.99 -0.81 -9.26
N ALA A 31 8.70 -0.96 -8.99
CA ALA A 31 7.68 -0.78 -10.02
C ALA A 31 7.57 0.68 -10.37
N THR A 32 6.96 0.97 -11.50
CA THR A 32 6.76 2.33 -11.94
C THR A 32 5.28 2.63 -11.99
N SER A 33 4.92 3.87 -12.32
CA SER A 33 3.53 4.28 -12.39
C SER A 33 2.70 3.28 -13.18
N ASP A 34 3.27 2.82 -14.28
CA ASP A 34 2.60 1.85 -15.15
C ASP A 34 2.25 0.57 -14.40
N ASP A 35 3.24 -0.01 -13.70
CA ASP A 35 3.05 -1.31 -13.08
C ASP A 35 2.08 -1.21 -11.92
N ILE A 36 2.16 -0.08 -11.23
CA ILE A 36 1.30 0.20 -10.09
C ILE A 36 -0.16 0.31 -10.51
N LYS A 37 -0.41 0.91 -11.67
CA LYS A 37 -1.76 1.03 -12.18
C LYS A 37 -2.30 -0.32 -12.64
N LYS A 38 -1.47 -1.07 -13.37
CA LYS A 38 -1.84 -2.40 -13.86
C LYS A 38 -2.22 -3.31 -12.70
N SER A 39 -1.33 -3.41 -11.71
CA SER A 39 -1.58 -4.24 -10.55
C SER A 39 -2.88 -3.86 -9.87
N TYR A 40 -3.18 -2.57 -9.84
CA TYR A 40 -4.45 -2.11 -9.32
C TYR A 40 -5.59 -2.77 -10.09
N ARG A 41 -5.61 -2.56 -11.40
CA ARG A 41 -6.67 -3.09 -12.24
C ARG A 41 -6.80 -4.60 -12.05
N LYS A 42 -5.71 -5.30 -12.27
CA LYS A 42 -5.65 -6.76 -12.21
C LYS A 42 -6.29 -7.31 -10.93
N LEU A 43 -6.08 -6.64 -9.82
CA LEU A 43 -6.64 -7.06 -8.55
C LEU A 43 -8.01 -6.43 -8.28
N ALA A 44 -8.19 -5.22 -8.75
CA ALA A 44 -9.40 -4.43 -8.51
C ALA A 44 -10.68 -5.17 -8.90
N LEU A 45 -10.68 -5.81 -10.06
CA LEU A 45 -11.86 -6.57 -10.46
C LEU A 45 -11.91 -7.90 -9.73
N LYS A 46 -10.76 -8.55 -9.60
CA LYS A 46 -10.62 -9.77 -8.82
C LYS A 46 -11.24 -9.61 -7.43
N TYR A 47 -10.98 -8.49 -6.81
CA TYR A 47 -11.53 -8.19 -5.50
C TYR A 47 -12.59 -7.09 -5.58
N HIS A 48 -13.30 -7.04 -6.69
CA HIS A 48 -14.37 -6.08 -6.87
C HIS A 48 -15.52 -6.42 -5.92
N PRO A 49 -16.17 -5.40 -5.32
CA PRO A 49 -17.13 -5.55 -4.21
C PRO A 49 -18.10 -6.73 -4.34
N ASP A 50 -18.58 -7.01 -5.53
CA ASP A 50 -19.54 -8.10 -5.73
C ASP A 50 -18.91 -9.46 -5.52
N LYS A 51 -17.60 -9.52 -5.61
CA LYS A 51 -16.85 -10.75 -5.43
C LYS A 51 -16.60 -11.03 -3.95
N ASN A 52 -17.18 -10.20 -3.09
CA ASN A 52 -16.87 -10.23 -1.67
C ASN A 52 -18.06 -10.74 -0.87
N PRO A 53 -17.85 -11.79 -0.09
CA PRO A 53 -18.83 -12.24 0.89
C PRO A 53 -19.00 -11.27 2.05
N ASP A 54 -19.47 -11.79 3.17
CA ASP A 54 -19.74 -10.98 4.34
C ASP A 54 -18.44 -10.45 4.96
N ASN A 55 -17.37 -11.22 4.80
CA ASN A 55 -16.08 -10.85 5.34
C ASN A 55 -15.55 -9.57 4.69
N PRO A 56 -15.13 -8.60 5.51
CA PRO A 56 -14.57 -7.34 5.01
C PRO A 56 -13.11 -7.50 4.58
N GLU A 57 -12.67 -8.74 4.45
CA GLU A 57 -11.29 -9.06 4.10
C GLU A 57 -10.99 -8.60 2.69
N ALA A 58 -11.86 -8.99 1.78
CA ALA A 58 -11.72 -8.64 0.39
C ALA A 58 -11.98 -7.15 0.18
N ALA A 59 -12.82 -6.59 1.05
CA ALA A 59 -13.07 -5.16 1.05
C ALA A 59 -11.81 -4.42 1.50
N ASP A 60 -11.19 -4.96 2.55
CA ASP A 60 -9.90 -4.49 3.03
C ASP A 60 -8.87 -4.56 1.92
N LYS A 61 -8.93 -5.64 1.17
CA LYS A 61 -8.09 -5.83 0.02
C LYS A 61 -8.33 -4.75 -1.03
N PHE A 62 -9.56 -4.65 -1.49
CA PHE A 62 -9.91 -3.65 -2.49
C PHE A 62 -9.46 -2.27 -2.04
N LYS A 63 -9.54 -2.05 -0.73
CA LYS A 63 -9.10 -0.82 -0.14
C LYS A 63 -7.61 -0.61 -0.36
N GLU A 64 -6.81 -1.63 -0.06
CA GLU A 64 -5.35 -1.53 -0.20
C GLU A 64 -4.92 -1.53 -1.67
N ILE A 65 -5.65 -2.24 -2.54
CA ILE A 65 -5.37 -2.18 -3.98
C ILE A 65 -5.56 -0.74 -4.45
N ASN A 66 -6.74 -0.23 -4.16
CA ASN A 66 -7.15 1.10 -4.56
C ASN A 66 -6.28 2.15 -3.88
N ASN A 67 -5.82 1.83 -2.68
CA ASN A 67 -4.91 2.69 -1.94
C ASN A 67 -3.56 2.74 -2.64
N ALA A 68 -2.94 1.57 -2.81
CA ALA A 68 -1.62 1.47 -3.42
C ALA A 68 -1.61 2.08 -4.83
N HIS A 69 -2.75 1.98 -5.51
CA HIS A 69 -2.92 2.55 -6.83
C HIS A 69 -2.50 4.02 -6.87
N ALA A 70 -2.76 4.73 -5.78
CA ALA A 70 -2.38 6.13 -5.67
C ALA A 70 -1.00 6.26 -5.06
N ILE A 71 -0.82 5.59 -3.92
CA ILE A 71 0.39 5.69 -3.09
C ILE A 71 1.68 5.65 -3.90
N LEU A 72 1.91 4.54 -4.58
CA LEU A 72 3.23 4.26 -5.15
C LEU A 72 3.55 5.19 -6.32
N THR A 73 2.53 5.69 -6.99
CA THR A 73 2.74 6.57 -8.13
C THR A 73 2.48 8.02 -7.74
N ASP A 74 2.32 8.26 -6.45
CA ASP A 74 2.12 9.60 -5.95
C ASP A 74 3.38 10.11 -5.28
N ALA A 75 3.63 11.40 -5.39
CA ALA A 75 4.81 12.01 -4.81
C ALA A 75 4.77 11.92 -3.29
N THR A 76 3.63 12.29 -2.70
CA THR A 76 3.53 12.42 -1.26
C THR A 76 3.31 11.07 -0.56
N LYS A 77 2.38 10.28 -1.07
CA LYS A 77 2.07 9.00 -0.44
C LYS A 77 3.22 8.02 -0.57
N ARG A 78 4.07 8.25 -1.55
CA ARG A 78 5.31 7.48 -1.70
C ARG A 78 6.39 8.15 -0.85
N ASN A 79 6.24 9.44 -0.67
CA ASN A 79 7.17 10.24 0.11
C ASN A 79 7.19 9.78 1.55
N ILE A 80 6.07 9.94 2.26
CA ILE A 80 6.04 9.63 3.68
C ILE A 80 6.26 8.14 3.90
N TYR A 81 5.90 7.31 2.91
CA TYR A 81 6.14 5.88 2.97
C TYR A 81 7.61 5.58 3.26
N ASP A 82 8.48 6.29 2.55
CA ASP A 82 9.92 6.06 2.68
C ASP A 82 10.46 6.81 3.89
N LYS A 83 9.79 7.90 4.25
CA LYS A 83 10.23 8.70 5.38
C LYS A 83 9.83 8.05 6.71
N TYR A 84 8.53 7.88 6.92
CA TYR A 84 8.03 7.29 8.16
C TYR A 84 7.00 6.20 7.85
N GLY A 85 5.92 6.60 7.18
CA GLY A 85 4.96 5.64 6.66
C GLY A 85 3.86 5.27 7.64
N SER A 86 3.87 5.88 8.81
CA SER A 86 2.92 5.51 9.86
C SER A 86 1.65 6.36 9.77
N LEU A 87 1.77 7.64 10.11
CA LEU A 87 0.61 8.53 10.20
C LEU A 87 0.32 9.21 8.87
N GLY A 88 1.33 9.90 8.33
CA GLY A 88 1.16 10.73 7.14
C GLY A 88 0.49 10.01 5.98
N LEU A 89 0.72 8.70 5.89
CA LEU A 89 0.16 7.90 4.81
C LEU A 89 -1.36 7.78 4.93
N TYR A 90 -1.84 7.54 6.15
CA TYR A 90 -3.26 7.33 6.38
C TYR A 90 -4.02 8.65 6.44
N VAL A 91 -3.44 9.64 7.10
CA VAL A 91 -4.10 10.92 7.31
C VAL A 91 -4.24 11.70 6.01
N ALA A 92 -3.29 11.52 5.11
CA ALA A 92 -3.27 12.26 3.85
C ALA A 92 -4.53 12.05 3.05
N GLU A 93 -4.96 10.83 2.97
CA GLU A 93 -5.96 10.49 1.99
C GLU A 93 -7.37 10.62 2.56
N GLN A 94 -7.50 10.47 3.86
CA GLN A 94 -8.79 10.62 4.52
C GLN A 94 -9.01 12.05 4.99
N PHE A 95 -7.92 12.79 5.17
CA PHE A 95 -8.01 14.16 5.66
C PHE A 95 -7.52 15.16 4.62
N GLY A 96 -6.62 14.74 3.74
CA GLY A 96 -6.09 15.64 2.74
C GLY A 96 -4.63 15.91 2.97
N GLU A 97 -3.82 15.62 1.96
CA GLU A 97 -2.36 15.73 2.09
C GLU A 97 -1.96 17.13 2.49
N GLU A 98 -2.63 18.10 1.90
CA GLU A 98 -2.41 19.50 2.20
C GLU A 98 -2.93 19.86 3.59
N ASN A 99 -3.92 19.10 4.03
CA ASN A 99 -4.61 19.38 5.29
C ASN A 99 -3.86 18.82 6.49
N VAL A 100 -3.26 17.64 6.30
CA VAL A 100 -2.56 16.89 7.35
C VAL A 100 -1.77 17.78 8.31
N ASN A 101 -1.24 18.88 7.79
CA ASN A 101 -0.41 19.80 8.57
C ASN A 101 -1.16 20.29 9.82
N THR A 102 -2.48 20.15 9.79
CA THR A 102 -3.32 20.52 10.92
C THR A 102 -3.09 19.56 12.10
N TYR A 103 -2.98 18.28 11.80
CA TYR A 103 -2.81 17.25 12.81
C TYR A 103 -1.31 17.04 13.06
N PHE A 104 -0.51 17.52 12.13
CA PHE A 104 0.93 17.52 12.28
C PHE A 104 1.40 18.79 12.98
N VAL A 105 2.67 19.12 12.82
CA VAL A 105 3.26 20.32 13.42
C VAL A 105 2.41 21.58 13.16
N MET A 1 17.03 5.62 14.76
CA MET A 1 17.58 5.51 13.39
C MET A 1 16.50 5.77 12.34
N ARG A 2 15.23 5.75 12.76
CA ARG A 2 14.13 5.97 11.84
C ARG A 2 13.26 7.12 12.33
N SER A 3 12.35 7.57 11.47
CA SER A 3 11.44 8.64 11.82
C SER A 3 10.44 8.15 12.87
N PRO A 4 10.11 9.02 13.84
CA PRO A 4 9.18 8.68 14.92
C PRO A 4 7.86 8.13 14.40
N GLY A 5 7.42 7.03 15.00
CA GLY A 5 6.23 6.35 14.53
C GLY A 5 6.53 4.97 14.03
N MET A 6 7.77 4.74 13.62
CA MET A 6 8.19 3.40 13.23
C MET A 6 8.86 2.70 14.40
N ALA A 7 8.17 1.72 14.96
CA ALA A 7 8.69 0.95 16.08
C ALA A 7 9.19 -0.40 15.58
N ASP A 8 10.47 -0.65 15.74
CA ASP A 8 11.07 -1.90 15.30
C ASP A 8 11.17 -2.88 16.46
N GLN A 9 11.28 -4.16 16.14
CA GLN A 9 11.41 -5.20 17.14
C GLN A 9 12.04 -6.43 16.48
N ARG A 10 12.20 -7.51 17.22
CA ARG A 10 12.81 -8.71 16.67
C ARG A 10 11.89 -9.29 15.60
N GLN A 11 10.59 -9.26 15.84
CA GLN A 11 9.62 -9.75 14.86
C GLN A 11 9.21 -8.66 13.89
N ARG A 12 10.16 -7.85 13.47
CA ARG A 12 9.89 -6.77 12.56
C ARG A 12 9.70 -7.29 11.15
N SER A 13 10.59 -8.17 10.72
CA SER A 13 10.61 -8.64 9.34
C SER A 13 9.54 -9.70 9.10
N LEU A 14 9.24 -10.49 10.13
CA LEU A 14 8.27 -11.57 10.00
C LEU A 14 6.86 -11.01 9.89
N SER A 15 6.63 -9.86 10.51
CA SER A 15 5.35 -9.19 10.41
C SER A 15 5.34 -8.23 9.22
N THR A 16 6.32 -7.35 9.17
CA THR A 16 6.40 -6.36 8.12
C THR A 16 7.70 -6.49 7.33
N SER A 17 7.59 -6.88 6.07
CA SER A 17 8.75 -6.96 5.19
C SER A 17 9.18 -5.57 4.72
N GLY A 18 8.50 -4.55 5.25
CA GLY A 18 8.71 -3.19 4.80
C GLY A 18 7.77 -2.87 3.67
N GLU A 19 7.13 -3.91 3.16
CA GLU A 19 6.21 -3.82 2.05
C GLU A 19 4.78 -3.82 2.53
N SER A 20 4.05 -2.77 2.23
CA SER A 20 2.64 -2.70 2.58
C SER A 20 1.78 -2.54 1.33
N LEU A 21 1.94 -1.41 0.63
CA LEU A 21 1.16 -1.13 -0.57
C LEU A 21 1.63 -1.98 -1.73
N TYR A 22 2.93 -1.96 -1.97
CA TYR A 22 3.55 -2.78 -3.00
C TYR A 22 3.11 -4.24 -2.85
N HIS A 23 2.93 -4.65 -1.60
CA HIS A 23 2.65 -6.05 -1.29
C HIS A 23 1.19 -6.40 -1.54
N VAL A 24 0.32 -5.40 -1.66
CA VAL A 24 -1.08 -5.66 -2.01
C VAL A 24 -1.19 -5.87 -3.51
N LEU A 25 -0.35 -5.15 -4.24
CA LEU A 25 -0.39 -5.15 -5.70
C LEU A 25 0.51 -6.24 -6.25
N GLY A 26 1.22 -6.91 -5.36
CA GLY A 26 2.05 -8.05 -5.73
C GLY A 26 3.30 -7.65 -6.50
N LEU A 27 3.58 -6.36 -6.56
CA LEU A 27 4.79 -5.88 -7.24
C LEU A 27 5.83 -5.45 -6.21
N ASP A 28 7.06 -5.34 -6.66
CA ASP A 28 8.15 -4.95 -5.77
C ASP A 28 8.18 -3.44 -5.67
N LYS A 29 9.17 -2.97 -4.95
CA LYS A 29 9.28 -1.56 -4.60
C LYS A 29 10.03 -0.81 -5.68
N ASN A 30 10.14 -1.46 -6.82
CA ASN A 30 10.87 -0.93 -7.94
C ASN A 30 9.93 -0.79 -9.14
N ALA A 31 8.64 -0.98 -8.86
CA ALA A 31 7.63 -0.83 -9.88
C ALA A 31 7.41 0.63 -10.20
N THR A 32 7.13 0.90 -11.45
CA THR A 32 6.88 2.25 -11.91
C THR A 32 5.39 2.52 -11.86
N SER A 33 5.00 3.79 -11.98
CA SER A 33 3.59 4.17 -11.95
C SER A 33 2.77 3.24 -12.85
N ASP A 34 3.36 2.90 -13.97
CA ASP A 34 2.72 2.07 -14.98
C ASP A 34 2.32 0.70 -14.42
N ASP A 35 3.20 0.02 -13.68
CA ASP A 35 2.91 -1.33 -13.23
C ASP A 35 1.98 -1.29 -12.02
N ILE A 36 2.11 -0.20 -11.27
CA ILE A 36 1.26 0.04 -10.12
C ILE A 36 -0.20 0.22 -10.54
N LYS A 37 -0.41 0.95 -11.62
CA LYS A 37 -1.76 1.17 -12.14
C LYS A 37 -2.34 -0.12 -12.73
N LYS A 38 -1.53 -0.87 -13.46
CA LYS A 38 -1.96 -2.14 -14.03
C LYS A 38 -2.41 -3.09 -12.94
N SER A 39 -1.49 -3.39 -12.01
CA SER A 39 -1.77 -4.26 -10.88
C SER A 39 -3.04 -3.85 -10.14
N TYR A 40 -3.30 -2.54 -10.08
CA TYR A 40 -4.53 -2.05 -9.49
C TYR A 40 -5.73 -2.70 -10.16
N ARG A 41 -5.74 -2.65 -11.48
CA ARG A 41 -6.84 -3.20 -12.27
C ARG A 41 -7.00 -4.69 -12.01
N LYS A 42 -5.96 -5.46 -12.32
CA LYS A 42 -6.00 -6.93 -12.23
C LYS A 42 -6.51 -7.43 -10.87
N LEU A 43 -6.24 -6.67 -9.83
CA LEU A 43 -6.67 -7.04 -8.50
C LEU A 43 -8.02 -6.44 -8.15
N ALA A 44 -8.28 -5.24 -8.66
CA ALA A 44 -9.53 -4.51 -8.39
C ALA A 44 -10.77 -5.32 -8.73
N LEU A 45 -10.81 -5.90 -9.93
CA LEU A 45 -11.96 -6.73 -10.29
C LEU A 45 -11.91 -8.07 -9.57
N LYS A 46 -10.72 -8.59 -9.38
CA LYS A 46 -10.50 -9.80 -8.60
C LYS A 46 -11.11 -9.68 -7.20
N TYR A 47 -10.96 -8.52 -6.59
CA TYR A 47 -11.51 -8.27 -5.26
C TYR A 47 -12.70 -7.32 -5.33
N HIS A 48 -13.35 -7.29 -6.49
CA HIS A 48 -14.51 -6.42 -6.70
C HIS A 48 -15.63 -6.82 -5.76
N PRO A 49 -16.36 -5.83 -5.19
CA PRO A 49 -17.35 -6.01 -4.11
C PRO A 49 -18.20 -7.27 -4.20
N ASP A 50 -18.66 -7.62 -5.39
CA ASP A 50 -19.53 -8.78 -5.55
C ASP A 50 -18.80 -10.09 -5.27
N LYS A 51 -17.49 -10.05 -5.40
CA LYS A 51 -16.67 -11.24 -5.21
C LYS A 51 -16.42 -11.48 -3.73
N ASN A 52 -17.10 -10.72 -2.88
CA ASN A 52 -16.78 -10.68 -1.47
C ASN A 52 -17.87 -11.34 -0.66
N PRO A 53 -17.48 -12.26 0.23
CA PRO A 53 -18.39 -12.85 1.20
C PRO A 53 -18.65 -11.88 2.35
N ASP A 54 -19.19 -12.40 3.42
CA ASP A 54 -19.57 -11.56 4.55
C ASP A 54 -18.35 -10.92 5.20
N ASN A 55 -17.22 -11.62 5.16
CA ASN A 55 -15.97 -11.10 5.69
C ASN A 55 -15.48 -9.89 4.88
N PRO A 56 -15.11 -8.80 5.56
CA PRO A 56 -14.64 -7.56 4.92
C PRO A 56 -13.18 -7.63 4.48
N GLU A 57 -12.66 -8.85 4.38
CA GLU A 57 -11.26 -9.06 4.05
C GLU A 57 -10.99 -8.64 2.62
N ALA A 58 -11.81 -9.15 1.73
CA ALA A 58 -11.67 -8.88 0.32
C ALA A 58 -11.96 -7.41 0.02
N ALA A 59 -12.78 -6.81 0.87
CA ALA A 59 -13.11 -5.39 0.76
C ALA A 59 -11.91 -4.55 1.18
N ASP A 60 -11.26 -4.96 2.26
CA ASP A 60 -10.05 -4.29 2.73
C ASP A 60 -8.97 -4.41 1.69
N LYS A 61 -8.90 -5.60 1.14
CA LYS A 61 -8.02 -5.90 0.03
C LYS A 61 -8.22 -4.93 -1.11
N PHE A 62 -9.45 -4.84 -1.61
CA PHE A 62 -9.78 -3.87 -2.66
C PHE A 62 -9.32 -2.47 -2.24
N LYS A 63 -9.60 -2.14 -1.00
CA LYS A 63 -9.25 -0.85 -0.42
C LYS A 63 -7.74 -0.58 -0.55
N GLU A 64 -6.91 -1.57 -0.23
CA GLU A 64 -5.46 -1.40 -0.31
C GLU A 64 -4.97 -1.41 -1.76
N ILE A 65 -5.66 -2.13 -2.65
CA ILE A 65 -5.34 -2.07 -4.08
C ILE A 65 -5.53 -0.65 -4.57
N ASN A 66 -6.70 -0.12 -4.25
CA ASN A 66 -7.09 1.23 -4.61
C ASN A 66 -6.13 2.24 -3.98
N ASN A 67 -5.71 1.95 -2.76
CA ASN A 67 -4.77 2.81 -2.05
C ASN A 67 -3.42 2.81 -2.74
N ALA A 68 -2.80 1.64 -2.82
CA ALA A 68 -1.48 1.48 -3.45
C ALA A 68 -1.46 2.08 -4.85
N HIS A 69 -2.58 1.95 -5.55
CA HIS A 69 -2.80 2.54 -6.87
C HIS A 69 -2.40 4.03 -6.88
N ALA A 70 -2.67 4.72 -5.79
CA ALA A 70 -2.30 6.11 -5.67
C ALA A 70 -0.94 6.28 -4.98
N ILE A 71 -0.79 5.58 -3.86
CA ILE A 71 0.36 5.74 -2.96
C ILE A 71 1.70 5.70 -3.70
N LEU A 72 1.97 4.59 -4.38
CA LEU A 72 3.32 4.35 -4.90
C LEU A 72 3.72 5.34 -5.99
N THR A 73 2.76 5.76 -6.80
CA THR A 73 3.04 6.71 -7.86
C THR A 73 2.94 8.15 -7.35
N ASP A 74 2.48 8.30 -6.12
CA ASP A 74 2.37 9.62 -5.52
C ASP A 74 3.62 9.95 -4.74
N ALA A 75 3.94 11.22 -4.63
CA ALA A 75 5.12 11.64 -3.91
C ALA A 75 4.86 11.68 -2.41
N THR A 76 3.70 12.17 -2.01
CA THR A 76 3.41 12.40 -0.61
C THR A 76 2.96 11.12 0.08
N LYS A 77 2.04 10.41 -0.55
CA LYS A 77 1.49 9.19 0.03
C LYS A 77 2.54 8.10 0.10
N ARG A 78 3.56 8.24 -0.71
CA ARG A 78 4.71 7.36 -0.67
C ARG A 78 5.74 7.92 0.30
N ASN A 79 5.79 9.25 0.36
CA ASN A 79 6.62 9.96 1.32
C ASN A 79 6.36 9.51 2.75
N ILE A 80 5.14 9.71 3.25
CA ILE A 80 4.83 9.36 4.63
C ILE A 80 4.87 7.85 4.81
N TYR A 81 4.65 7.12 3.73
CA TYR A 81 4.77 5.67 3.75
C TYR A 81 6.17 5.27 4.18
N ASP A 82 7.15 6.01 3.70
CA ASP A 82 8.56 5.75 3.99
C ASP A 82 8.98 6.50 5.26
N LYS A 83 8.20 7.48 5.64
CA LYS A 83 8.50 8.31 6.80
C LYS A 83 7.88 7.74 8.08
N TYR A 84 6.57 7.63 8.08
CA TYR A 84 5.82 7.20 9.25
C TYR A 84 5.11 5.89 8.96
N GLY A 85 4.34 5.90 7.88
CA GLY A 85 3.75 4.67 7.35
C GLY A 85 2.53 4.15 8.08
N SER A 86 2.54 4.15 9.40
CA SER A 86 1.42 3.60 10.16
C SER A 86 0.34 4.65 10.39
N LEU A 87 0.73 5.78 10.97
CA LEU A 87 -0.19 6.88 11.17
C LEU A 87 -0.34 7.64 9.88
N GLY A 88 0.79 8.10 9.34
CA GLY A 88 0.80 9.02 8.21
C GLY A 88 -0.04 8.58 7.02
N LEU A 89 -0.10 7.29 6.77
CA LEU A 89 -0.81 6.80 5.59
C LEU A 89 -2.32 6.80 5.84
N TYR A 90 -2.73 6.30 7.01
CA TYR A 90 -4.15 6.15 7.32
C TYR A 90 -4.83 7.51 7.47
N VAL A 91 -4.09 8.47 7.99
CA VAL A 91 -4.63 9.80 8.22
C VAL A 91 -4.78 10.56 6.90
N ALA A 92 -3.82 10.39 6.00
CA ALA A 92 -3.82 11.10 4.73
C ALA A 92 -5.06 10.75 3.91
N GLU A 93 -5.49 9.50 4.02
CA GLU A 93 -6.63 9.01 3.25
C GLU A 93 -7.89 9.82 3.55
N GLN A 94 -8.31 9.80 4.81
CA GLN A 94 -9.59 10.39 5.20
C GLN A 94 -9.46 11.85 5.60
N PHE A 95 -8.28 12.28 6.03
CA PHE A 95 -8.09 13.65 6.46
C PHE A 95 -7.43 14.50 5.38
N GLY A 96 -6.63 13.88 4.54
CA GLY A 96 -5.94 14.64 3.51
C GLY A 96 -4.45 14.66 3.76
N GLU A 97 -3.68 14.47 2.72
CA GLU A 97 -2.24 14.27 2.84
C GLU A 97 -1.57 15.51 3.41
N GLU A 98 -1.95 16.66 2.90
CA GLU A 98 -1.39 17.92 3.37
C GLU A 98 -1.95 18.28 4.74
N ASN A 99 -3.11 17.72 5.05
CA ASN A 99 -3.81 18.02 6.30
C ASN A 99 -3.15 17.32 7.47
N VAL A 100 -2.70 16.08 7.23
CA VAL A 100 -2.10 15.22 8.27
C VAL A 100 -1.14 15.96 9.19
N ASN A 101 -0.48 16.99 8.67
CA ASN A 101 0.49 17.77 9.44
C ASN A 101 -0.14 18.34 10.71
N THR A 102 -1.46 18.37 10.75
CA THR A 102 -2.19 18.80 11.94
C THR A 102 -1.97 17.86 13.11
N TYR A 103 -1.94 16.56 12.81
CA TYR A 103 -1.67 15.55 13.83
C TYR A 103 -0.17 15.36 13.98
N PHE A 104 0.58 15.86 13.02
CA PHE A 104 2.01 15.67 12.97
C PHE A 104 2.76 16.94 13.39
N VAL A 105 4.05 16.95 13.09
CA VAL A 105 4.95 18.04 13.40
C VAL A 105 4.45 19.40 12.86
N MET A 1 13.71 7.54 -5.76
CA MET A 1 14.35 7.17 -4.49
C MET A 1 15.30 8.26 -4.00
N ARG A 2 15.34 9.39 -4.70
CA ARG A 2 16.16 10.52 -4.28
C ARG A 2 15.44 11.31 -3.19
N SER A 3 15.31 10.70 -2.03
CA SER A 3 14.59 11.29 -0.91
C SER A 3 15.51 12.17 -0.08
N PRO A 4 15.26 13.49 -0.08
CA PRO A 4 16.04 14.45 0.71
C PRO A 4 15.98 14.15 2.20
N GLY A 5 17.10 14.35 2.87
CA GLY A 5 17.16 14.06 4.28
C GLY A 5 17.61 12.65 4.56
N MET A 6 18.28 12.05 3.58
CA MET A 6 18.79 10.69 3.73
C MET A 6 19.91 10.65 4.77
N ALA A 7 19.78 9.73 5.71
CA ALA A 7 20.78 9.57 6.76
C ALA A 7 21.38 8.17 6.69
N ASP A 8 22.44 7.95 7.45
CA ASP A 8 23.10 6.65 7.47
C ASP A 8 22.36 5.71 8.39
N GLN A 9 21.74 4.69 7.81
CA GLN A 9 20.92 3.75 8.56
C GLN A 9 21.34 2.32 8.26
N ARG A 10 21.63 1.56 9.32
CA ARG A 10 22.20 0.23 9.15
C ARG A 10 21.39 -0.84 9.87
N GLN A 11 20.38 -0.42 10.64
CA GLN A 11 19.51 -1.37 11.33
C GLN A 11 18.97 -2.40 10.35
N ARG A 12 19.11 -3.67 10.72
CA ARG A 12 18.80 -4.77 9.84
C ARG A 12 17.33 -4.77 9.43
N SER A 13 16.47 -4.33 10.33
CA SER A 13 15.05 -4.36 10.08
C SER A 13 14.61 -3.20 9.18
N LEU A 14 15.45 -2.18 9.05
CA LEU A 14 15.15 -1.09 8.12
C LEU A 14 15.75 -1.39 6.75
N SER A 15 16.66 -2.36 6.71
CA SER A 15 17.22 -2.82 5.45
C SER A 15 16.14 -3.50 4.63
N THR A 16 15.21 -4.13 5.32
CA THR A 16 14.00 -4.65 4.70
C THR A 16 12.99 -3.51 4.58
N SER A 17 12.34 -3.43 3.43
CA SER A 17 11.51 -2.29 3.09
C SER A 17 10.29 -2.17 3.99
N GLY A 18 9.77 -3.30 4.46
CA GLY A 18 8.56 -3.29 5.25
C GLY A 18 7.39 -2.81 4.41
N GLU A 19 7.50 -3.02 3.11
CA GLU A 19 6.55 -2.51 2.13
C GLU A 19 5.16 -3.13 2.35
N SER A 20 4.14 -2.31 2.20
CA SER A 20 2.78 -2.77 2.41
C SER A 20 1.96 -2.60 1.14
N LEU A 21 1.84 -1.37 0.67
CA LEU A 21 1.06 -1.07 -0.54
C LEU A 21 1.58 -1.87 -1.73
N TYR A 22 2.90 -1.84 -1.92
CA TYR A 22 3.54 -2.65 -2.94
C TYR A 22 3.13 -4.11 -2.81
N HIS A 23 3.03 -4.58 -1.57
CA HIS A 23 2.78 -5.99 -1.29
C HIS A 23 1.35 -6.39 -1.66
N VAL A 24 0.40 -5.46 -1.48
CA VAL A 24 -0.99 -5.75 -1.81
C VAL A 24 -1.14 -5.91 -3.32
N LEU A 25 -0.38 -5.10 -4.06
CA LEU A 25 -0.47 -5.08 -5.51
C LEU A 25 0.38 -6.18 -6.12
N GLY A 26 1.19 -6.81 -5.29
CA GLY A 26 1.98 -7.95 -5.74
C GLY A 26 3.19 -7.54 -6.56
N LEU A 27 3.48 -6.25 -6.60
CA LEU A 27 4.63 -5.75 -7.32
C LEU A 27 5.74 -5.39 -6.36
N ASP A 28 6.95 -5.27 -6.88
CA ASP A 28 8.10 -4.94 -6.07
C ASP A 28 8.15 -3.44 -5.84
N LYS A 29 9.14 -3.01 -5.10
CA LYS A 29 9.28 -1.63 -4.69
C LYS A 29 9.98 -0.85 -5.78
N ASN A 30 10.21 -1.54 -6.89
CA ASN A 30 10.92 -0.99 -8.02
C ASN A 30 9.98 -0.88 -9.21
N ALA A 31 8.69 -0.98 -8.91
CA ALA A 31 7.65 -0.80 -9.91
C ALA A 31 7.55 0.66 -10.31
N THR A 32 6.99 0.91 -11.47
CA THR A 32 6.79 2.26 -11.95
C THR A 32 5.29 2.55 -11.98
N SER A 33 4.91 3.78 -12.30
CA SER A 33 3.51 4.17 -12.32
C SER A 33 2.70 3.19 -13.16
N ASP A 34 3.32 2.73 -14.24
CA ASP A 34 2.71 1.76 -15.15
C ASP A 34 2.38 0.45 -14.43
N ASP A 35 3.31 -0.06 -13.65
CA ASP A 35 3.13 -1.36 -13.01
C ASP A 35 2.07 -1.26 -11.94
N ILE A 36 2.11 -0.14 -11.22
CA ILE A 36 1.21 0.10 -10.10
C ILE A 36 -0.24 0.23 -10.55
N LYS A 37 -0.45 0.97 -11.64
CA LYS A 37 -1.81 1.18 -12.15
C LYS A 37 -2.41 -0.11 -12.71
N LYS A 38 -1.65 -0.81 -13.52
CA LYS A 38 -2.12 -2.05 -14.13
C LYS A 38 -2.40 -3.11 -13.06
N SER A 39 -1.51 -3.23 -12.07
CA SER A 39 -1.71 -4.18 -10.98
C SER A 39 -2.92 -3.81 -10.17
N TYR A 40 -3.23 -2.51 -10.10
CA TYR A 40 -4.46 -2.08 -9.48
C TYR A 40 -5.64 -2.76 -10.14
N ARG A 41 -5.73 -2.65 -11.46
CA ARG A 41 -6.83 -3.23 -12.22
C ARG A 41 -6.89 -4.74 -12.01
N LYS A 42 -5.76 -5.39 -12.23
CA LYS A 42 -5.64 -6.85 -12.14
C LYS A 42 -6.27 -7.40 -10.86
N LEU A 43 -6.05 -6.69 -9.76
CA LEU A 43 -6.57 -7.11 -8.47
C LEU A 43 -7.94 -6.50 -8.18
N ALA A 44 -8.16 -5.28 -8.67
CA ALA A 44 -9.38 -4.51 -8.40
C ALA A 44 -10.66 -5.26 -8.74
N LEU A 45 -10.75 -5.81 -9.95
CA LEU A 45 -11.95 -6.55 -10.33
C LEU A 45 -11.95 -7.92 -9.65
N LYS A 46 -10.77 -8.47 -9.51
CA LYS A 46 -10.55 -9.73 -8.81
C LYS A 46 -11.09 -9.65 -7.39
N TYR A 47 -10.95 -8.50 -6.76
CA TYR A 47 -11.52 -8.27 -5.44
C TYR A 47 -12.61 -7.19 -5.49
N HIS A 48 -13.33 -7.11 -6.60
CA HIS A 48 -14.43 -6.17 -6.72
C HIS A 48 -15.54 -6.61 -5.79
N PRO A 49 -16.31 -5.67 -5.21
CA PRO A 49 -17.30 -5.93 -4.14
C PRO A 49 -18.06 -7.27 -4.24
N ASP A 50 -18.44 -7.65 -5.45
CA ASP A 50 -19.24 -8.87 -5.65
C ASP A 50 -18.40 -10.14 -5.51
N LYS A 51 -17.10 -9.99 -5.66
CA LYS A 51 -16.16 -11.10 -5.55
C LYS A 51 -15.96 -11.47 -4.09
N ASN A 52 -16.65 -10.75 -3.21
CA ASN A 52 -16.36 -10.80 -1.79
C ASN A 52 -17.44 -11.56 -1.05
N PRO A 53 -17.03 -12.55 -0.25
CA PRO A 53 -17.93 -13.22 0.68
C PRO A 53 -18.30 -12.34 1.86
N ASP A 54 -18.70 -12.98 2.94
CA ASP A 54 -19.14 -12.29 4.12
C ASP A 54 -18.00 -11.51 4.77
N ASN A 55 -16.83 -12.12 4.79
CA ASN A 55 -15.63 -11.49 5.33
C ASN A 55 -15.24 -10.25 4.54
N PRO A 56 -15.10 -9.10 5.22
CA PRO A 56 -14.73 -7.83 4.60
C PRO A 56 -13.22 -7.74 4.34
N GLU A 57 -12.55 -8.88 4.45
CA GLU A 57 -11.12 -8.98 4.19
C GLU A 57 -10.83 -8.60 2.75
N ALA A 58 -11.65 -9.15 1.88
CA ALA A 58 -11.54 -8.91 0.46
C ALA A 58 -11.89 -7.46 0.11
N ALA A 59 -12.73 -6.87 0.94
CA ALA A 59 -13.07 -5.46 0.83
C ALA A 59 -11.90 -4.61 1.28
N ASP A 60 -11.27 -5.06 2.37
CA ASP A 60 -10.05 -4.46 2.87
C ASP A 60 -8.95 -4.56 1.84
N LYS A 61 -8.97 -5.65 1.09
CA LYS A 61 -8.08 -5.84 -0.03
C LYS A 61 -8.32 -4.78 -1.10
N PHE A 62 -9.54 -4.72 -1.61
CA PHE A 62 -9.89 -3.72 -2.62
C PHE A 62 -9.48 -2.32 -2.14
N LYS A 63 -9.61 -2.13 -0.84
CA LYS A 63 -9.20 -0.89 -0.19
C LYS A 63 -7.70 -0.64 -0.37
N GLU A 64 -6.89 -1.65 -0.05
CA GLU A 64 -5.43 -1.53 -0.15
C GLU A 64 -4.97 -1.48 -1.61
N ILE A 65 -5.65 -2.20 -2.50
CA ILE A 65 -5.32 -2.13 -3.93
C ILE A 65 -5.54 -0.70 -4.40
N ASN A 66 -6.74 -0.22 -4.11
CA ASN A 66 -7.20 1.07 -4.55
C ASN A 66 -6.38 2.19 -3.90
N ASN A 67 -5.80 1.90 -2.75
CA ASN A 67 -4.91 2.85 -2.09
C ASN A 67 -3.55 2.82 -2.73
N ALA A 68 -2.94 1.64 -2.76
CA ALA A 68 -1.61 1.44 -3.36
C ALA A 68 -1.54 2.01 -4.77
N HIS A 69 -2.66 1.91 -5.49
CA HIS A 69 -2.81 2.49 -6.83
C HIS A 69 -2.30 3.93 -6.87
N ALA A 70 -2.61 4.68 -5.83
CA ALA A 70 -2.18 6.06 -5.73
C ALA A 70 -0.84 6.16 -5.03
N ILE A 71 -0.74 5.52 -3.86
CA ILE A 71 0.41 5.63 -2.96
C ILE A 71 1.76 5.53 -3.69
N LEU A 72 1.97 4.43 -4.40
CA LEU A 72 3.29 4.13 -4.94
C LEU A 72 3.70 5.11 -6.03
N THR A 73 2.72 5.69 -6.71
CA THR A 73 3.01 6.63 -7.78
C THR A 73 2.75 8.07 -7.31
N ASP A 74 2.43 8.23 -6.03
CA ASP A 74 2.21 9.54 -5.44
C ASP A 74 3.42 9.89 -4.58
N ALA A 75 4.03 11.03 -4.89
CA ALA A 75 5.26 11.43 -4.23
C ALA A 75 5.05 11.63 -2.73
N THR A 76 3.88 12.15 -2.35
CA THR A 76 3.61 12.45 -0.96
C THR A 76 3.18 11.20 -0.19
N LYS A 77 2.22 10.45 -0.74
CA LYS A 77 1.71 9.27 -0.07
C LYS A 77 2.81 8.22 0.06
N ARG A 78 3.75 8.25 -0.86
CA ARG A 78 4.89 7.35 -0.81
C ARG A 78 5.94 7.92 0.12
N ASN A 79 6.00 9.24 0.16
CA ASN A 79 6.87 9.97 1.05
C ASN A 79 6.65 9.57 2.51
N ILE A 80 5.47 9.87 3.06
CA ILE A 80 5.22 9.58 4.49
C ILE A 80 5.18 8.08 4.73
N TYR A 81 4.79 7.32 3.71
CA TYR A 81 4.81 5.87 3.78
C TYR A 81 6.20 5.39 4.19
N ASP A 82 7.21 6.05 3.65
CA ASP A 82 8.59 5.72 3.95
C ASP A 82 9.02 6.38 5.26
N LYS A 83 8.47 7.56 5.54
CA LYS A 83 8.84 8.29 6.76
C LYS A 83 8.31 7.55 7.99
N TYR A 84 6.99 7.44 8.07
CA TYR A 84 6.34 6.74 9.18
C TYR A 84 5.27 5.79 8.65
N GLY A 85 4.36 6.33 7.84
CA GLY A 85 3.38 5.50 7.16
C GLY A 85 2.18 5.14 8.01
N SER A 86 2.16 5.63 9.24
CA SER A 86 1.08 5.30 10.17
C SER A 86 -0.07 6.29 10.07
N LEU A 87 0.17 7.52 10.53
CA LEU A 87 -0.84 8.55 10.56
C LEU A 87 -0.97 9.24 9.21
N GLY A 88 0.14 9.82 8.74
CA GLY A 88 0.13 10.64 7.54
C GLY A 88 -0.52 9.97 6.34
N LEU A 89 -0.36 8.66 6.24
CA LEU A 89 -0.89 7.92 5.10
C LEU A 89 -2.41 7.89 5.13
N TYR A 90 -2.98 7.75 6.32
CA TYR A 90 -4.44 7.65 6.47
C TYR A 90 -5.10 9.04 6.44
N VAL A 91 -4.50 9.99 7.14
CA VAL A 91 -5.08 11.32 7.29
C VAL A 91 -5.09 12.07 5.96
N ALA A 92 -4.05 11.85 5.16
CA ALA A 92 -3.92 12.54 3.87
C ALA A 92 -5.05 12.15 2.92
N GLU A 93 -5.62 10.98 3.12
CA GLU A 93 -6.68 10.48 2.24
C GLU A 93 -7.93 11.35 2.33
N GLN A 94 -8.54 11.37 3.51
CA GLN A 94 -9.81 12.07 3.69
C GLN A 94 -9.61 13.56 3.94
N PHE A 95 -8.55 13.91 4.67
CA PHE A 95 -8.32 15.29 5.02
C PHE A 95 -7.55 16.04 3.94
N GLY A 96 -6.62 15.36 3.29
CA GLY A 96 -5.83 16.01 2.27
C GLY A 96 -4.39 16.14 2.72
N GLU A 97 -3.48 15.85 1.83
CA GLU A 97 -2.07 15.74 2.17
C GLU A 97 -1.54 17.05 2.73
N GLU A 98 -1.85 18.14 2.04
CA GLU A 98 -1.39 19.46 2.45
C GLU A 98 -2.12 19.93 3.71
N ASN A 99 -3.24 19.28 3.98
CA ASN A 99 -4.10 19.69 5.09
C ASN A 99 -3.70 19.03 6.38
N VAL A 100 -3.27 17.78 6.29
CA VAL A 100 -2.88 16.95 7.44
C VAL A 100 -2.07 17.72 8.49
N ASN A 101 -1.33 18.74 8.06
CA ASN A 101 -0.49 19.53 8.94
C ASN A 101 -1.33 20.16 10.07
N THR A 102 -2.63 20.23 9.85
CA THR A 102 -3.55 20.74 10.87
C THR A 102 -3.58 19.81 12.08
N TYR A 103 -3.54 18.51 11.82
CA TYR A 103 -3.57 17.51 12.87
C TYR A 103 -2.15 17.23 13.33
N PHE A 104 -1.21 17.44 12.43
CA PHE A 104 0.21 17.33 12.74
C PHE A 104 0.69 18.57 13.48
N VAL A 105 2.01 18.76 13.50
CA VAL A 105 2.63 19.91 14.15
C VAL A 105 1.95 21.24 13.75
N MET A 1 34.85 -13.03 -4.93
CA MET A 1 34.52 -14.29 -5.63
C MET A 1 33.00 -14.46 -5.74
N ARG A 2 32.50 -14.51 -6.95
CA ARG A 2 31.08 -14.70 -7.20
C ARG A 2 30.88 -15.26 -8.61
N SER A 3 30.47 -16.52 -8.68
CA SER A 3 30.25 -17.18 -9.96
C SER A 3 29.25 -16.40 -10.81
N PRO A 4 29.59 -16.17 -12.09
CA PRO A 4 28.71 -15.45 -13.03
C PRO A 4 27.34 -16.12 -13.15
N GLY A 5 26.32 -15.46 -12.63
CA GLY A 5 24.98 -16.01 -12.66
C GLY A 5 24.47 -16.31 -11.26
N MET A 6 25.38 -16.37 -10.30
CA MET A 6 25.03 -16.64 -8.92
C MET A 6 24.42 -15.40 -8.28
N ALA A 7 23.13 -15.45 -8.02
CA ALA A 7 22.43 -14.35 -7.38
C ALA A 7 21.92 -14.76 -6.02
N ASP A 8 22.80 -14.75 -5.04
CA ASP A 8 22.43 -15.07 -3.66
C ASP A 8 22.28 -13.79 -2.87
N GLN A 9 21.16 -13.68 -2.16
CA GLN A 9 20.88 -12.50 -1.35
C GLN A 9 21.94 -12.30 -0.27
N ARG A 10 22.71 -11.23 -0.43
CA ARG A 10 23.72 -10.85 0.56
C ARG A 10 23.08 -10.45 1.87
N GLN A 11 21.83 -10.08 1.77
CA GLN A 11 21.00 -9.81 2.93
C GLN A 11 19.69 -10.57 2.83
N ARG A 12 19.37 -11.31 3.87
CA ARG A 12 18.11 -12.02 3.95
C ARG A 12 17.02 -11.05 4.41
N SER A 13 17.41 -10.11 5.24
CA SER A 13 16.50 -9.17 5.87
C SER A 13 15.80 -8.26 4.84
N LEU A 14 16.27 -8.28 3.61
CA LEU A 14 15.69 -7.42 2.58
C LEU A 14 14.58 -8.14 1.81
N SER A 15 14.44 -9.45 2.04
CA SER A 15 13.42 -10.23 1.35
C SER A 15 12.03 -9.66 1.64
N THR A 16 11.65 -9.69 2.90
CA THR A 16 10.46 -8.99 3.34
C THR A 16 10.88 -7.61 3.87
N SER A 17 10.70 -6.60 3.03
CA SER A 17 11.17 -5.26 3.33
C SER A 17 10.24 -4.54 4.30
N GLY A 18 9.06 -5.11 4.49
CA GLY A 18 8.07 -4.48 5.35
C GLY A 18 7.19 -3.53 4.56
N GLU A 19 7.23 -3.69 3.25
CA GLU A 19 6.44 -2.86 2.36
C GLU A 19 5.00 -3.36 2.31
N SER A 20 4.06 -2.45 2.21
CA SER A 20 2.66 -2.79 2.35
C SER A 20 1.89 -2.59 1.05
N LEU A 21 1.83 -1.35 0.58
CA LEU A 21 1.04 -1.01 -0.62
C LEU A 21 1.55 -1.78 -1.83
N TYR A 22 2.86 -1.75 -2.02
CA TYR A 22 3.50 -2.54 -3.07
C TYR A 22 3.07 -4.00 -2.99
N HIS A 23 3.06 -4.51 -1.76
CA HIS A 23 2.80 -5.93 -1.52
C HIS A 23 1.37 -6.32 -1.87
N VAL A 24 0.41 -5.40 -1.65
CA VAL A 24 -0.99 -5.69 -1.97
C VAL A 24 -1.16 -5.88 -3.47
N LEU A 25 -0.31 -5.20 -4.22
CA LEU A 25 -0.38 -5.19 -5.67
C LEU A 25 0.49 -6.29 -6.27
N GLY A 26 1.19 -6.99 -5.40
CA GLY A 26 2.02 -8.12 -5.83
C GLY A 26 3.29 -7.70 -6.53
N LEU A 27 3.62 -6.42 -6.43
CA LEU A 27 4.84 -5.89 -7.05
C LEU A 27 5.78 -5.39 -5.97
N ASP A 28 7.03 -5.15 -6.34
CA ASP A 28 8.00 -4.62 -5.40
C ASP A 28 8.18 -3.14 -5.66
N LYS A 29 8.96 -2.50 -4.79
CA LYS A 29 9.15 -1.06 -4.77
C LYS A 29 9.85 -0.54 -6.04
N ASN A 30 10.28 -1.44 -6.90
CA ASN A 30 11.00 -1.07 -8.10
C ASN A 30 10.05 -0.89 -9.26
N ALA A 31 8.79 -1.14 -8.99
CA ALA A 31 7.74 -0.91 -9.96
C ALA A 31 7.58 0.58 -10.22
N THR A 32 6.96 0.91 -11.33
CA THR A 32 6.71 2.30 -11.66
C THR A 32 5.21 2.50 -11.80
N SER A 33 4.79 3.72 -12.11
CA SER A 33 3.37 4.05 -12.23
C SER A 33 2.65 3.04 -13.11
N ASP A 34 3.32 2.62 -14.17
CA ASP A 34 2.81 1.61 -15.07
C ASP A 34 2.44 0.33 -14.32
N ASP A 35 3.39 -0.24 -13.60
CA ASP A 35 3.19 -1.53 -12.96
C ASP A 35 2.17 -1.41 -11.84
N ILE A 36 2.22 -0.30 -11.13
CA ILE A 36 1.34 -0.04 -10.01
C ILE A 36 -0.12 0.10 -10.45
N LYS A 37 -0.35 0.85 -11.51
CA LYS A 37 -1.71 1.11 -11.97
C LYS A 37 -2.32 -0.12 -12.64
N LYS A 38 -1.53 -0.84 -13.42
CA LYS A 38 -2.00 -2.07 -14.04
C LYS A 38 -2.34 -3.14 -12.98
N SER A 39 -1.43 -3.32 -12.02
CA SER A 39 -1.67 -4.25 -10.92
C SER A 39 -2.94 -3.89 -10.17
N TYR A 40 -3.19 -2.59 -10.03
CA TYR A 40 -4.41 -2.11 -9.43
C TYR A 40 -5.61 -2.70 -10.14
N ARG A 41 -5.67 -2.51 -11.46
CA ARG A 41 -6.78 -3.02 -12.24
C ARG A 41 -6.93 -4.52 -12.07
N LYS A 42 -5.85 -5.23 -12.34
CA LYS A 42 -5.82 -6.69 -12.28
C LYS A 42 -6.43 -7.24 -10.99
N LEU A 43 -6.16 -6.58 -9.88
CA LEU A 43 -6.66 -7.04 -8.60
C LEU A 43 -8.01 -6.40 -8.25
N ALA A 44 -8.20 -5.17 -8.70
CA ALA A 44 -9.41 -4.38 -8.40
C ALA A 44 -10.69 -5.14 -8.73
N LEU A 45 -10.79 -5.71 -9.92
CA LEU A 45 -11.99 -6.46 -10.28
C LEU A 45 -12.04 -7.79 -9.54
N LYS A 46 -10.89 -8.43 -9.44
CA LYS A 46 -10.74 -9.66 -8.67
C LYS A 46 -11.31 -9.51 -7.25
N TYR A 47 -11.00 -8.40 -6.60
CA TYR A 47 -11.49 -8.14 -5.26
C TYR A 47 -12.64 -7.14 -5.28
N HIS A 48 -13.34 -7.07 -6.42
CA HIS A 48 -14.45 -6.16 -6.59
C HIS A 48 -15.56 -6.49 -5.59
N PRO A 49 -16.17 -5.46 -4.98
CA PRO A 49 -17.09 -5.58 -3.84
C PRO A 49 -18.11 -6.71 -3.94
N ASP A 50 -18.61 -6.96 -5.13
CA ASP A 50 -19.69 -7.92 -5.31
C ASP A 50 -19.16 -9.35 -5.34
N LYS A 51 -17.85 -9.48 -5.29
CA LYS A 51 -17.19 -10.77 -5.18
C LYS A 51 -16.94 -11.12 -3.73
N ASN A 52 -17.45 -10.30 -2.83
CA ASN A 52 -17.06 -10.36 -1.43
C ASN A 52 -18.18 -10.93 -0.59
N PRO A 53 -17.89 -11.99 0.16
CA PRO A 53 -18.80 -12.51 1.19
C PRO A 53 -18.82 -11.62 2.42
N ASP A 54 -19.21 -12.23 3.52
CA ASP A 54 -19.34 -11.52 4.77
C ASP A 54 -17.98 -11.07 5.30
N ASN A 55 -16.95 -11.84 4.98
CA ASN A 55 -15.58 -11.49 5.35
C ASN A 55 -15.13 -10.23 4.63
N PRO A 56 -14.76 -9.19 5.41
CA PRO A 56 -14.31 -7.90 4.86
C PRO A 56 -12.87 -7.97 4.35
N GLU A 57 -12.38 -9.19 4.18
CA GLU A 57 -11.02 -9.43 3.75
C GLU A 57 -10.81 -8.87 2.36
N ALA A 58 -11.69 -9.28 1.47
CA ALA A 58 -11.63 -8.88 0.08
C ALA A 58 -11.90 -7.40 -0.08
N ALA A 59 -12.70 -6.86 0.84
CA ALA A 59 -13.02 -5.44 0.84
C ALA A 59 -11.81 -4.62 1.26
N ASP A 60 -11.12 -5.12 2.28
CA ASP A 60 -9.89 -4.49 2.76
C ASP A 60 -8.82 -4.62 1.69
N LYS A 61 -8.79 -5.80 1.09
CA LYS A 61 -7.92 -6.08 -0.03
C LYS A 61 -8.13 -5.06 -1.14
N PHE A 62 -9.36 -4.96 -1.63
CA PHE A 62 -9.69 -3.97 -2.64
C PHE A 62 -9.27 -2.58 -2.18
N LYS A 63 -9.53 -2.29 -0.93
CA LYS A 63 -9.18 -1.02 -0.33
C LYS A 63 -7.69 -0.74 -0.47
N GLU A 64 -6.85 -1.71 -0.11
CA GLU A 64 -5.41 -1.55 -0.20
C GLU A 64 -4.92 -1.51 -1.64
N ILE A 65 -5.60 -2.22 -2.55
CA ILE A 65 -5.29 -2.13 -3.98
C ILE A 65 -5.55 -0.70 -4.45
N ASN A 66 -6.75 -0.25 -4.13
CA ASN A 66 -7.24 1.04 -4.56
C ASN A 66 -6.44 2.17 -3.89
N ASN A 67 -5.85 1.87 -2.75
CA ASN A 67 -4.99 2.82 -2.07
C ASN A 67 -3.63 2.85 -2.73
N ALA A 68 -2.97 1.69 -2.79
CA ALA A 68 -1.65 1.55 -3.39
C ALA A 68 -1.58 2.18 -4.78
N HIS A 69 -2.69 2.06 -5.52
CA HIS A 69 -2.82 2.67 -6.83
C HIS A 69 -2.42 4.14 -6.81
N ALA A 70 -2.81 4.85 -5.76
CA ALA A 70 -2.52 6.27 -5.67
C ALA A 70 -1.21 6.50 -4.94
N ILE A 71 -0.91 5.65 -3.98
CA ILE A 71 0.22 5.85 -3.08
C ILE A 71 1.55 5.77 -3.82
N LEU A 72 1.82 4.64 -4.47
CA LEU A 72 3.15 4.35 -4.98
C LEU A 72 3.53 5.25 -6.15
N THR A 73 2.53 5.77 -6.85
CA THR A 73 2.79 6.63 -7.99
C THR A 73 2.61 8.10 -7.61
N ASP A 74 2.47 8.36 -6.32
CA ASP A 74 2.43 9.73 -5.82
C ASP A 74 3.62 9.96 -4.89
N ALA A 75 4.37 11.00 -5.20
CA ALA A 75 5.67 11.22 -4.60
C ALA A 75 5.60 11.35 -3.08
N THR A 76 4.57 12.00 -2.59
CA THR A 76 4.47 12.26 -1.16
C THR A 76 3.88 11.06 -0.41
N LYS A 77 2.77 10.53 -0.89
CA LYS A 77 2.12 9.39 -0.24
C LYS A 77 3.04 8.18 -0.23
N ARG A 78 3.95 8.12 -1.19
CA ARG A 78 4.95 7.09 -1.22
C ARG A 78 6.11 7.47 -0.32
N ASN A 79 6.39 8.76 -0.31
CA ASN A 79 7.44 9.33 0.52
C ASN A 79 7.23 8.99 1.99
N ILE A 80 6.17 9.53 2.60
CA ILE A 80 5.96 9.36 4.05
C ILE A 80 5.73 7.90 4.38
N TYR A 81 5.21 7.15 3.42
CA TYR A 81 4.97 5.73 3.59
C TYR A 81 6.28 5.00 3.89
N ASP A 82 7.33 5.43 3.22
CA ASP A 82 8.64 4.85 3.42
C ASP A 82 9.34 5.50 4.61
N LYS A 83 8.90 6.70 4.96
CA LYS A 83 9.46 7.40 6.12
C LYS A 83 8.87 6.84 7.41
N TYR A 84 7.56 7.00 7.56
CA TYR A 84 6.85 6.51 8.73
C TYR A 84 5.59 5.74 8.32
N GLY A 85 4.72 6.42 7.55
CA GLY A 85 3.52 5.76 7.05
C GLY A 85 2.39 5.71 8.06
N SER A 86 2.74 5.79 9.34
CA SER A 86 1.78 5.68 10.43
C SER A 86 0.69 6.76 10.31
N LEU A 87 1.07 8.01 10.50
CA LEU A 87 0.12 9.12 10.39
C LEU A 87 0.09 9.64 8.96
N GLY A 88 1.26 10.06 8.47
CA GLY A 88 1.38 10.75 7.20
C GLY A 88 0.61 10.11 6.06
N LEU A 89 0.63 8.79 5.99
CA LEU A 89 -0.03 8.09 4.89
C LEU A 89 -1.55 8.27 5.00
N TYR A 90 -2.10 7.86 6.14
CA TYR A 90 -3.54 7.88 6.35
C TYR A 90 -4.12 9.30 6.19
N VAL A 91 -3.40 10.29 6.71
CA VAL A 91 -3.87 11.65 6.66
C VAL A 91 -3.73 12.23 5.25
N ALA A 92 -2.65 11.89 4.55
CA ALA A 92 -2.47 12.37 3.18
C ALA A 92 -3.54 11.81 2.27
N GLU A 93 -3.92 10.56 2.51
CA GLU A 93 -4.96 9.90 1.74
C GLU A 93 -6.27 10.69 1.81
N GLN A 94 -6.74 10.89 3.03
CA GLN A 94 -8.07 11.42 3.27
C GLN A 94 -8.10 12.94 3.31
N PHE A 95 -7.00 13.55 3.73
CA PHE A 95 -6.96 14.99 3.92
C PHE A 95 -6.14 15.69 2.83
N GLY A 96 -5.20 14.98 2.22
CA GLY A 96 -4.39 15.60 1.18
C GLY A 96 -2.97 15.77 1.63
N GLU A 97 -2.02 15.39 0.78
CA GLU A 97 -0.62 15.32 1.16
C GLU A 97 -0.10 16.67 1.64
N GLU A 98 -0.36 17.72 0.87
CA GLU A 98 0.12 19.05 1.20
C GLU A 98 -0.69 19.65 2.35
N ASN A 99 -1.82 19.03 2.62
CA ASN A 99 -2.74 19.54 3.63
C ASN A 99 -2.34 19.03 5.00
N VAL A 100 -1.88 17.79 5.04
CA VAL A 100 -1.46 17.10 6.27
C VAL A 100 -0.67 18.00 7.22
N ASN A 101 0.08 18.96 6.65
CA ASN A 101 0.88 19.90 7.43
C ASN A 101 0.05 20.59 8.51
N THR A 102 -1.27 20.58 8.33
CA THR A 102 -2.19 21.15 9.29
C THR A 102 -2.21 20.34 10.60
N TYR A 103 -2.17 19.02 10.48
CA TYR A 103 -2.16 18.15 11.65
C TYR A 103 -0.74 17.86 12.08
N PHE A 104 0.19 18.14 11.18
CA PHE A 104 1.60 18.00 11.46
C PHE A 104 2.15 19.28 12.09
N VAL A 105 3.47 19.40 12.07
CA VAL A 105 4.18 20.54 12.64
C VAL A 105 3.62 21.87 12.12
N MET A 1 6.05 -24.51 -6.15
CA MET A 1 6.31 -23.59 -7.29
C MET A 1 5.54 -24.03 -8.53
N ARG A 2 4.42 -24.70 -8.31
CA ARG A 2 3.59 -25.18 -9.41
C ARG A 2 2.14 -24.76 -9.21
N SER A 3 1.95 -23.78 -8.34
CA SER A 3 0.62 -23.32 -7.98
C SER A 3 0.32 -21.96 -8.60
N PRO A 4 -0.50 -21.94 -9.66
CA PRO A 4 -0.89 -20.69 -10.33
C PRO A 4 -1.53 -19.69 -9.37
N GLY A 5 -0.92 -18.53 -9.26
CA GLY A 5 -1.44 -17.50 -8.37
C GLY A 5 -0.56 -17.32 -7.15
N MET A 6 0.34 -18.26 -6.94
CA MET A 6 1.24 -18.22 -5.80
C MET A 6 2.61 -17.71 -6.22
N ALA A 7 2.94 -16.51 -5.80
CA ALA A 7 4.22 -15.90 -6.13
C ALA A 7 5.33 -16.49 -5.26
N ASP A 8 6.05 -17.44 -5.82
CA ASP A 8 7.17 -18.05 -5.10
C ASP A 8 8.41 -17.17 -5.23
N GLN A 9 8.92 -16.74 -4.09
CA GLN A 9 10.09 -15.89 -4.07
C GLN A 9 11.29 -16.66 -3.51
N ARG A 10 12.47 -16.06 -3.57
CA ARG A 10 13.68 -16.75 -3.13
C ARG A 10 13.61 -17.05 -1.65
N GLN A 11 13.30 -16.05 -0.87
CA GLN A 11 13.10 -16.20 0.55
C GLN A 11 11.70 -15.77 0.92
N ARG A 12 11.07 -16.52 1.81
CA ARG A 12 9.75 -16.22 2.30
C ARG A 12 9.79 -14.97 3.17
N SER A 13 10.91 -14.78 3.85
CA SER A 13 11.08 -13.71 4.81
C SER A 13 11.33 -12.38 4.11
N LEU A 14 11.88 -12.40 2.89
CA LEU A 14 12.13 -11.17 2.15
C LEU A 14 10.84 -10.62 1.59
N SER A 15 9.82 -11.49 1.49
CA SER A 15 8.50 -11.08 1.03
C SER A 15 7.97 -9.99 1.96
N THR A 16 8.28 -10.14 3.24
CA THR A 16 7.98 -9.11 4.21
C THR A 16 9.18 -8.18 4.37
N SER A 17 9.13 -7.07 3.67
CA SER A 17 10.21 -6.08 3.72
C SER A 17 9.83 -4.92 4.63
N GLY A 18 8.64 -4.99 5.20
CA GLY A 18 8.13 -3.90 5.99
C GLY A 18 7.26 -2.98 5.17
N GLU A 19 7.10 -3.36 3.91
CA GLU A 19 6.29 -2.59 2.97
C GLU A 19 4.87 -3.14 2.95
N SER A 20 3.92 -2.30 2.63
CA SER A 20 2.52 -2.69 2.70
C SER A 20 1.83 -2.58 1.34
N LEU A 21 1.75 -1.36 0.82
CA LEU A 21 1.02 -1.09 -0.42
C LEU A 21 1.54 -1.94 -1.57
N TYR A 22 2.85 -1.94 -1.74
CA TYR A 22 3.51 -2.76 -2.76
C TYR A 22 3.07 -4.22 -2.65
N HIS A 23 2.95 -4.72 -1.43
CA HIS A 23 2.69 -6.14 -1.21
C HIS A 23 1.25 -6.50 -1.53
N VAL A 24 0.33 -5.54 -1.38
CA VAL A 24 -1.07 -5.76 -1.73
C VAL A 24 -1.22 -5.83 -3.24
N LEU A 25 -0.37 -5.10 -3.93
CA LEU A 25 -0.50 -4.91 -5.36
C LEU A 25 0.25 -6.00 -6.14
N GLY A 26 1.07 -6.75 -5.42
CA GLY A 26 1.75 -7.88 -6.01
C GLY A 26 2.96 -7.49 -6.83
N LEU A 27 3.45 -6.27 -6.61
CA LEU A 27 4.65 -5.80 -7.28
C LEU A 27 5.71 -5.43 -6.26
N ASP A 28 6.93 -5.28 -6.73
CA ASP A 28 8.04 -4.93 -5.87
C ASP A 28 8.18 -3.42 -5.81
N LYS A 29 9.11 -2.96 -4.99
CA LYS A 29 9.31 -1.54 -4.76
C LYS A 29 10.12 -0.92 -5.90
N ASN A 30 10.21 -1.65 -7.00
CA ASN A 30 10.96 -1.20 -8.16
C ASN A 30 10.02 -1.02 -9.33
N ALA A 31 8.73 -1.05 -9.04
CA ALA A 31 7.71 -0.84 -10.05
C ALA A 31 7.63 0.63 -10.42
N THR A 32 6.98 0.91 -11.53
CA THR A 32 6.78 2.29 -11.96
C THR A 32 5.28 2.57 -12.00
N SER A 33 4.91 3.82 -12.28
CA SER A 33 3.51 4.22 -12.34
C SER A 33 2.69 3.22 -13.15
N ASP A 34 3.27 2.77 -14.25
CA ASP A 34 2.62 1.82 -15.14
C ASP A 34 2.32 0.49 -14.43
N ASP A 35 3.31 -0.06 -13.74
CA ASP A 35 3.14 -1.36 -13.09
C ASP A 35 2.11 -1.26 -12.00
N ILE A 36 2.18 -0.16 -11.26
CA ILE A 36 1.31 0.10 -10.13
C ILE A 36 -0.16 0.24 -10.56
N LYS A 37 -0.38 0.97 -11.65
CA LYS A 37 -1.73 1.21 -12.13
C LYS A 37 -2.33 -0.02 -12.79
N LYS A 38 -1.51 -0.77 -13.53
CA LYS A 38 -1.97 -2.01 -14.14
C LYS A 38 -2.30 -3.05 -13.08
N SER A 39 -1.36 -3.31 -12.18
CA SER A 39 -1.56 -4.28 -11.10
C SER A 39 -2.80 -3.93 -10.29
N TYR A 40 -3.05 -2.64 -10.16
CA TYR A 40 -4.25 -2.15 -9.52
C TYR A 40 -5.47 -2.79 -10.16
N ARG A 41 -5.56 -2.70 -11.47
CA ARG A 41 -6.70 -3.22 -12.20
C ARG A 41 -6.85 -4.72 -11.98
N LYS A 42 -5.79 -5.47 -12.30
CA LYS A 42 -5.82 -6.94 -12.20
C LYS A 42 -6.33 -7.43 -10.85
N LEU A 43 -6.08 -6.67 -9.80
CA LEU A 43 -6.55 -7.03 -8.48
C LEU A 43 -7.92 -6.40 -8.17
N ALA A 44 -8.10 -5.18 -8.66
CA ALA A 44 -9.32 -4.40 -8.41
C ALA A 44 -10.59 -5.15 -8.78
N LEU A 45 -10.63 -5.79 -9.95
CA LEU A 45 -11.82 -6.55 -10.33
C LEU A 45 -11.88 -7.86 -9.55
N LYS A 46 -10.73 -8.49 -9.40
CA LYS A 46 -10.57 -9.70 -8.60
C LYS A 46 -11.22 -9.55 -7.23
N TYR A 47 -11.04 -8.39 -6.61
CA TYR A 47 -11.62 -8.10 -5.32
C TYR A 47 -12.71 -7.03 -5.42
N HIS A 48 -13.36 -6.97 -6.57
CA HIS A 48 -14.41 -5.99 -6.81
C HIS A 48 -15.59 -6.24 -5.88
N PRO A 49 -16.19 -5.17 -5.32
CA PRO A 49 -17.20 -5.21 -4.26
C PRO A 49 -18.26 -6.32 -4.42
N ASP A 50 -18.72 -6.57 -5.62
CA ASP A 50 -19.80 -7.53 -5.82
C ASP A 50 -19.31 -8.96 -5.64
N LYS A 51 -18.00 -9.14 -5.67
CA LYS A 51 -17.41 -10.45 -5.46
C LYS A 51 -17.36 -10.79 -3.98
N ASN A 52 -17.82 -9.85 -3.15
CA ASN A 52 -17.57 -9.92 -1.72
C ASN A 52 -18.82 -10.35 -0.97
N PRO A 53 -18.72 -11.47 -0.24
CA PRO A 53 -19.75 -11.90 0.69
C PRO A 53 -19.82 -11.02 1.93
N ASP A 54 -20.24 -11.62 3.02
CA ASP A 54 -20.44 -10.92 4.27
C ASP A 54 -19.13 -10.41 4.84
N ASN A 55 -18.05 -11.15 4.59
CA ASN A 55 -16.74 -10.77 5.07
C ASN A 55 -16.21 -9.53 4.36
N PRO A 56 -15.66 -8.56 5.11
CA PRO A 56 -15.05 -7.36 4.56
C PRO A 56 -13.59 -7.60 4.15
N GLU A 57 -13.24 -8.87 4.00
CA GLU A 57 -11.88 -9.28 3.68
C GLU A 57 -11.48 -8.76 2.31
N ALA A 58 -12.29 -9.10 1.33
CA ALA A 58 -12.05 -8.71 -0.04
C ALA A 58 -12.22 -7.21 -0.20
N ALA A 59 -12.99 -6.61 0.70
CA ALA A 59 -13.20 -5.18 0.72
C ALA A 59 -11.95 -4.47 1.22
N ASP A 60 -11.32 -5.03 2.23
CA ASP A 60 -10.06 -4.53 2.77
C ASP A 60 -9.01 -4.60 1.70
N LYS A 61 -8.98 -5.76 1.07
CA LYS A 61 -8.12 -6.04 -0.06
C LYS A 61 -8.28 -5.00 -1.15
N PHE A 62 -9.48 -4.86 -1.67
CA PHE A 62 -9.76 -3.83 -2.67
C PHE A 62 -9.31 -2.46 -2.18
N LYS A 63 -9.55 -2.22 -0.91
CA LYS A 63 -9.23 -0.96 -0.28
C LYS A 63 -7.72 -0.67 -0.36
N GLU A 64 -6.91 -1.68 -0.07
CA GLU A 64 -5.45 -1.53 -0.12
C GLU A 64 -4.93 -1.48 -1.56
N ILE A 65 -5.57 -2.21 -2.48
CA ILE A 65 -5.19 -2.13 -3.90
C ILE A 65 -5.44 -0.71 -4.39
N ASN A 66 -6.66 -0.27 -4.16
CA ASN A 66 -7.12 1.05 -4.57
C ASN A 66 -6.27 2.12 -3.91
N ASN A 67 -5.84 1.85 -2.68
CA ASN A 67 -4.97 2.73 -1.94
C ASN A 67 -3.59 2.76 -2.59
N ALA A 68 -2.95 1.59 -2.68
CA ALA A 68 -1.61 1.46 -3.25
C ALA A 68 -1.52 2.11 -4.63
N HIS A 69 -2.57 1.97 -5.40
CA HIS A 69 -2.67 2.57 -6.73
C HIS A 69 -2.38 4.07 -6.68
N ALA A 70 -2.85 4.73 -5.63
CA ALA A 70 -2.66 6.16 -5.50
C ALA A 70 -1.40 6.49 -4.72
N ILE A 71 -0.86 5.50 -4.03
CA ILE A 71 0.30 5.71 -3.15
C ILE A 71 1.61 5.66 -3.92
N LEU A 72 1.86 4.54 -4.59
CA LEU A 72 3.19 4.27 -5.14
C LEU A 72 3.51 5.17 -6.33
N THR A 73 2.49 5.72 -6.97
CA THR A 73 2.71 6.64 -8.08
C THR A 73 2.45 8.07 -7.64
N ASP A 74 2.46 8.29 -6.33
CA ASP A 74 2.35 9.63 -5.78
C ASP A 74 3.62 9.98 -5.05
N ALA A 75 4.02 11.24 -5.14
CA ALA A 75 5.25 11.69 -4.51
C ALA A 75 5.12 11.70 -3.00
N THR A 76 4.03 12.27 -2.50
CA THR A 76 3.86 12.46 -1.07
C THR A 76 3.39 11.20 -0.38
N LYS A 77 2.37 10.53 -0.94
CA LYS A 77 1.81 9.33 -0.34
C LYS A 77 2.85 8.23 -0.22
N ARG A 78 3.82 8.27 -1.11
CA ARG A 78 4.94 7.35 -1.05
C ARG A 78 6.01 7.89 -0.12
N ASN A 79 6.17 9.20 -0.17
CA ASN A 79 7.12 9.91 0.68
C ASN A 79 6.91 9.58 2.15
N ILE A 80 5.74 9.96 2.70
CA ILE A 80 5.50 9.75 4.12
C ILE A 80 5.41 8.28 4.43
N TYR A 81 5.02 7.48 3.44
CA TYR A 81 4.91 6.04 3.60
C TYR A 81 6.26 5.44 3.97
N ASP A 82 7.30 5.88 3.28
CA ASP A 82 8.65 5.40 3.52
C ASP A 82 9.28 6.17 4.68
N LYS A 83 8.68 7.30 5.03
CA LYS A 83 9.16 8.13 6.12
C LYS A 83 8.60 7.64 7.46
N TYR A 84 7.26 7.67 7.59
CA TYR A 84 6.59 7.21 8.81
C TYR A 84 5.45 6.26 8.46
N GLY A 85 4.57 6.68 7.56
CA GLY A 85 3.50 5.83 7.06
C GLY A 85 2.29 5.79 7.95
N SER A 86 2.51 5.71 9.26
CA SER A 86 1.43 5.65 10.22
C SER A 86 0.60 6.93 10.22
N LEU A 87 1.22 8.01 10.65
CA LEU A 87 0.60 9.32 10.67
C LEU A 87 0.38 9.84 9.25
N GLY A 88 1.47 9.91 8.49
CA GLY A 88 1.49 10.59 7.21
C GLY A 88 0.37 10.20 6.26
N LEU A 89 0.04 8.93 6.19
CA LEU A 89 -0.99 8.46 5.27
C LEU A 89 -2.38 8.90 5.72
N TYR A 90 -2.63 8.80 7.02
CA TYR A 90 -3.93 9.12 7.58
C TYR A 90 -4.20 10.63 7.50
N VAL A 91 -3.18 11.43 7.80
CA VAL A 91 -3.31 12.87 7.78
C VAL A 91 -3.46 13.39 6.35
N ALA A 92 -2.85 12.69 5.40
CA ALA A 92 -2.92 13.11 4.01
C ALA A 92 -4.30 12.86 3.42
N GLU A 93 -4.99 11.87 3.94
CA GLU A 93 -6.34 11.56 3.48
C GLU A 93 -7.32 12.60 4.01
N GLN A 94 -7.23 12.89 5.30
CA GLN A 94 -8.16 13.78 5.97
C GLN A 94 -7.81 15.24 5.73
N PHE A 95 -6.55 15.58 5.95
CA PHE A 95 -6.11 16.96 5.81
C PHE A 95 -5.62 17.27 4.40
N GLY A 96 -5.04 16.29 3.74
CA GLY A 96 -4.53 16.52 2.40
C GLY A 96 -3.02 16.45 2.38
N GLU A 97 -2.47 15.80 1.37
CA GLU A 97 -1.03 15.52 1.30
C GLU A 97 -0.23 16.80 1.26
N GLU A 98 -0.68 17.75 0.46
CA GLU A 98 -0.01 19.04 0.35
C GLU A 98 -0.18 19.83 1.64
N ASN A 99 -1.16 19.44 2.43
CA ASN A 99 -1.48 20.15 3.65
C ASN A 99 -0.70 19.60 4.84
N VAL A 100 -0.53 18.27 4.87
CA VAL A 100 0.15 17.55 5.97
C VAL A 100 1.41 18.26 6.45
N ASN A 101 2.09 18.95 5.54
CA ASN A 101 3.32 19.67 5.86
C ASN A 101 3.11 20.68 7.00
N THR A 102 1.84 20.97 7.29
CA THR A 102 1.48 21.84 8.40
C THR A 102 1.70 21.15 9.74
N TYR A 103 1.40 19.86 9.77
CA TYR A 103 1.53 19.07 10.98
C TYR A 103 2.93 18.45 11.00
N PHE A 104 3.52 18.37 9.82
CA PHE A 104 4.88 17.89 9.66
C PHE A 104 5.87 19.06 9.69
N VAL A 105 7.10 18.78 9.28
CA VAL A 105 8.17 19.76 9.23
C VAL A 105 7.77 21.01 8.43
N MET A 1 35.63 -16.49 -8.71
CA MET A 1 34.60 -15.67 -9.39
C MET A 1 33.77 -14.91 -8.37
N ARG A 2 33.60 -13.61 -8.61
CA ARG A 2 32.81 -12.76 -7.73
C ARG A 2 32.52 -11.44 -8.42
N SER A 3 31.34 -10.90 -8.21
CA SER A 3 30.96 -9.63 -8.81
C SER A 3 31.31 -8.47 -7.88
N PRO A 4 32.24 -7.60 -8.31
CA PRO A 4 32.57 -6.37 -7.58
C PRO A 4 31.35 -5.49 -7.40
N GLY A 5 31.13 -5.05 -6.16
CA GLY A 5 29.92 -4.31 -5.86
C GLY A 5 28.86 -5.21 -5.27
N MET A 6 29.32 -6.27 -4.63
CA MET A 6 28.42 -7.26 -4.04
C MET A 6 27.84 -6.75 -2.72
N ALA A 7 26.53 -6.55 -2.70
CA ALA A 7 25.86 -6.10 -1.49
C ALA A 7 25.21 -7.29 -0.80
N ASP A 8 25.86 -7.81 0.22
CA ASP A 8 25.34 -8.94 0.98
C ASP A 8 24.38 -8.44 2.04
N GLN A 9 23.33 -9.22 2.29
CA GLN A 9 22.33 -8.86 3.27
C GLN A 9 22.73 -9.35 4.65
N ARG A 10 22.95 -8.40 5.55
CA ARG A 10 23.46 -8.69 6.88
C ARG A 10 22.36 -9.24 7.78
N GLN A 11 21.16 -8.78 7.51
CA GLN A 11 19.99 -9.23 8.28
C GLN A 11 18.98 -9.89 7.36
N ARG A 12 18.15 -10.74 7.94
CA ARG A 12 17.05 -11.36 7.25
C ARG A 12 15.85 -10.42 7.24
N SER A 13 15.70 -9.71 8.34
CA SER A 13 14.57 -8.85 8.56
C SER A 13 14.53 -7.69 7.57
N LEU A 14 15.69 -7.23 7.16
CA LEU A 14 15.77 -6.12 6.24
C LEU A 14 15.45 -6.56 4.81
N SER A 15 15.56 -7.85 4.56
CA SER A 15 15.18 -8.42 3.28
C SER A 15 13.69 -8.22 3.05
N THR A 16 12.94 -8.33 4.13
CA THR A 16 11.54 -7.98 4.14
C THR A 16 11.39 -6.50 4.47
N SER A 17 11.12 -5.69 3.46
CA SER A 17 11.06 -4.25 3.61
C SER A 17 9.97 -3.82 4.62
N GLY A 18 8.98 -4.69 4.81
CA GLY A 18 7.84 -4.31 5.61
C GLY A 18 6.86 -3.52 4.79
N GLU A 19 7.03 -3.60 3.48
CA GLU A 19 6.21 -2.88 2.54
C GLU A 19 4.79 -3.43 2.55
N SER A 20 3.84 -2.55 2.35
CA SER A 20 2.43 -2.91 2.45
C SER A 20 1.72 -2.72 1.12
N LEU A 21 1.66 -1.48 0.64
CA LEU A 21 0.96 -1.15 -0.60
C LEU A 21 1.51 -1.95 -1.77
N TYR A 22 2.83 -1.92 -1.91
CA TYR A 22 3.51 -2.71 -2.94
C TYR A 22 3.08 -4.18 -2.86
N HIS A 23 2.95 -4.67 -1.64
CA HIS A 23 2.67 -6.08 -1.40
C HIS A 23 1.23 -6.44 -1.76
N VAL A 24 0.33 -5.46 -1.70
CA VAL A 24 -1.09 -5.70 -2.03
C VAL A 24 -1.22 -5.90 -3.52
N LEU A 25 -0.39 -5.18 -4.27
CA LEU A 25 -0.45 -5.18 -5.72
C LEU A 25 0.42 -6.30 -6.28
N GLY A 26 1.31 -6.81 -5.44
CA GLY A 26 2.15 -7.92 -5.82
C GLY A 26 3.38 -7.50 -6.59
N LEU A 27 3.65 -6.21 -6.63
CA LEU A 27 4.81 -5.70 -7.33
C LEU A 27 5.92 -5.32 -6.36
N ASP A 28 7.12 -5.16 -6.88
CA ASP A 28 8.27 -4.80 -6.08
C ASP A 28 8.30 -3.30 -5.84
N LYS A 29 9.24 -2.87 -5.02
CA LYS A 29 9.33 -1.48 -4.60
C LYS A 29 10.09 -0.66 -5.64
N ASN A 30 10.27 -1.26 -6.80
CA ASN A 30 10.96 -0.60 -7.90
C ASN A 30 10.00 -0.45 -9.07
N ALA A 31 8.74 -0.77 -8.81
CA ALA A 31 7.70 -0.64 -9.83
C ALA A 31 7.50 0.82 -10.18
N THR A 32 7.08 1.06 -11.41
CA THR A 32 6.81 2.40 -11.86
C THR A 32 5.32 2.63 -11.88
N SER A 33 4.89 3.86 -12.16
CA SER A 33 3.47 4.17 -12.18
C SER A 33 2.70 3.18 -13.04
N ASP A 34 3.32 2.79 -14.15
CA ASP A 34 2.72 1.83 -15.07
C ASP A 34 2.44 0.49 -14.39
N ASP A 35 3.39 0.00 -13.59
CA ASP A 35 3.23 -1.29 -12.94
C ASP A 35 2.16 -1.20 -11.87
N ILE A 36 2.19 -0.10 -11.14
CA ILE A 36 1.28 0.14 -10.04
C ILE A 36 -0.18 0.25 -10.50
N LYS A 37 -0.39 0.88 -11.64
CA LYS A 37 -1.74 1.04 -12.18
C LYS A 37 -2.30 -0.29 -12.69
N LYS A 38 -1.49 -1.02 -13.46
CA LYS A 38 -1.92 -2.29 -14.03
C LYS A 38 -2.22 -3.32 -12.93
N SER A 39 -1.31 -3.43 -11.97
CA SER A 39 -1.50 -4.31 -10.83
C SER A 39 -2.79 -3.97 -10.09
N TYR A 40 -3.10 -2.68 -10.04
CA TYR A 40 -4.36 -2.23 -9.46
C TYR A 40 -5.52 -2.90 -10.17
N ARG A 41 -5.61 -2.69 -11.49
CA ARG A 41 -6.71 -3.22 -12.28
C ARG A 41 -6.87 -4.71 -12.05
N LYS A 42 -5.79 -5.45 -12.28
CA LYS A 42 -5.77 -6.91 -12.16
C LYS A 42 -6.42 -7.41 -10.87
N LEU A 43 -6.15 -6.71 -9.77
CA LEU A 43 -6.69 -7.09 -8.48
C LEU A 43 -8.03 -6.41 -8.18
N ALA A 44 -8.18 -5.20 -8.70
CA ALA A 44 -9.36 -4.36 -8.45
C ALA A 44 -10.67 -5.07 -8.79
N LEU A 45 -10.74 -5.71 -9.95
CA LEU A 45 -11.97 -6.43 -10.30
C LEU A 45 -12.07 -7.72 -9.50
N LYS A 46 -10.95 -8.40 -9.35
CA LYS A 46 -10.85 -9.61 -8.54
C LYS A 46 -11.45 -9.40 -7.15
N TYR A 47 -11.25 -8.23 -6.58
CA TYR A 47 -11.80 -7.90 -5.26
C TYR A 47 -12.86 -6.81 -5.36
N HIS A 48 -13.48 -6.72 -6.54
CA HIS A 48 -14.51 -5.72 -6.79
C HIS A 48 -15.68 -5.92 -5.83
N PRO A 49 -16.28 -4.83 -5.34
CA PRO A 49 -17.27 -4.82 -4.25
C PRO A 49 -18.26 -5.99 -4.24
N ASP A 50 -18.79 -6.35 -5.40
CA ASP A 50 -19.83 -7.37 -5.48
C ASP A 50 -19.26 -8.76 -5.25
N LYS A 51 -17.95 -8.89 -5.39
CA LYS A 51 -17.28 -10.16 -5.20
C LYS A 51 -17.06 -10.44 -3.72
N ASN A 52 -17.59 -9.57 -2.88
CA ASN A 52 -17.25 -9.58 -1.47
C ASN A 52 -18.40 -10.12 -0.65
N PRO A 53 -18.12 -11.06 0.25
CA PRO A 53 -19.10 -11.55 1.22
C PRO A 53 -19.24 -10.60 2.39
N ASP A 54 -19.84 -11.07 3.46
CA ASP A 54 -20.08 -10.25 4.62
C ASP A 54 -18.78 -9.83 5.29
N ASN A 55 -17.80 -10.73 5.25
CA ASN A 55 -16.47 -10.44 5.77
C ASN A 55 -15.80 -9.32 4.99
N PRO A 56 -15.39 -8.24 5.67
CA PRO A 56 -14.72 -7.09 5.06
C PRO A 56 -13.27 -7.38 4.66
N GLU A 57 -12.96 -8.66 4.53
CA GLU A 57 -11.62 -9.11 4.15
C GLU A 57 -11.29 -8.64 2.74
N ALA A 58 -12.15 -9.01 1.81
CA ALA A 58 -11.99 -8.64 0.42
C ALA A 58 -12.13 -7.12 0.24
N ALA A 59 -12.89 -6.51 1.14
CA ALA A 59 -13.06 -5.07 1.15
C ALA A 59 -11.77 -4.38 1.56
N ASP A 60 -11.09 -4.98 2.52
CA ASP A 60 -9.78 -4.51 2.97
C ASP A 60 -8.79 -4.61 1.83
N LYS A 61 -8.82 -5.76 1.20
CA LYS A 61 -8.03 -6.04 0.02
C LYS A 61 -8.24 -4.98 -1.04
N PHE A 62 -9.48 -4.83 -1.48
CA PHE A 62 -9.81 -3.81 -2.46
C PHE A 62 -9.35 -2.44 -2.00
N LYS A 63 -9.47 -2.20 -0.70
CA LYS A 63 -9.07 -0.95 -0.12
C LYS A 63 -7.58 -0.68 -0.33
N GLU A 64 -6.76 -1.69 -0.07
CA GLU A 64 -5.32 -1.56 -0.20
C GLU A 64 -4.88 -1.53 -1.66
N ILE A 65 -5.57 -2.29 -2.53
CA ILE A 65 -5.29 -2.21 -3.97
C ILE A 65 -5.56 -0.80 -4.46
N ASN A 66 -6.76 -0.34 -4.15
CA ASN A 66 -7.25 0.93 -4.59
C ASN A 66 -6.41 2.07 -4.01
N ASN A 67 -5.83 1.83 -2.84
CA ASN A 67 -4.97 2.81 -2.21
C ASN A 67 -3.60 2.79 -2.87
N ALA A 68 -2.96 1.62 -2.89
CA ALA A 68 -1.63 1.46 -3.49
C ALA A 68 -1.58 2.00 -4.91
N HIS A 69 -2.68 1.83 -5.63
CA HIS A 69 -2.88 2.41 -6.96
C HIS A 69 -2.45 3.87 -7.01
N ALA A 70 -2.75 4.59 -5.94
CA ALA A 70 -2.40 5.99 -5.85
C ALA A 70 -1.07 6.17 -5.14
N ILE A 71 -0.88 5.43 -4.04
CA ILE A 71 0.24 5.65 -3.12
C ILE A 71 1.59 5.63 -3.81
N LEU A 72 1.89 4.54 -4.49
CA LEU A 72 3.26 4.31 -4.97
C LEU A 72 3.63 5.24 -6.12
N THR A 73 2.64 5.87 -6.72
CA THR A 73 2.89 6.80 -7.81
C THR A 73 2.59 8.24 -7.38
N ASP A 74 2.14 8.40 -6.14
CA ASP A 74 1.89 9.71 -5.58
C ASP A 74 3.07 10.12 -4.72
N ALA A 75 3.60 11.30 -4.99
CA ALA A 75 4.79 11.79 -4.30
C ALA A 75 4.57 11.87 -2.80
N THR A 76 3.42 12.35 -2.39
CA THR A 76 3.15 12.60 -0.98
C THR A 76 2.71 11.33 -0.26
N LYS A 77 1.77 10.60 -0.85
CA LYS A 77 1.23 9.39 -0.23
C LYS A 77 2.31 8.33 -0.09
N ARG A 78 3.31 8.41 -0.92
CA ARG A 78 4.45 7.52 -0.83
C ARG A 78 5.49 8.13 0.10
N ASN A 79 5.56 9.45 0.08
CA ASN A 79 6.42 10.21 0.97
C ASN A 79 6.18 9.85 2.44
N ILE A 80 4.98 10.14 2.94
CA ILE A 80 4.71 9.88 4.36
C ILE A 80 4.72 8.40 4.65
N TYR A 81 4.42 7.59 3.64
CA TYR A 81 4.47 6.14 3.76
C TYR A 81 5.84 5.70 4.23
N ASP A 82 6.87 6.32 3.68
CA ASP A 82 8.24 5.97 4.03
C ASP A 82 8.75 6.83 5.18
N LYS A 83 8.26 8.06 5.26
CA LYS A 83 8.71 8.99 6.31
C LYS A 83 8.12 8.63 7.66
N TYR A 84 6.80 8.68 7.76
CA TYR A 84 6.11 8.42 9.02
C TYR A 84 5.50 7.03 8.98
N GLY A 85 4.64 6.83 7.99
CA GLY A 85 4.09 5.51 7.69
C GLY A 85 3.01 5.03 8.64
N SER A 86 3.20 5.23 9.93
CA SER A 86 2.23 4.76 10.90
C SER A 86 1.05 5.72 10.98
N LEU A 87 1.32 6.95 11.38
CA LEU A 87 0.28 7.97 11.44
C LEU A 87 0.06 8.56 10.05
N GLY A 88 1.13 9.15 9.50
CA GLY A 88 1.05 9.92 8.26
C GLY A 88 0.21 9.30 7.16
N LEU A 89 0.35 8.00 6.95
CA LEU A 89 -0.36 7.35 5.85
C LEU A 89 -1.82 7.10 6.22
N TYR A 90 -2.04 6.60 7.44
CA TYR A 90 -3.39 6.29 7.92
C TYR A 90 -4.25 7.55 7.97
N VAL A 91 -3.65 8.65 8.39
CA VAL A 91 -4.36 9.92 8.48
C VAL A 91 -4.57 10.49 7.08
N ALA A 92 -3.64 10.22 6.17
CA ALA A 92 -3.75 10.73 4.81
C ALA A 92 -4.86 10.02 4.05
N GLU A 93 -5.10 8.76 4.38
CA GLU A 93 -6.16 8.00 3.74
C GLU A 93 -7.53 8.56 4.11
N GLN A 94 -7.73 8.84 5.37
CA GLN A 94 -9.03 9.27 5.86
C GLN A 94 -9.19 10.78 5.79
N PHE A 95 -8.15 11.51 6.17
CA PHE A 95 -8.23 12.95 6.25
C PHE A 95 -7.67 13.63 5.00
N GLY A 96 -6.77 12.97 4.30
CA GLY A 96 -6.17 13.56 3.12
C GLY A 96 -4.78 14.05 3.40
N GLU A 97 -3.84 13.70 2.54
CA GLU A 97 -2.41 13.93 2.77
C GLU A 97 -2.12 15.39 3.05
N GLU A 98 -2.55 16.24 2.15
CA GLU A 98 -2.34 17.67 2.28
C GLU A 98 -2.96 18.21 3.57
N ASN A 99 -4.01 17.54 4.04
CA ASN A 99 -4.76 18.00 5.19
C ASN A 99 -4.11 17.56 6.50
N VAL A 100 -3.55 16.34 6.49
CA VAL A 100 -2.93 15.73 7.68
C VAL A 100 -2.04 16.70 8.46
N ASN A 101 -1.46 17.66 7.75
CA ASN A 101 -0.55 18.62 8.34
C ASN A 101 -1.22 19.39 9.47
N THR A 102 -2.55 19.34 9.50
CA THR A 102 -3.32 19.96 10.56
C THR A 102 -3.05 19.29 11.90
N TYR A 103 -2.92 17.97 11.87
CA TYR A 103 -2.69 17.19 13.07
C TYR A 103 -1.18 17.05 13.30
N PHE A 104 -0.43 17.29 12.25
CA PHE A 104 1.02 17.28 12.31
C PHE A 104 1.55 18.67 12.72
N VAL A 105 2.82 18.91 12.42
CA VAL A 105 3.47 20.18 12.74
C VAL A 105 2.63 21.40 12.35
N MET A 1 14.41 -15.48 10.05
CA MET A 1 14.59 -16.75 9.31
C MET A 1 15.76 -16.64 8.35
N ARG A 2 16.29 -17.78 7.92
CA ARG A 2 17.43 -17.79 7.01
C ARG A 2 17.26 -18.90 5.97
N SER A 3 16.03 -19.10 5.53
CA SER A 3 15.72 -20.14 4.56
C SER A 3 16.33 -19.80 3.19
N PRO A 4 16.96 -20.80 2.55
CA PRO A 4 17.52 -20.64 1.20
C PRO A 4 16.49 -20.10 0.21
N GLY A 5 16.77 -18.95 -0.36
CA GLY A 5 15.83 -18.29 -1.24
C GLY A 5 15.37 -16.97 -0.66
N MET A 6 15.35 -16.90 0.66
CA MET A 6 14.99 -15.67 1.36
C MET A 6 16.09 -14.64 1.19
N ALA A 7 15.68 -13.40 0.95
CA ALA A 7 16.61 -12.29 0.78
C ALA A 7 17.57 -12.19 1.97
N ASP A 8 18.86 -12.39 1.70
CA ASP A 8 19.88 -12.40 2.73
C ASP A 8 19.88 -11.09 3.51
N GLN A 9 19.88 -11.21 4.82
CA GLN A 9 19.80 -10.05 5.70
C GLN A 9 21.16 -9.39 5.88
N ARG A 10 21.31 -8.22 5.28
CA ARG A 10 22.50 -7.39 5.50
C ARG A 10 22.15 -6.29 6.49
N GLN A 11 20.89 -5.88 6.43
CA GLN A 11 20.31 -4.95 7.39
C GLN A 11 18.86 -5.33 7.62
N ARG A 12 18.33 -5.05 8.79
CA ARG A 12 16.95 -5.38 9.11
C ARG A 12 16.02 -4.71 8.12
N SER A 13 16.31 -3.46 7.82
CA SER A 13 15.48 -2.65 6.94
C SER A 13 15.51 -3.14 5.49
N LEU A 14 16.70 -3.46 4.99
CA LEU A 14 16.84 -3.84 3.59
C LEU A 14 16.41 -5.29 3.37
N SER A 15 16.50 -6.09 4.44
CA SER A 15 16.05 -7.47 4.38
C SER A 15 14.54 -7.51 4.38
N THR A 16 13.95 -6.88 5.37
CA THR A 16 12.52 -6.80 5.50
C THR A 16 12.08 -5.34 5.50
N SER A 17 11.62 -4.86 4.35
CA SER A 17 11.22 -3.47 4.20
C SER A 17 9.99 -3.18 5.03
N GLY A 18 9.18 -4.21 5.25
CA GLY A 18 7.93 -4.06 5.95
C GLY A 18 6.93 -3.37 5.08
N GLU A 19 7.12 -3.50 3.78
CA GLU A 19 6.30 -2.83 2.79
C GLU A 19 4.88 -3.36 2.81
N SER A 20 3.93 -2.49 2.53
CA SER A 20 2.52 -2.83 2.66
C SER A 20 1.80 -2.68 1.32
N LEU A 21 1.78 -1.45 0.79
CA LEU A 21 1.08 -1.16 -0.45
C LEU A 21 1.62 -2.01 -1.59
N TYR A 22 2.94 -2.01 -1.72
CA TYR A 22 3.62 -2.85 -2.71
C TYR A 22 3.21 -4.31 -2.55
N HIS A 23 2.96 -4.72 -1.30
CA HIS A 23 2.64 -6.11 -0.99
C HIS A 23 1.23 -6.48 -1.50
N VAL A 24 0.32 -5.50 -1.49
CA VAL A 24 -1.06 -5.76 -1.91
C VAL A 24 -1.12 -5.94 -3.42
N LEU A 25 -0.28 -5.18 -4.12
CA LEU A 25 -0.27 -5.21 -5.58
C LEU A 25 0.68 -6.28 -6.10
N GLY A 26 1.43 -6.86 -5.18
CA GLY A 26 2.31 -7.97 -5.52
C GLY A 26 3.53 -7.56 -6.33
N LEU A 27 3.76 -6.26 -6.44
CA LEU A 27 4.94 -5.76 -7.14
C LEU A 27 5.96 -5.26 -6.15
N ASP A 28 7.19 -5.07 -6.61
CA ASP A 28 8.26 -4.62 -5.76
C ASP A 28 8.31 -3.10 -5.77
N LYS A 29 9.27 -2.56 -5.05
CA LYS A 29 9.38 -1.12 -4.84
C LYS A 29 10.06 -0.48 -6.04
N ASN A 30 10.29 -1.29 -7.05
CA ASN A 30 10.97 -0.86 -8.25
C ASN A 30 9.99 -0.76 -9.40
N ALA A 31 8.70 -0.89 -9.06
CA ALA A 31 7.64 -0.73 -10.04
C ALA A 31 7.45 0.73 -10.37
N THR A 32 7.07 0.98 -11.60
CA THR A 32 6.82 2.32 -12.06
C THR A 32 5.33 2.60 -12.00
N SER A 33 4.93 3.86 -12.16
CA SER A 33 3.53 4.24 -12.12
C SER A 33 2.69 3.30 -12.98
N ASP A 34 3.29 2.89 -14.10
CA ASP A 34 2.66 1.97 -15.03
C ASP A 34 2.22 0.68 -14.34
N ASP A 35 3.16 0.00 -13.67
CA ASP A 35 2.89 -1.34 -13.17
C ASP A 35 1.96 -1.29 -11.98
N ILE A 36 2.10 -0.22 -11.21
CA ILE A 36 1.24 0.03 -10.06
C ILE A 36 -0.21 0.19 -10.48
N LYS A 37 -0.42 0.91 -11.56
CA LYS A 37 -1.77 1.15 -12.05
C LYS A 37 -2.34 -0.08 -12.76
N LYS A 38 -1.49 -0.79 -13.51
CA LYS A 38 -1.90 -2.03 -14.14
C LYS A 38 -2.31 -3.05 -13.09
N SER A 39 -1.42 -3.30 -12.13
CA SER A 39 -1.67 -4.21 -11.02
C SER A 39 -2.97 -3.87 -10.30
N TYR A 40 -3.24 -2.58 -10.15
CA TYR A 40 -4.48 -2.14 -9.54
C TYR A 40 -5.66 -2.82 -10.21
N ARG A 41 -5.69 -2.75 -11.53
CA ARG A 41 -6.80 -3.28 -12.30
C ARG A 41 -6.97 -4.78 -12.05
N LYS A 42 -5.91 -5.53 -12.31
CA LYS A 42 -5.92 -7.00 -12.19
C LYS A 42 -6.51 -7.46 -10.86
N LEU A 43 -6.22 -6.73 -9.79
CA LEU A 43 -6.68 -7.09 -8.47
C LEU A 43 -8.02 -6.44 -8.15
N ALA A 44 -8.22 -5.23 -8.66
CA ALA A 44 -9.43 -4.43 -8.41
C ALA A 44 -10.72 -5.17 -8.73
N LEU A 45 -10.83 -5.72 -9.93
CA LEU A 45 -12.04 -6.45 -10.30
C LEU A 45 -12.08 -7.79 -9.58
N LYS A 46 -10.92 -8.40 -9.45
CA LYS A 46 -10.76 -9.63 -8.68
C LYS A 46 -11.34 -9.49 -7.27
N TYR A 47 -11.06 -8.36 -6.64
CA TYR A 47 -11.59 -8.06 -5.33
C TYR A 47 -12.69 -7.01 -5.42
N HIS A 48 -13.43 -7.01 -6.52
CA HIS A 48 -14.51 -6.04 -6.68
C HIS A 48 -15.64 -6.39 -5.74
N PRO A 49 -16.22 -5.40 -5.05
CA PRO A 49 -17.13 -5.56 -3.92
C PRO A 49 -18.03 -6.80 -4.00
N ASP A 50 -18.71 -6.99 -5.12
CA ASP A 50 -19.73 -8.02 -5.22
C ASP A 50 -19.14 -9.42 -5.46
N LYS A 51 -17.86 -9.47 -5.81
CA LYS A 51 -17.19 -10.75 -6.03
C LYS A 51 -16.99 -11.47 -4.71
N ASN A 52 -17.04 -10.70 -3.64
CA ASN A 52 -16.59 -11.16 -2.35
C ASN A 52 -17.76 -11.33 -1.41
N PRO A 53 -17.66 -12.29 -0.48
CA PRO A 53 -18.68 -12.52 0.54
C PRO A 53 -18.79 -11.39 1.56
N ASP A 54 -19.35 -11.72 2.70
CA ASP A 54 -19.65 -10.78 3.74
C ASP A 54 -18.38 -10.20 4.38
N ASN A 55 -17.37 -11.05 4.53
CA ASN A 55 -16.13 -10.68 5.22
C ASN A 55 -15.51 -9.41 4.65
N PRO A 56 -15.17 -8.44 5.53
CA PRO A 56 -14.56 -7.17 5.12
C PRO A 56 -13.09 -7.33 4.75
N GLU A 57 -12.62 -8.58 4.75
CA GLU A 57 -11.25 -8.91 4.41
C GLU A 57 -10.97 -8.51 2.97
N ALA A 58 -11.88 -8.90 2.11
CA ALA A 58 -11.77 -8.66 0.70
C ALA A 58 -12.05 -7.21 0.36
N ALA A 59 -12.82 -6.55 1.20
CA ALA A 59 -13.09 -5.13 1.07
C ALA A 59 -11.82 -4.35 1.40
N ASP A 60 -11.15 -4.77 2.47
CA ASP A 60 -9.87 -4.22 2.87
C ASP A 60 -8.86 -4.40 1.76
N LYS A 61 -8.93 -5.57 1.14
CA LYS A 61 -8.12 -5.90 -0.01
C LYS A 61 -8.31 -4.89 -1.13
N PHE A 62 -9.55 -4.78 -1.60
CA PHE A 62 -9.88 -3.79 -2.62
C PHE A 62 -9.36 -2.41 -2.22
N LYS A 63 -9.58 -2.07 -0.97
CA LYS A 63 -9.15 -0.80 -0.41
C LYS A 63 -7.65 -0.60 -0.58
N GLU A 64 -6.86 -1.60 -0.21
CA GLU A 64 -5.41 -1.50 -0.29
C GLU A 64 -4.90 -1.52 -1.73
N ILE A 65 -5.58 -2.26 -2.60
CA ILE A 65 -5.26 -2.22 -4.04
C ILE A 65 -5.43 -0.80 -4.54
N ASN A 66 -6.62 -0.28 -4.30
CA ASN A 66 -6.98 1.06 -4.74
C ASN A 66 -6.13 2.10 -4.02
N ASN A 67 -5.70 1.76 -2.81
CA ASN A 67 -4.83 2.60 -2.02
C ASN A 67 -3.46 2.68 -2.69
N ALA A 68 -2.83 1.53 -2.85
CA ALA A 68 -1.51 1.43 -3.47
C ALA A 68 -1.51 2.03 -4.86
N HIS A 69 -2.64 1.88 -5.55
CA HIS A 69 -2.88 2.50 -6.85
C HIS A 69 -2.50 3.98 -6.85
N ALA A 70 -2.78 4.66 -5.75
CA ALA A 70 -2.43 6.06 -5.62
C ALA A 70 -1.06 6.21 -4.99
N ILE A 71 -0.89 5.59 -3.81
CA ILE A 71 0.30 5.73 -2.98
C ILE A 71 1.61 5.64 -3.76
N LEU A 72 1.85 4.51 -4.43
CA LEU A 72 3.17 4.24 -5.00
C LEU A 72 3.52 5.19 -6.15
N THR A 73 2.52 5.59 -6.92
CA THR A 73 2.75 6.48 -8.04
C THR A 73 2.62 7.94 -7.59
N ASP A 74 2.24 8.13 -6.34
CA ASP A 74 2.17 9.46 -5.76
C ASP A 74 3.45 9.73 -5.00
N ALA A 75 4.14 10.79 -5.39
CA ALA A 75 5.44 11.11 -4.83
C ALA A 75 5.37 11.32 -3.33
N THR A 76 4.28 11.93 -2.87
CA THR A 76 4.13 12.25 -1.47
C THR A 76 3.65 11.07 -0.63
N LYS A 77 2.59 10.41 -1.08
CA LYS A 77 2.05 9.27 -0.34
C LYS A 77 3.06 8.14 -0.27
N ARG A 78 3.92 8.09 -1.27
CA ARG A 78 5.01 7.11 -1.28
C ARG A 78 6.13 7.61 -0.39
N ASN A 79 6.34 8.91 -0.45
CA ASN A 79 7.33 9.60 0.36
C ASN A 79 7.17 9.24 1.83
N ILE A 80 6.08 9.69 2.47
CA ILE A 80 5.91 9.48 3.91
C ILE A 80 5.72 8.02 4.22
N TYR A 81 5.26 7.26 3.24
CA TYR A 81 5.11 5.82 3.39
C TYR A 81 6.44 5.19 3.77
N ASP A 82 7.48 5.64 3.10
CA ASP A 82 8.82 5.12 3.33
C ASP A 82 9.49 5.86 4.50
N LYS A 83 8.92 7.01 4.86
CA LYS A 83 9.43 7.79 5.99
C LYS A 83 8.87 7.25 7.30
N TYR A 84 7.55 7.30 7.42
CA TYR A 84 6.85 6.89 8.62
C TYR A 84 5.79 5.86 8.26
N GLY A 85 4.89 6.23 7.35
CA GLY A 85 3.93 5.28 6.82
C GLY A 85 2.72 5.05 7.71
N SER A 86 2.93 4.97 9.01
CA SER A 86 1.84 4.69 9.93
C SER A 86 0.88 5.87 10.01
N LEU A 87 1.34 6.98 10.56
CA LEU A 87 0.50 8.18 10.70
C LEU A 87 0.49 8.98 9.41
N GLY A 88 1.66 9.47 9.01
CA GLY A 88 1.80 10.38 7.87
C GLY A 88 1.03 9.94 6.63
N LEU A 89 0.90 8.65 6.43
CA LEU A 89 0.18 8.13 5.27
C LEU A 89 -1.33 8.30 5.47
N TYR A 90 -1.85 7.71 6.54
CA TYR A 90 -3.28 7.72 6.83
C TYR A 90 -3.82 9.15 6.92
N VAL A 91 -3.05 10.04 7.56
CA VAL A 91 -3.48 11.41 7.74
C VAL A 91 -3.45 12.17 6.41
N ALA A 92 -2.57 11.76 5.52
CA ALA A 92 -2.45 12.43 4.23
C ALA A 92 -3.58 12.00 3.29
N GLU A 93 -4.20 10.87 3.61
CA GLU A 93 -5.29 10.36 2.80
C GLU A 93 -6.62 10.96 3.26
N GLN A 94 -6.89 10.84 4.55
CA GLN A 94 -8.16 11.24 5.11
C GLN A 94 -8.20 12.73 5.42
N PHE A 95 -7.01 13.33 5.57
CA PHE A 95 -6.94 14.77 5.85
C PHE A 95 -6.29 15.52 4.69
N GLY A 96 -5.31 14.89 4.04
CA GLY A 96 -4.67 15.54 2.90
C GLY A 96 -3.23 15.86 3.20
N GLU A 97 -2.34 15.54 2.27
CA GLU A 97 -0.89 15.64 2.50
C GLU A 97 -0.49 17.07 2.78
N GLU A 98 -1.19 17.99 2.15
CA GLU A 98 -1.00 19.40 2.41
C GLU A 98 -1.39 19.75 3.84
N ASN A 99 -2.53 19.21 4.24
CA ASN A 99 -3.14 19.54 5.53
C ASN A 99 -2.33 18.99 6.69
N VAL A 100 -1.82 17.79 6.51
CA VAL A 100 -1.14 17.01 7.57
C VAL A 100 -0.20 17.86 8.45
N ASN A 101 0.41 18.88 7.86
CA ASN A 101 1.35 19.73 8.57
C ASN A 101 0.69 20.40 9.78
N THR A 102 -0.63 20.38 9.80
CA THR A 102 -1.40 20.91 10.91
C THR A 102 -1.25 20.02 12.14
N TYR A 103 -1.25 18.72 11.92
CA TYR A 103 -1.12 17.75 12.99
C TYR A 103 0.36 17.47 13.24
N PHE A 104 1.14 17.69 12.20
CA PHE A 104 2.59 17.53 12.27
C PHE A 104 3.26 18.81 12.79
N VAL A 105 4.55 18.89 12.58
CA VAL A 105 5.36 20.02 13.00
C VAL A 105 4.83 21.35 12.42
N MET A 1 4.75 -32.50 13.84
CA MET A 1 5.57 -32.68 12.63
C MET A 1 5.97 -31.33 12.05
N ARG A 2 7.24 -31.19 11.69
CA ARG A 2 7.71 -30.00 11.04
C ARG A 2 7.66 -30.18 9.53
N SER A 3 6.95 -29.30 8.84
CA SER A 3 6.80 -29.39 7.40
C SER A 3 8.15 -29.27 6.69
N PRO A 4 8.44 -30.19 5.76
CA PRO A 4 9.73 -30.27 5.07
C PRO A 4 10.10 -28.98 4.34
N GLY A 5 11.19 -28.36 4.77
CA GLY A 5 11.65 -27.14 4.13
C GLY A 5 11.12 -25.90 4.81
N MET A 6 9.95 -26.02 5.42
CA MET A 6 9.33 -24.88 6.09
C MET A 6 9.53 -24.96 7.60
N ALA A 7 9.09 -23.93 8.29
CA ALA A 7 9.16 -23.87 9.73
C ALA A 7 8.12 -22.88 10.23
N ASP A 8 7.19 -23.35 11.05
CA ASP A 8 6.12 -22.51 11.55
C ASP A 8 6.69 -21.39 12.40
N GLN A 9 6.44 -20.17 11.99
CA GLN A 9 6.96 -19.01 12.68
C GLN A 9 5.83 -18.19 13.28
N ARG A 10 6.19 -17.19 14.07
CA ARG A 10 5.19 -16.40 14.78
C ARG A 10 4.41 -15.54 13.80
N GLN A 11 5.04 -15.33 12.64
CA GLN A 11 4.46 -14.65 11.50
C GLN A 11 3.82 -13.32 11.86
N ARG A 12 4.41 -12.61 12.79
CA ARG A 12 3.96 -11.29 13.13
C ARG A 12 4.89 -10.25 12.52
N SER A 13 6.18 -10.39 12.79
CA SER A 13 7.19 -9.50 12.24
C SER A 13 7.68 -10.04 10.89
N LEU A 14 8.04 -11.31 10.87
CA LEU A 14 8.59 -11.93 9.67
C LEU A 14 7.52 -12.14 8.59
N SER A 15 6.29 -11.73 8.88
CA SER A 15 5.21 -11.79 7.92
C SER A 15 5.18 -10.50 7.10
N THR A 16 5.92 -9.50 7.56
CA THR A 16 5.97 -8.22 6.91
C THR A 16 7.36 -7.92 6.36
N SER A 17 7.43 -7.71 5.05
CA SER A 17 8.70 -7.43 4.38
C SER A 17 9.17 -6.01 4.69
N GLY A 18 8.23 -5.16 5.08
CA GLY A 18 8.53 -3.77 5.33
C GLY A 18 7.74 -2.86 4.42
N GLU A 19 7.36 -3.42 3.29
CA GLU A 19 6.53 -2.71 2.33
C GLU A 19 5.08 -3.13 2.53
N SER A 20 4.17 -2.18 2.39
CA SER A 20 2.77 -2.45 2.67
C SER A 20 1.93 -2.37 1.40
N LEU A 21 1.91 -1.21 0.76
CA LEU A 21 1.09 -1.00 -0.43
C LEU A 21 1.59 -1.85 -1.59
N TYR A 22 2.90 -1.84 -1.79
CA TYR A 22 3.54 -2.68 -2.80
C TYR A 22 3.08 -4.14 -2.64
N HIS A 23 2.96 -4.58 -1.40
CA HIS A 23 2.61 -5.96 -1.10
C HIS A 23 1.20 -6.30 -1.55
N VAL A 24 0.29 -5.33 -1.47
CA VAL A 24 -1.11 -5.56 -1.80
C VAL A 24 -1.27 -5.80 -3.30
N LEU A 25 -0.42 -5.12 -4.06
CA LEU A 25 -0.48 -5.19 -5.51
C LEU A 25 0.37 -6.34 -6.02
N GLY A 26 1.24 -6.83 -5.16
CA GLY A 26 2.05 -7.99 -5.50
C GLY A 26 3.24 -7.64 -6.36
N LEU A 27 3.52 -6.35 -6.49
CA LEU A 27 4.69 -5.91 -7.23
C LEU A 27 5.80 -5.50 -6.26
N ASP A 28 7.00 -5.38 -6.78
CA ASP A 28 8.14 -5.01 -5.98
C ASP A 28 8.20 -3.51 -5.83
N LYS A 29 9.15 -3.05 -5.05
CA LYS A 29 9.30 -1.63 -4.76
C LYS A 29 10.08 -0.96 -5.87
N ASN A 30 10.18 -1.65 -7.00
CA ASN A 30 10.90 -1.14 -8.16
C ASN A 30 9.92 -0.91 -9.30
N ALA A 31 8.63 -1.08 -9.01
CA ALA A 31 7.59 -0.89 -10.01
C ALA A 31 7.48 0.57 -10.40
N THR A 32 7.01 0.81 -11.60
CA THR A 32 6.82 2.15 -12.09
C THR A 32 5.34 2.50 -12.04
N SER A 33 5.00 3.76 -12.30
CA SER A 33 3.61 4.19 -12.29
C SER A 33 2.73 3.23 -13.05
N ASP A 34 3.23 2.77 -14.20
CA ASP A 34 2.49 1.87 -15.07
C ASP A 34 2.21 0.53 -14.40
N ASP A 35 3.19 -0.03 -13.69
CA ASP A 35 3.02 -1.34 -13.08
C ASP A 35 2.01 -1.25 -11.95
N ILE A 36 2.09 -0.16 -11.21
CA ILE A 36 1.21 0.10 -10.08
C ILE A 36 -0.24 0.25 -10.54
N LYS A 37 -0.45 0.97 -11.64
CA LYS A 37 -1.80 1.19 -12.16
C LYS A 37 -2.40 -0.10 -12.71
N LYS A 38 -1.65 -0.81 -13.55
CA LYS A 38 -2.13 -2.05 -14.14
C LYS A 38 -2.38 -3.10 -13.06
N SER A 39 -1.46 -3.21 -12.12
CA SER A 39 -1.60 -4.13 -11.00
C SER A 39 -2.86 -3.81 -10.22
N TYR A 40 -3.18 -2.52 -10.10
CA TYR A 40 -4.41 -2.10 -9.47
C TYR A 40 -5.59 -2.75 -10.16
N ARG A 41 -5.71 -2.55 -11.46
CA ARG A 41 -6.81 -3.11 -12.24
C ARG A 41 -6.90 -4.61 -12.05
N LYS A 42 -5.80 -5.28 -12.31
CA LYS A 42 -5.72 -6.75 -12.25
C LYS A 42 -6.33 -7.31 -10.97
N LEU A 43 -6.06 -6.65 -9.86
CA LEU A 43 -6.57 -7.08 -8.57
C LEU A 43 -7.93 -6.45 -8.24
N ALA A 44 -8.12 -5.22 -8.68
CA ALA A 44 -9.32 -4.44 -8.38
C ALA A 44 -10.61 -5.17 -8.73
N LEU A 45 -10.71 -5.72 -9.94
CA LEU A 45 -11.92 -6.44 -10.32
C LEU A 45 -11.97 -7.80 -9.63
N LYS A 46 -10.81 -8.45 -9.54
CA LYS A 46 -10.66 -9.69 -8.79
C LYS A 46 -11.23 -9.58 -7.38
N TYR A 47 -10.94 -8.47 -6.72
CA TYR A 47 -11.43 -8.22 -5.38
C TYR A 47 -12.54 -7.19 -5.38
N HIS A 48 -13.27 -7.10 -6.49
CA HIS A 48 -14.34 -6.12 -6.64
C HIS A 48 -15.45 -6.44 -5.64
N PRO A 49 -16.02 -5.40 -5.00
CA PRO A 49 -16.96 -5.50 -3.86
C PRO A 49 -18.01 -6.62 -3.95
N ASP A 50 -18.54 -6.89 -5.14
CA ASP A 50 -19.59 -7.89 -5.26
C ASP A 50 -19.04 -9.31 -5.24
N LYS A 51 -17.73 -9.43 -5.41
CA LYS A 51 -17.07 -10.72 -5.37
C LYS A 51 -16.81 -11.15 -3.95
N ASN A 52 -17.37 -10.40 -3.02
CA ASN A 52 -17.00 -10.51 -1.62
C ASN A 52 -18.10 -11.19 -0.82
N PRO A 53 -17.71 -12.08 0.10
CA PRO A 53 -18.63 -12.67 1.05
C PRO A 53 -18.94 -11.72 2.19
N ASP A 54 -19.43 -12.25 3.28
CA ASP A 54 -19.79 -11.44 4.42
C ASP A 54 -18.56 -10.84 5.08
N ASN A 55 -17.45 -11.58 5.00
CA ASN A 55 -16.17 -11.11 5.50
C ASN A 55 -15.62 -9.99 4.62
N PRO A 56 -15.31 -8.83 5.23
CA PRO A 56 -14.76 -7.66 4.53
C PRO A 56 -13.29 -7.85 4.12
N GLU A 57 -12.87 -9.11 4.07
CA GLU A 57 -11.51 -9.48 3.74
C GLU A 57 -11.12 -8.96 2.37
N ALA A 58 -11.91 -9.35 1.39
CA ALA A 58 -11.69 -8.95 0.00
C ALA A 58 -11.92 -7.45 -0.17
N ALA A 59 -12.75 -6.89 0.72
CA ALA A 59 -13.05 -5.47 0.70
C ALA A 59 -11.85 -4.67 1.19
N ASP A 60 -11.18 -5.18 2.22
CA ASP A 60 -9.96 -4.59 2.74
C ASP A 60 -8.89 -4.67 1.68
N LYS A 61 -8.88 -5.80 1.03
CA LYS A 61 -8.02 -6.04 -0.10
C LYS A 61 -8.21 -4.99 -1.18
N PHE A 62 -9.42 -4.88 -1.69
CA PHE A 62 -9.74 -3.85 -2.68
C PHE A 62 -9.33 -2.48 -2.18
N LYS A 63 -9.56 -2.25 -0.90
CA LYS A 63 -9.20 -1.01 -0.25
C LYS A 63 -7.71 -0.71 -0.40
N GLU A 64 -6.87 -1.69 -0.10
CA GLU A 64 -5.41 -1.52 -0.18
C GLU A 64 -4.94 -1.48 -1.63
N ILE A 65 -5.59 -2.24 -2.52
CA ILE A 65 -5.28 -2.16 -3.97
C ILE A 65 -5.53 -0.75 -4.44
N ASN A 66 -6.73 -0.28 -4.14
CA ASN A 66 -7.19 1.04 -4.55
C ASN A 66 -6.35 2.12 -3.89
N ASN A 67 -5.85 1.81 -2.69
CA ASN A 67 -4.98 2.71 -1.98
C ASN A 67 -3.61 2.77 -2.66
N ALA A 68 -2.97 1.61 -2.75
CA ALA A 68 -1.62 1.49 -3.34
C ALA A 68 -1.56 2.08 -4.74
N HIS A 69 -2.67 1.93 -5.47
CA HIS A 69 -2.82 2.49 -6.81
C HIS A 69 -2.33 3.93 -6.90
N ALA A 70 -2.65 4.72 -5.89
CA ALA A 70 -2.23 6.11 -5.87
C ALA A 70 -0.89 6.25 -5.15
N ILE A 71 -0.79 5.59 -4.00
CA ILE A 71 0.36 5.74 -3.09
C ILE A 71 1.71 5.64 -3.81
N LEU A 72 1.94 4.53 -4.50
CA LEU A 72 3.28 4.22 -4.99
C LEU A 72 3.72 5.16 -6.11
N THR A 73 2.77 5.68 -6.86
CA THR A 73 3.11 6.59 -7.95
C THR A 73 2.98 8.04 -7.50
N ASP A 74 2.39 8.24 -6.33
CA ASP A 74 2.24 9.58 -5.77
C ASP A 74 3.42 9.90 -4.89
N ALA A 75 4.05 11.04 -5.17
CA ALA A 75 5.27 11.42 -4.49
C ALA A 75 5.05 11.61 -3.01
N THR A 76 3.88 12.08 -2.62
CA THR A 76 3.61 12.37 -1.23
C THR A 76 3.18 11.11 -0.46
N LYS A 77 2.21 10.39 -0.99
CA LYS A 77 1.65 9.23 -0.28
C LYS A 77 2.69 8.13 -0.10
N ARG A 78 3.67 8.08 -0.98
CA ARG A 78 4.74 7.11 -0.81
C ARG A 78 5.83 7.72 0.05
N ASN A 79 5.89 9.05 0.03
CA ASN A 79 6.82 9.80 0.84
C ASN A 79 6.59 9.51 2.32
N ILE A 80 5.44 9.92 2.86
CA ILE A 80 5.18 9.75 4.28
C ILE A 80 5.14 8.27 4.63
N TYR A 81 4.66 7.46 3.70
CA TYR A 81 4.60 6.02 3.88
C TYR A 81 5.98 5.46 4.22
N ASP A 82 6.97 5.93 3.49
CA ASP A 82 8.33 5.48 3.69
C ASP A 82 8.99 6.22 4.84
N LYS A 83 8.58 7.46 5.06
CA LYS A 83 9.12 8.28 6.13
C LYS A 83 8.62 7.79 7.49
N TYR A 84 7.31 7.84 7.69
CA TYR A 84 6.70 7.37 8.93
C TYR A 84 5.54 6.43 8.63
N GLY A 85 4.52 6.97 7.94
CA GLY A 85 3.45 6.13 7.43
C GLY A 85 2.24 6.08 8.34
N SER A 86 2.40 6.46 9.60
CA SER A 86 1.31 6.37 10.55
C SER A 86 0.22 7.41 10.28
N LEU A 87 0.56 8.69 10.45
CA LEU A 87 -0.43 9.75 10.33
C LEU A 87 -0.61 10.13 8.86
N GLY A 88 0.49 10.54 8.23
CA GLY A 88 0.44 11.12 6.90
C GLY A 88 -0.32 10.30 5.86
N LEU A 89 -0.18 8.98 5.94
CA LEU A 89 -0.78 8.11 4.94
C LEU A 89 -2.29 8.05 5.09
N TYR A 90 -2.76 8.15 6.33
CA TYR A 90 -4.19 8.07 6.62
C TYR A 90 -4.87 9.42 6.39
N VAL A 91 -4.19 10.50 6.76
CA VAL A 91 -4.74 11.85 6.67
C VAL A 91 -4.79 12.34 5.22
N ALA A 92 -3.88 11.84 4.40
CA ALA A 92 -3.76 12.29 3.01
C ALA A 92 -5.03 12.06 2.24
N GLU A 93 -5.63 10.93 2.49
CA GLU A 93 -6.72 10.47 1.70
C GLU A 93 -8.06 10.96 2.25
N GLN A 94 -8.06 11.35 3.51
CA GLN A 94 -9.25 11.93 4.12
C GLN A 94 -9.25 13.45 3.96
N PHE A 95 -8.07 14.05 4.06
CA PHE A 95 -7.95 15.50 4.05
C PHE A 95 -7.24 16.02 2.82
N GLY A 96 -6.33 15.23 2.26
CA GLY A 96 -5.57 15.70 1.11
C GLY A 96 -4.12 15.90 1.48
N GLU A 97 -3.23 15.37 0.66
CA GLU A 97 -1.80 15.40 0.95
C GLU A 97 -1.29 16.84 1.01
N GLU A 98 -1.94 17.70 0.25
CA GLU A 98 -1.62 19.12 0.25
C GLU A 98 -2.13 19.79 1.53
N ASN A 99 -3.15 19.19 2.12
CA ASN A 99 -3.80 19.75 3.30
C ASN A 99 -3.16 19.26 4.58
N VAL A 100 -2.73 17.99 4.58
CA VAL A 100 -2.13 17.32 5.75
C VAL A 100 -1.16 18.22 6.51
N ASN A 101 -0.49 19.12 5.80
CA ASN A 101 0.49 20.03 6.39
C ASN A 101 -0.13 20.82 7.55
N THR A 102 -1.46 20.86 7.60
CA THR A 102 -2.18 21.50 8.68
C THR A 102 -2.03 20.72 9.99
N TYR A 103 -2.02 19.40 9.89
CA TYR A 103 -1.81 18.53 11.05
C TYR A 103 -0.32 18.38 11.30
N PHE A 104 0.45 18.73 10.30
CA PHE A 104 1.89 18.57 10.34
C PHE A 104 2.59 19.91 10.56
N VAL A 105 3.89 19.90 10.33
CA VAL A 105 4.73 21.09 10.50
C VAL A 105 4.14 22.33 9.79
N MET A 1 18.42 -18.72 28.00
CA MET A 1 19.30 -18.29 26.90
C MET A 1 18.59 -17.27 26.01
N ARG A 2 17.59 -16.59 26.55
CA ARG A 2 16.87 -15.57 25.82
C ARG A 2 17.20 -14.20 26.39
N SER A 3 17.10 -13.17 25.56
CA SER A 3 17.37 -11.81 26.00
C SER A 3 16.06 -11.08 26.25
N PRO A 4 15.68 -10.89 27.52
CA PRO A 4 14.43 -10.21 27.89
C PRO A 4 14.30 -8.86 27.21
N GLY A 5 13.18 -8.65 26.55
CA GLY A 5 12.97 -7.42 25.81
C GLY A 5 13.13 -7.63 24.32
N MET A 6 13.31 -8.88 23.92
CA MET A 6 13.47 -9.23 22.52
C MET A 6 12.21 -8.85 21.73
N ALA A 7 12.41 -8.38 20.51
CA ALA A 7 11.30 -7.93 19.68
C ALA A 7 10.64 -9.09 18.96
N ASP A 8 9.50 -9.51 19.49
CA ASP A 8 8.71 -10.56 18.85
C ASP A 8 7.65 -9.94 17.97
N GLN A 9 7.44 -10.53 16.80
CA GLN A 9 6.45 -10.02 15.86
C GLN A 9 5.03 -10.17 16.41
N ARG A 10 4.41 -9.05 16.74
CA ARG A 10 3.07 -9.08 17.31
C ARG A 10 2.03 -9.10 16.20
N GLN A 11 2.19 -8.19 15.26
CA GLN A 11 1.23 -8.04 14.17
C GLN A 11 1.75 -8.72 12.91
N ARG A 12 0.81 -9.18 12.08
CA ARG A 12 1.13 -9.79 10.82
C ARG A 12 1.62 -8.74 9.83
N SER A 13 1.03 -7.56 9.92
CA SER A 13 1.31 -6.49 8.99
C SER A 13 2.72 -5.92 9.22
N LEU A 14 3.29 -6.16 10.40
CA LEU A 14 4.64 -5.70 10.69
C LEU A 14 5.66 -6.77 10.32
N SER A 15 5.16 -7.94 9.93
CA SER A 15 6.01 -9.06 9.56
C SER A 15 6.43 -8.94 8.09
N THR A 16 6.05 -7.83 7.47
CA THR A 16 6.42 -7.54 6.10
C THR A 16 7.86 -7.03 6.05
N SER A 17 8.38 -6.89 4.84
CA SER A 17 9.76 -6.45 4.63
C SER A 17 9.90 -4.94 4.81
N GLY A 18 8.80 -4.30 5.19
CA GLY A 18 8.81 -2.86 5.37
C GLY A 18 7.89 -2.17 4.40
N GLU A 19 7.52 -2.89 3.35
CA GLU A 19 6.63 -2.37 2.34
C GLU A 19 5.21 -2.90 2.58
N SER A 20 4.22 -2.07 2.32
CA SER A 20 2.85 -2.45 2.58
C SER A 20 2.00 -2.41 1.30
N LEU A 21 1.89 -1.22 0.70
CA LEU A 21 1.08 -1.03 -0.51
C LEU A 21 1.57 -1.93 -1.63
N TYR A 22 2.88 -1.90 -1.86
CA TYR A 22 3.52 -2.77 -2.86
C TYR A 22 3.10 -4.22 -2.63
N HIS A 23 3.03 -4.61 -1.37
CA HIS A 23 2.74 -5.99 -0.98
C HIS A 23 1.32 -6.38 -1.38
N VAL A 24 0.37 -5.45 -1.25
CA VAL A 24 -1.02 -5.71 -1.59
C VAL A 24 -1.19 -5.77 -3.10
N LEU A 25 -0.38 -4.99 -3.80
CA LEU A 25 -0.52 -4.83 -5.24
C LEU A 25 0.22 -5.95 -5.97
N GLY A 26 1.09 -6.63 -5.25
CA GLY A 26 1.76 -7.79 -5.78
C GLY A 26 2.97 -7.46 -6.63
N LEU A 27 3.36 -6.20 -6.64
CA LEU A 27 4.55 -5.78 -7.36
C LEU A 27 5.68 -5.44 -6.40
N ASP A 28 6.88 -5.34 -6.94
CA ASP A 28 8.04 -5.01 -6.14
C ASP A 28 8.14 -3.51 -5.96
N LYS A 29 9.09 -3.08 -5.14
CA LYS A 29 9.22 -1.67 -4.79
C LYS A 29 9.99 -0.93 -5.87
N ASN A 30 10.16 -1.58 -7.01
CA ASN A 30 10.86 -0.99 -8.13
C ASN A 30 9.91 -0.80 -9.29
N ALA A 31 8.62 -1.00 -9.02
CA ALA A 31 7.60 -0.82 -10.04
C ALA A 31 7.48 0.65 -10.40
N THR A 32 7.09 0.88 -11.63
CA THR A 32 6.87 2.24 -12.11
C THR A 32 5.39 2.54 -12.09
N SER A 33 5.00 3.78 -12.33
CA SER A 33 3.61 4.18 -12.30
C SER A 33 2.77 3.21 -13.12
N ASP A 34 3.30 2.82 -14.26
CA ASP A 34 2.64 1.89 -15.17
C ASP A 34 2.23 0.60 -14.47
N ASP A 35 3.16 -0.05 -13.77
CA ASP A 35 2.88 -1.37 -13.22
C ASP A 35 1.97 -1.26 -12.02
N ILE A 36 2.11 -0.15 -11.30
CA ILE A 36 1.25 0.16 -10.16
C ILE A 36 -0.21 0.31 -10.61
N LYS A 37 -0.39 0.87 -11.80
CA LYS A 37 -1.72 1.00 -12.39
C LYS A 37 -2.26 -0.35 -12.86
N LYS A 38 -1.44 -1.10 -13.58
CA LYS A 38 -1.85 -2.40 -14.10
C LYS A 38 -2.21 -3.37 -12.98
N SER A 39 -1.29 -3.53 -12.04
CA SER A 39 -1.50 -4.39 -10.89
C SER A 39 -2.75 -3.97 -10.13
N TYR A 40 -3.02 -2.66 -10.12
CA TYR A 40 -4.26 -2.16 -9.53
C TYR A 40 -5.45 -2.81 -10.20
N ARG A 41 -5.55 -2.64 -11.51
CA ARG A 41 -6.69 -3.18 -12.26
C ARG A 41 -6.85 -4.67 -12.01
N LYS A 42 -5.77 -5.40 -12.24
CA LYS A 42 -5.75 -6.86 -12.12
C LYS A 42 -6.37 -7.34 -10.81
N LEU A 43 -6.03 -6.67 -9.73
CA LEU A 43 -6.54 -7.04 -8.41
C LEU A 43 -7.88 -6.37 -8.13
N ALA A 44 -8.04 -5.15 -8.64
CA ALA A 44 -9.23 -4.32 -8.40
C ALA A 44 -10.54 -5.02 -8.74
N LEU A 45 -10.66 -5.55 -9.95
CA LEU A 45 -11.91 -6.24 -10.31
C LEU A 45 -11.98 -7.58 -9.62
N LYS A 46 -10.82 -8.20 -9.50
CA LYS A 46 -10.65 -9.45 -8.79
C LYS A 46 -11.20 -9.37 -7.36
N TYR A 47 -11.09 -8.20 -6.76
CA TYR A 47 -11.64 -7.96 -5.44
C TYR A 47 -12.70 -6.87 -5.46
N HIS A 48 -13.38 -6.71 -6.60
CA HIS A 48 -14.42 -5.70 -6.72
C HIS A 48 -15.55 -6.05 -5.78
N PRO A 49 -16.22 -5.06 -5.17
CA PRO A 49 -17.24 -5.23 -4.13
C PRO A 49 -18.19 -6.44 -4.33
N ASP A 50 -18.55 -6.73 -5.57
CA ASP A 50 -19.51 -7.80 -5.85
C ASP A 50 -18.85 -9.17 -5.82
N LYS A 51 -17.53 -9.19 -5.86
CA LYS A 51 -16.75 -10.42 -5.82
C LYS A 51 -16.67 -10.93 -4.38
N ASN A 52 -17.23 -10.16 -3.46
CA ASN A 52 -16.96 -10.34 -2.04
C ASN A 52 -18.06 -11.10 -1.35
N PRO A 53 -17.70 -12.01 -0.43
CA PRO A 53 -18.64 -12.66 0.46
C PRO A 53 -18.87 -11.83 1.71
N ASP A 54 -19.42 -12.46 2.73
CA ASP A 54 -19.74 -11.77 3.97
C ASP A 54 -18.48 -11.24 4.65
N ASN A 55 -17.39 -11.99 4.51
CA ASN A 55 -16.11 -11.60 5.08
C ASN A 55 -15.53 -10.37 4.37
N PRO A 56 -15.24 -9.31 5.14
CA PRO A 56 -14.67 -8.06 4.61
C PRO A 56 -13.19 -8.19 4.25
N GLU A 57 -12.73 -9.42 4.11
CA GLU A 57 -11.35 -9.72 3.77
C GLU A 57 -11.04 -9.17 2.40
N ALA A 58 -11.95 -9.46 1.48
CA ALA A 58 -11.81 -9.05 0.10
C ALA A 58 -12.04 -7.55 -0.04
N ALA A 59 -12.82 -6.98 0.88
CA ALA A 59 -13.05 -5.55 0.92
C ALA A 59 -11.79 -4.83 1.34
N ASP A 60 -11.12 -5.39 2.34
CA ASP A 60 -9.84 -4.89 2.82
C ASP A 60 -8.85 -4.90 1.68
N LYS A 61 -8.84 -6.03 1.01
CA LYS A 61 -8.03 -6.24 -0.17
C LYS A 61 -8.24 -5.14 -1.20
N PHE A 62 -9.47 -5.00 -1.67
CA PHE A 62 -9.77 -3.94 -2.63
C PHE A 62 -9.33 -2.59 -2.09
N LYS A 63 -9.56 -2.37 -0.82
CA LYS A 63 -9.20 -1.14 -0.14
C LYS A 63 -7.72 -0.84 -0.28
N GLU A 64 -6.89 -1.84 -0.03
CA GLU A 64 -5.44 -1.67 -0.10
C GLU A 64 -4.94 -1.56 -1.54
N ILE A 65 -5.58 -2.28 -2.47
CA ILE A 65 -5.22 -2.17 -3.89
C ILE A 65 -5.51 -0.75 -4.35
N ASN A 66 -6.75 -0.34 -4.10
CA ASN A 66 -7.26 0.96 -4.48
C ASN A 66 -6.42 2.06 -3.87
N ASN A 67 -5.87 1.79 -2.69
CA ASN A 67 -4.98 2.72 -2.03
C ASN A 67 -3.63 2.73 -2.73
N ALA A 68 -2.96 1.57 -2.77
CA ALA A 68 -1.63 1.43 -3.37
C ALA A 68 -1.55 2.07 -4.75
N HIS A 69 -2.61 1.90 -5.52
CA HIS A 69 -2.73 2.51 -6.85
C HIS A 69 -2.39 4.00 -6.80
N ALA A 70 -2.86 4.68 -5.77
CA ALA A 70 -2.66 6.11 -5.64
C ALA A 70 -1.41 6.43 -4.85
N ILE A 71 -0.92 5.47 -4.08
CA ILE A 71 0.18 5.72 -3.15
C ILE A 71 1.54 5.69 -3.86
N LEU A 72 1.85 4.56 -4.50
CA LEU A 72 3.20 4.31 -4.98
C LEU A 72 3.62 5.30 -6.06
N THR A 73 2.64 5.85 -6.77
CA THR A 73 2.92 6.77 -7.86
C THR A 73 2.62 8.22 -7.45
N ASP A 74 2.48 8.44 -6.14
CA ASP A 74 2.20 9.77 -5.63
C ASP A 74 3.41 10.30 -4.86
N ALA A 75 3.57 11.61 -4.84
CA ALA A 75 4.65 12.22 -4.08
C ALA A 75 4.38 12.09 -2.59
N THR A 76 3.26 12.66 -2.15
CA THR A 76 2.93 12.74 -0.73
C THR A 76 2.61 11.38 -0.13
N LYS A 77 1.72 10.63 -0.76
CA LYS A 77 1.25 9.37 -0.21
C LYS A 77 2.36 8.34 -0.16
N ARG A 78 3.35 8.51 -1.00
CA ARG A 78 4.52 7.66 -0.95
C ARG A 78 5.53 8.25 0.02
N ASN A 79 5.52 9.57 0.11
CA ASN A 79 6.34 10.31 1.05
C ASN A 79 6.11 9.83 2.48
N ILE A 80 4.92 10.09 3.03
CA ILE A 80 4.67 9.75 4.44
C ILE A 80 4.77 8.25 4.64
N TYR A 81 4.46 7.50 3.59
CA TYR A 81 4.56 6.05 3.61
C TYR A 81 5.95 5.60 4.02
N ASP A 82 6.94 6.20 3.38
CA ASP A 82 8.34 5.85 3.63
C ASP A 82 8.85 6.57 4.89
N LYS A 83 8.29 7.74 5.14
CA LYS A 83 8.70 8.55 6.29
C LYS A 83 8.19 7.92 7.60
N TYR A 84 6.88 7.75 7.71
CA TYR A 84 6.27 7.18 8.91
C TYR A 84 5.30 6.06 8.56
N GLY A 85 4.33 6.37 7.72
CA GLY A 85 3.44 5.34 7.19
C GLY A 85 2.27 5.00 8.09
N SER A 86 2.51 4.94 9.40
CA SER A 86 1.51 4.53 10.37
C SER A 86 0.25 5.39 10.30
N LEU A 87 0.35 6.63 10.72
CA LEU A 87 -0.79 7.54 10.73
C LEU A 87 -0.92 8.27 9.41
N GLY A 88 0.17 8.93 8.99
CA GLY A 88 0.15 9.82 7.83
C GLY A 88 -0.51 9.24 6.59
N LEU A 89 -0.39 7.94 6.39
CA LEU A 89 -0.95 7.31 5.21
C LEU A 89 -2.47 7.16 5.31
N TYR A 90 -2.92 6.66 6.46
CA TYR A 90 -4.32 6.36 6.68
C TYR A 90 -5.15 7.65 6.78
N VAL A 91 -4.55 8.70 7.33
CA VAL A 91 -5.23 9.97 7.50
C VAL A 91 -5.37 10.71 6.17
N ALA A 92 -4.40 10.51 5.29
CA ALA A 92 -4.40 11.18 3.99
C ALA A 92 -5.58 10.72 3.14
N GLU A 93 -6.09 9.53 3.42
CA GLU A 93 -7.25 9.00 2.72
C GLU A 93 -8.51 9.76 3.13
N GLN A 94 -8.83 9.67 4.41
CA GLN A 94 -10.09 10.19 4.93
C GLN A 94 -10.06 11.71 5.02
N PHE A 95 -8.94 12.26 5.47
CA PHE A 95 -8.83 13.70 5.66
C PHE A 95 -8.31 14.39 4.40
N GLY A 96 -7.37 13.74 3.71
CA GLY A 96 -6.75 14.36 2.56
C GLY A 96 -5.30 14.63 2.82
N GLU A 97 -4.46 14.36 1.84
CA GLU A 97 -3.01 14.36 2.02
C GLU A 97 -2.49 15.71 2.45
N GLU A 98 -3.02 16.76 1.85
CA GLU A 98 -2.63 18.11 2.20
C GLU A 98 -3.31 18.51 3.50
N ASN A 99 -4.49 17.94 3.72
CA ASN A 99 -5.33 18.27 4.84
C ASN A 99 -4.78 17.72 6.15
N VAL A 100 -4.15 16.56 6.07
CA VAL A 100 -3.56 15.86 7.24
C VAL A 100 -2.84 16.81 8.19
N ASN A 101 -2.29 17.88 7.64
CA ASN A 101 -1.59 18.90 8.40
C ASN A 101 -2.44 19.41 9.58
N THR A 102 -3.75 19.24 9.46
CA THR A 102 -4.68 19.64 10.51
C THR A 102 -4.48 18.80 11.77
N TYR A 103 -4.27 17.50 11.58
CA TYR A 103 -4.10 16.58 12.69
C TYR A 103 -2.63 16.48 13.05
N PHE A 104 -1.79 16.92 12.13
CA PHE A 104 -0.35 16.94 12.31
C PHE A 104 0.11 18.27 12.90
N VAL A 105 1.41 18.55 12.75
CA VAL A 105 2.04 19.75 13.29
C VAL A 105 1.23 21.02 13.03
N MET A 1 24.65 -22.09 23.78
CA MET A 1 23.27 -22.19 23.26
C MET A 1 22.75 -20.81 22.90
N ARG A 2 22.22 -20.68 21.68
CA ARG A 2 21.66 -19.43 21.20
C ARG A 2 22.73 -18.35 21.12
N SER A 3 23.55 -18.43 20.08
CA SER A 3 24.58 -17.45 19.83
C SER A 3 23.96 -16.15 19.31
N PRO A 4 24.52 -14.99 19.70
CA PRO A 4 23.99 -13.68 19.30
C PRO A 4 24.00 -13.48 17.78
N GLY A 5 23.09 -12.66 17.30
CA GLY A 5 22.98 -12.41 15.88
C GLY A 5 21.84 -13.20 15.24
N MET A 6 20.81 -13.46 16.03
CA MET A 6 19.68 -14.26 15.57
C MET A 6 18.61 -13.40 14.92
N ALA A 7 17.88 -13.98 13.98
CA ALA A 7 16.76 -13.30 13.36
C ALA A 7 15.55 -13.34 14.27
N ASP A 8 15.49 -12.42 15.22
CA ASP A 8 14.44 -12.39 16.21
C ASP A 8 13.16 -11.82 15.62
N GLN A 9 12.12 -12.64 15.56
CA GLN A 9 10.86 -12.24 14.98
C GLN A 9 9.71 -12.52 15.93
N ARG A 10 9.18 -11.45 16.52
CA ARG A 10 8.08 -11.59 17.46
C ARG A 10 6.73 -11.48 16.75
N GLN A 11 6.74 -10.81 15.60
CA GLN A 11 5.55 -10.60 14.81
C GLN A 11 5.83 -10.88 13.35
N ARG A 12 4.83 -11.34 12.63
CA ARG A 12 4.95 -11.61 11.22
C ARG A 12 5.13 -10.32 10.44
N SER A 13 4.42 -9.28 10.87
CA SER A 13 4.44 -8.00 10.19
C SER A 13 5.75 -7.25 10.42
N LEU A 14 6.58 -7.73 11.34
CA LEU A 14 7.89 -7.12 11.56
C LEU A 14 8.99 -7.94 10.90
N SER A 15 8.66 -9.18 10.56
CA SER A 15 9.63 -10.10 9.96
C SER A 15 9.58 -9.98 8.44
N THR A 16 8.58 -9.28 7.94
CA THR A 16 8.42 -9.07 6.52
C THR A 16 9.37 -7.98 6.03
N SER A 17 9.43 -7.76 4.72
CA SER A 17 10.32 -6.75 4.15
C SER A 17 10.02 -5.36 4.72
N GLY A 18 8.74 -5.06 4.90
CA GLY A 18 8.35 -3.77 5.46
C GLY A 18 7.40 -3.02 4.54
N GLU A 19 7.24 -3.52 3.34
CA GLU A 19 6.36 -2.91 2.37
C GLU A 19 4.93 -3.35 2.61
N SER A 20 3.98 -2.46 2.39
CA SER A 20 2.57 -2.80 2.58
C SER A 20 1.79 -2.63 1.29
N LEU A 21 1.74 -1.41 0.77
CA LEU A 21 1.01 -1.10 -0.46
C LEU A 21 1.52 -1.94 -1.61
N TYR A 22 2.84 -1.92 -1.79
CA TYR A 22 3.49 -2.74 -2.83
C TYR A 22 3.03 -4.20 -2.73
N HIS A 23 2.94 -4.69 -1.51
CA HIS A 23 2.63 -6.10 -1.28
C HIS A 23 1.20 -6.43 -1.66
N VAL A 24 0.29 -5.45 -1.57
CA VAL A 24 -1.11 -5.69 -1.92
C VAL A 24 -1.24 -5.85 -3.44
N LEU A 25 -0.36 -5.16 -4.15
CA LEU A 25 -0.37 -5.15 -5.61
C LEU A 25 0.53 -6.24 -6.16
N GLY A 26 1.29 -6.87 -5.28
CA GLY A 26 2.15 -7.96 -5.67
C GLY A 26 3.39 -7.52 -6.42
N LEU A 27 3.64 -6.23 -6.45
CA LEU A 27 4.83 -5.70 -7.10
C LEU A 27 5.82 -5.20 -6.06
N ASP A 28 7.06 -5.03 -6.48
CA ASP A 28 8.09 -4.50 -5.61
C ASP A 28 8.26 -3.02 -5.81
N LYS A 29 9.23 -2.53 -5.10
CA LYS A 29 9.45 -1.13 -4.89
C LYS A 29 9.99 -0.46 -6.14
N ASN A 30 10.37 -1.28 -7.10
CA ASN A 30 11.04 -0.80 -8.29
C ASN A 30 10.05 -0.77 -9.44
N ALA A 31 8.79 -0.96 -9.09
CA ALA A 31 7.72 -0.79 -10.04
C ALA A 31 7.49 0.68 -10.31
N THR A 32 7.02 0.99 -11.49
CA THR A 32 6.74 2.36 -11.83
C THR A 32 5.23 2.54 -11.96
N SER A 33 4.79 3.78 -12.18
CA SER A 33 3.37 4.09 -12.31
C SER A 33 2.69 3.10 -13.24
N ASP A 34 3.40 2.69 -14.27
CA ASP A 34 2.89 1.77 -15.27
C ASP A 34 2.49 0.43 -14.65
N ASP A 35 3.26 -0.08 -13.69
CA ASP A 35 2.96 -1.40 -13.15
C ASP A 35 2.00 -1.27 -11.98
N ILE A 36 2.16 -0.18 -11.23
CA ILE A 36 1.32 0.09 -10.07
C ILE A 36 -0.14 0.29 -10.45
N LYS A 37 -0.37 0.88 -11.62
CA LYS A 37 -1.72 1.12 -12.08
C LYS A 37 -2.35 -0.14 -12.68
N LYS A 38 -1.57 -0.89 -13.47
CA LYS A 38 -2.07 -2.13 -14.06
C LYS A 38 -2.39 -3.17 -12.98
N SER A 39 -1.47 -3.34 -12.04
CA SER A 39 -1.69 -4.27 -10.94
C SER A 39 -2.97 -3.92 -10.21
N TYR A 40 -3.23 -2.63 -10.08
CA TYR A 40 -4.46 -2.15 -9.48
C TYR A 40 -5.65 -2.77 -10.19
N ARG A 41 -5.73 -2.56 -11.49
CA ARG A 41 -6.84 -3.08 -12.28
C ARG A 41 -6.98 -4.59 -12.08
N LYS A 42 -5.89 -5.30 -12.34
CA LYS A 42 -5.82 -6.76 -12.25
C LYS A 42 -6.43 -7.29 -10.95
N LEU A 43 -6.13 -6.62 -9.85
CA LEU A 43 -6.63 -7.06 -8.56
C LEU A 43 -7.97 -6.41 -8.20
N ALA A 44 -8.16 -5.19 -8.68
CA ALA A 44 -9.36 -4.40 -8.38
C ALA A 44 -10.66 -5.13 -8.71
N LEU A 45 -10.74 -5.73 -9.88
CA LEU A 45 -11.95 -6.48 -10.22
C LEU A 45 -11.97 -7.81 -9.49
N LYS A 46 -10.83 -8.47 -9.42
CA LYS A 46 -10.67 -9.72 -8.66
C LYS A 46 -11.23 -9.57 -7.24
N TYR A 47 -10.95 -8.44 -6.62
CA TYR A 47 -11.44 -8.17 -5.27
C TYR A 47 -12.55 -7.13 -5.28
N HIS A 48 -13.25 -7.03 -6.41
CA HIS A 48 -14.35 -6.08 -6.53
C HIS A 48 -15.46 -6.47 -5.56
N PRO A 49 -16.05 -5.48 -4.86
CA PRO A 49 -17.00 -5.68 -3.75
C PRO A 49 -18.08 -6.75 -3.99
N ASP A 50 -18.51 -6.92 -5.23
CA ASP A 50 -19.56 -7.88 -5.53
C ASP A 50 -19.04 -9.30 -5.44
N LYS A 51 -17.73 -9.45 -5.50
CA LYS A 51 -17.09 -10.76 -5.43
C LYS A 51 -16.91 -11.21 -3.99
N ASN A 52 -17.49 -10.47 -3.07
CA ASN A 52 -17.19 -10.65 -1.66
C ASN A 52 -18.36 -11.26 -0.94
N PRO A 53 -18.12 -12.38 -0.25
CA PRO A 53 -19.08 -12.97 0.67
C PRO A 53 -19.23 -12.14 1.94
N ASP A 54 -19.54 -12.82 3.02
CA ASP A 54 -19.80 -12.18 4.28
C ASP A 54 -18.53 -11.54 4.87
N ASN A 55 -17.38 -12.07 4.49
CA ASN A 55 -16.11 -11.54 4.94
C ASN A 55 -15.75 -10.24 4.19
N PRO A 56 -15.45 -9.17 4.92
CA PRO A 56 -15.03 -7.90 4.32
C PRO A 56 -13.54 -7.87 4.00
N GLU A 57 -12.95 -9.06 3.92
CA GLU A 57 -11.52 -9.20 3.68
C GLU A 57 -11.18 -8.74 2.29
N ALA A 58 -11.95 -9.23 1.34
CA ALA A 58 -11.75 -8.92 -0.06
C ALA A 58 -12.02 -7.43 -0.31
N ALA A 59 -12.87 -6.85 0.53
CA ALA A 59 -13.16 -5.43 0.45
C ALA A 59 -11.97 -4.62 0.97
N ASP A 60 -11.38 -5.12 2.06
CA ASP A 60 -10.17 -4.53 2.63
C ASP A 60 -9.06 -4.61 1.62
N LYS A 61 -9.02 -5.75 0.98
CA LYS A 61 -8.11 -6.01 -0.12
C LYS A 61 -8.27 -4.97 -1.21
N PHE A 62 -9.48 -4.86 -1.74
CA PHE A 62 -9.76 -3.83 -2.74
C PHE A 62 -9.32 -2.46 -2.24
N LYS A 63 -9.57 -2.21 -0.98
CA LYS A 63 -9.21 -0.96 -0.34
C LYS A 63 -7.70 -0.70 -0.44
N GLU A 64 -6.90 -1.70 -0.08
CA GLU A 64 -5.45 -1.57 -0.14
C GLU A 64 -4.94 -1.50 -1.58
N ILE A 65 -5.60 -2.22 -2.50
CA ILE A 65 -5.25 -2.12 -3.93
C ILE A 65 -5.50 -0.71 -4.40
N ASN A 66 -6.70 -0.23 -4.11
CA ASN A 66 -7.17 1.07 -4.55
C ASN A 66 -6.34 2.17 -3.92
N ASN A 67 -5.82 1.91 -2.73
CA ASN A 67 -4.94 2.85 -2.05
C ASN A 67 -3.56 2.83 -2.71
N ALA A 68 -2.94 1.65 -2.75
CA ALA A 68 -1.61 1.46 -3.32
C ALA A 68 -1.52 2.04 -4.73
N HIS A 69 -2.61 1.92 -5.48
CA HIS A 69 -2.70 2.48 -6.81
C HIS A 69 -2.28 3.95 -6.84
N ALA A 70 -2.65 4.69 -5.80
CA ALA A 70 -2.31 6.10 -5.72
C ALA A 70 -0.98 6.29 -4.99
N ILE A 71 -0.78 5.51 -3.94
CA ILE A 71 0.36 5.70 -3.05
C ILE A 71 1.70 5.62 -3.78
N LEU A 72 1.94 4.50 -4.45
CA LEU A 72 3.26 4.21 -4.99
C LEU A 72 3.64 5.14 -6.14
N THR A 73 2.64 5.76 -6.75
CA THR A 73 2.89 6.70 -7.84
C THR A 73 2.66 8.14 -7.36
N ASP A 74 2.50 8.31 -6.06
CA ASP A 74 2.39 9.64 -5.48
C ASP A 74 3.67 9.97 -4.73
N ALA A 75 4.14 11.20 -4.87
CA ALA A 75 5.38 11.61 -4.22
C ALA A 75 5.25 11.56 -2.70
N THR A 76 4.25 12.26 -2.18
CA THR A 76 4.10 12.42 -0.74
C THR A 76 3.55 11.16 -0.07
N LYS A 77 2.55 10.55 -0.67
CA LYS A 77 1.93 9.35 -0.09
C LYS A 77 2.97 8.24 0.05
N ARG A 78 3.94 8.25 -0.84
CA ARG A 78 5.03 7.29 -0.77
C ARG A 78 6.10 7.83 0.17
N ASN A 79 6.26 9.14 0.14
CA ASN A 79 7.21 9.84 0.99
C ASN A 79 7.01 9.47 2.46
N ILE A 80 5.85 9.79 3.03
CA ILE A 80 5.63 9.53 4.45
C ILE A 80 5.57 8.04 4.72
N TYR A 81 5.10 7.29 3.73
CA TYR A 81 5.03 5.83 3.81
C TYR A 81 6.42 5.27 4.11
N ASP A 82 7.40 5.76 3.37
CA ASP A 82 8.77 5.31 3.51
C ASP A 82 9.46 6.02 4.67
N LYS A 83 8.94 7.18 5.04
CA LYS A 83 9.49 7.97 6.13
C LYS A 83 9.04 7.44 7.49
N TYR A 84 7.73 7.43 7.70
CA TYR A 84 7.15 7.00 8.98
C TYR A 84 6.04 5.99 8.74
N GLY A 85 5.05 6.40 7.93
CA GLY A 85 4.04 5.47 7.47
C GLY A 85 2.84 5.35 8.38
N SER A 86 3.07 5.31 9.69
CA SER A 86 2.00 5.06 10.64
C SER A 86 0.93 6.14 10.58
N LEU A 87 1.28 7.36 11.00
CA LEU A 87 0.32 8.45 11.02
C LEU A 87 0.19 9.09 9.64
N GLY A 88 1.30 9.65 9.16
CA GLY A 88 1.31 10.47 7.95
C GLY A 88 0.56 9.87 6.77
N LEU A 89 0.62 8.57 6.62
CA LEU A 89 -0.03 7.90 5.50
C LEU A 89 -1.54 7.93 5.67
N TYR A 90 -2.01 7.42 6.80
CA TYR A 90 -3.43 7.28 7.06
C TYR A 90 -4.13 8.64 7.10
N VAL A 91 -3.44 9.64 7.64
CA VAL A 91 -4.01 10.97 7.76
C VAL A 91 -4.06 11.66 6.39
N ALA A 92 -3.03 11.47 5.58
CA ALA A 92 -2.99 12.12 4.26
C ALA A 92 -4.05 11.53 3.33
N GLU A 93 -4.34 10.26 3.51
CA GLU A 93 -5.35 9.59 2.71
C GLU A 93 -6.73 10.20 2.92
N GLN A 94 -7.17 10.21 4.17
CA GLN A 94 -8.52 10.61 4.50
C GLN A 94 -8.65 12.12 4.71
N PHE A 95 -7.62 12.72 5.29
CA PHE A 95 -7.66 14.15 5.59
C PHE A 95 -7.06 14.98 4.46
N GLY A 96 -6.07 14.43 3.76
CA GLY A 96 -5.44 15.16 2.69
C GLY A 96 -4.02 15.53 3.03
N GLU A 97 -3.10 15.26 2.12
CA GLU A 97 -1.67 15.42 2.38
C GLU A 97 -1.35 16.85 2.78
N GLU A 98 -1.84 17.79 2.00
CA GLU A 98 -1.59 19.20 2.25
C GLU A 98 -2.27 19.67 3.54
N ASN A 99 -3.23 18.88 3.99
CA ASN A 99 -3.99 19.21 5.18
C ASN A 99 -3.31 18.72 6.44
N VAL A 100 -2.72 17.53 6.35
CA VAL A 100 -2.10 16.83 7.50
C VAL A 100 -1.24 17.74 8.36
N ASN A 101 -0.65 18.77 7.76
CA ASN A 101 0.22 19.71 8.47
C ASN A 101 -0.52 20.36 9.64
N THR A 102 -1.85 20.25 9.63
CA THR A 102 -2.68 20.77 10.70
C THR A 102 -2.49 19.95 11.98
N TYR A 103 -2.40 18.64 11.82
CA TYR A 103 -2.23 17.74 12.95
C TYR A 103 -0.74 17.53 13.19
N PHE A 104 0.05 17.82 12.18
CA PHE A 104 1.49 17.77 12.29
C PHE A 104 2.04 19.10 12.78
N VAL A 105 3.34 19.28 12.62
CA VAL A 105 4.04 20.48 13.06
C VAL A 105 3.41 21.75 12.50
N MET A 1 15.84 6.83 -0.76
CA MET A 1 16.02 5.49 -1.37
C MET A 1 16.90 4.62 -0.48
N ARG A 2 16.70 3.31 -0.55
CA ARG A 2 17.52 2.38 0.22
C ARG A 2 18.57 1.76 -0.70
N SER A 3 19.70 1.40 -0.13
CA SER A 3 20.77 0.77 -0.89
C SER A 3 20.39 -0.66 -1.25
N PRO A 4 20.21 -0.97 -2.55
CA PRO A 4 19.85 -2.31 -3.01
C PRO A 4 20.97 -3.31 -2.76
N GLY A 5 20.60 -4.52 -2.38
CA GLY A 5 21.59 -5.54 -2.09
C GLY A 5 22.04 -5.50 -0.65
N MET A 6 21.13 -5.04 0.22
CA MET A 6 21.43 -4.88 1.64
C MET A 6 21.90 -6.19 2.27
N ALA A 7 23.06 -6.15 2.89
CA ALA A 7 23.65 -7.32 3.53
C ALA A 7 22.76 -7.81 4.68
N ASP A 8 22.44 -9.09 4.64
CA ASP A 8 21.59 -9.69 5.67
C ASP A 8 22.32 -9.77 7.00
N GLN A 9 21.62 -9.40 8.06
CA GLN A 9 22.19 -9.41 9.39
C GLN A 9 21.38 -10.34 10.28
N ARG A 10 21.73 -10.39 11.55
CA ARG A 10 20.97 -11.18 12.52
C ARG A 10 19.55 -10.65 12.69
N GLN A 11 19.36 -9.41 12.27
CA GLN A 11 18.05 -8.76 12.29
C GLN A 11 17.06 -9.51 11.41
N ARG A 12 15.85 -9.70 11.94
CA ARG A 12 14.79 -10.40 11.23
C ARG A 12 13.99 -9.44 10.36
N SER A 13 13.78 -8.23 10.85
CA SER A 13 12.91 -7.27 10.20
C SER A 13 13.44 -6.83 8.83
N LEU A 14 14.68 -7.20 8.52
CA LEU A 14 15.28 -6.83 7.25
C LEU A 14 14.96 -7.85 6.16
N SER A 15 14.37 -8.98 6.54
CA SER A 15 13.92 -9.97 5.57
C SER A 15 12.78 -9.37 4.76
N THR A 16 11.94 -8.63 5.46
CA THR A 16 10.90 -7.86 4.82
C THR A 16 11.47 -6.55 4.28
N SER A 17 11.03 -6.17 3.10
CA SER A 17 11.50 -4.97 2.43
C SER A 17 10.91 -3.72 3.07
N GLY A 18 9.90 -3.91 3.89
CA GLY A 18 9.21 -2.80 4.49
C GLY A 18 8.13 -2.28 3.59
N GLU A 19 7.66 -3.15 2.70
CA GLU A 19 6.65 -2.80 1.75
C GLU A 19 5.27 -3.20 2.28
N SER A 20 4.31 -2.32 2.11
CA SER A 20 2.94 -2.61 2.49
C SER A 20 2.02 -2.52 1.28
N LEU A 21 1.97 -1.32 0.68
CA LEU A 21 1.14 -1.07 -0.49
C LEU A 21 1.59 -1.96 -1.65
N TYR A 22 2.89 -1.99 -1.89
CA TYR A 22 3.48 -2.86 -2.92
C TYR A 22 3.01 -4.30 -2.74
N HIS A 23 2.92 -4.73 -1.49
CA HIS A 23 2.62 -6.12 -1.17
C HIS A 23 1.16 -6.47 -1.52
N VAL A 24 0.27 -5.48 -1.43
CA VAL A 24 -1.14 -5.70 -1.76
C VAL A 24 -1.30 -5.92 -3.25
N LEU A 25 -0.45 -5.26 -4.02
CA LEU A 25 -0.52 -5.29 -5.47
C LEU A 25 0.31 -6.45 -6.01
N GLY A 26 1.33 -6.82 -5.27
CA GLY A 26 2.15 -7.94 -5.64
C GLY A 26 3.37 -7.54 -6.45
N LEU A 27 3.66 -6.25 -6.48
CA LEU A 27 4.82 -5.74 -7.19
C LEU A 27 5.89 -5.32 -6.20
N ASP A 28 7.12 -5.14 -6.69
CA ASP A 28 8.22 -4.73 -5.84
C ASP A 28 8.29 -3.21 -5.79
N LYS A 29 9.33 -2.71 -5.17
CA LYS A 29 9.42 -1.30 -4.81
C LYS A 29 9.94 -0.47 -5.96
N ASN A 30 10.34 -1.14 -7.02
CA ASN A 30 10.94 -0.50 -8.16
C ASN A 30 9.95 -0.36 -9.30
N ALA A 31 8.75 -0.86 -9.06
CA ALA A 31 7.66 -0.71 -10.00
C ALA A 31 7.38 0.76 -10.26
N THR A 32 6.94 1.06 -11.46
CA THR A 32 6.67 2.43 -11.84
C THR A 32 5.17 2.63 -11.99
N SER A 33 4.75 3.85 -12.33
CA SER A 33 3.35 4.18 -12.50
C SER A 33 2.66 3.12 -13.36
N ASP A 34 3.39 2.64 -14.35
CA ASP A 34 2.91 1.61 -15.26
C ASP A 34 2.43 0.37 -14.50
N ASP A 35 3.30 -0.22 -13.68
CA ASP A 35 2.98 -1.51 -13.09
C ASP A 35 2.02 -1.34 -11.93
N ILE A 36 2.17 -0.23 -11.22
CA ILE A 36 1.33 0.06 -10.06
C ILE A 36 -0.14 0.25 -10.44
N LYS A 37 -0.38 0.92 -11.56
CA LYS A 37 -1.75 1.19 -11.98
C LYS A 37 -2.39 -0.05 -12.60
N LYS A 38 -1.64 -0.76 -13.43
CA LYS A 38 -2.14 -2.02 -14.00
C LYS A 38 -2.41 -3.03 -12.90
N SER A 39 -1.47 -3.15 -11.96
CA SER A 39 -1.61 -4.04 -10.83
C SER A 39 -2.91 -3.76 -10.07
N TYR A 40 -3.25 -2.47 -9.97
CA TYR A 40 -4.50 -2.08 -9.36
C TYR A 40 -5.66 -2.76 -10.07
N ARG A 41 -5.76 -2.54 -11.38
CA ARG A 41 -6.85 -3.07 -12.17
C ARG A 41 -6.95 -4.58 -12.01
N LYS A 42 -5.85 -5.26 -12.28
CA LYS A 42 -5.78 -6.72 -12.25
C LYS A 42 -6.38 -7.32 -10.99
N LEU A 43 -6.13 -6.67 -9.86
CA LEU A 43 -6.65 -7.14 -8.59
C LEU A 43 -8.01 -6.52 -8.27
N ALA A 44 -8.21 -5.29 -8.71
CA ALA A 44 -9.43 -4.53 -8.44
C ALA A 44 -10.70 -5.26 -8.86
N LEU A 45 -10.70 -5.85 -10.06
CA LEU A 45 -11.90 -6.58 -10.48
C LEU A 45 -11.97 -7.93 -9.78
N LYS A 46 -10.83 -8.58 -9.64
CA LYS A 46 -10.74 -9.81 -8.86
C LYS A 46 -11.37 -9.64 -7.47
N TYR A 47 -11.02 -8.55 -6.81
CA TYR A 47 -11.56 -8.23 -5.50
C TYR A 47 -12.73 -7.25 -5.62
N HIS A 48 -13.37 -7.23 -6.78
CA HIS A 48 -14.52 -6.36 -6.98
C HIS A 48 -15.68 -6.87 -6.13
N PRO A 49 -16.33 -5.96 -5.39
CA PRO A 49 -17.26 -6.26 -4.29
C PRO A 49 -18.09 -7.53 -4.48
N ASP A 50 -18.71 -7.66 -5.64
CA ASP A 50 -19.70 -8.71 -5.83
C ASP A 50 -19.08 -10.08 -6.05
N LYS A 51 -17.79 -10.13 -6.34
CA LYS A 51 -17.11 -11.42 -6.47
C LYS A 51 -16.88 -12.05 -5.11
N ASN A 52 -17.01 -11.21 -4.10
CA ASN A 52 -16.59 -11.54 -2.76
C ASN A 52 -17.79 -11.70 -1.83
N PRO A 53 -17.64 -12.42 -0.72
CA PRO A 53 -18.71 -12.58 0.26
C PRO A 53 -19.04 -11.29 0.99
N ASP A 54 -19.74 -11.44 2.10
CA ASP A 54 -20.20 -10.31 2.88
C ASP A 54 -19.07 -9.69 3.68
N ASN A 55 -18.10 -10.54 4.02
CA ASN A 55 -16.96 -10.15 4.86
C ASN A 55 -16.24 -8.92 4.30
N PRO A 56 -15.87 -7.98 5.17
CA PRO A 56 -15.16 -6.75 4.78
C PRO A 56 -13.68 -7.00 4.49
N GLU A 57 -13.29 -8.26 4.49
CA GLU A 57 -11.91 -8.65 4.24
C GLU A 57 -11.53 -8.30 2.81
N ALA A 58 -12.38 -8.73 1.90
CA ALA A 58 -12.17 -8.51 0.49
C ALA A 58 -12.29 -7.03 0.15
N ALA A 59 -13.14 -6.34 0.92
CA ALA A 59 -13.29 -4.90 0.78
C ALA A 59 -12.01 -4.18 1.22
N ASP A 60 -11.43 -4.67 2.32
CA ASP A 60 -10.16 -4.18 2.82
C ASP A 60 -9.08 -4.36 1.78
N LYS A 61 -9.09 -5.55 1.21
CA LYS A 61 -8.20 -5.91 0.13
C LYS A 61 -8.32 -4.95 -1.04
N PHE A 62 -9.54 -4.82 -1.54
CA PHE A 62 -9.81 -3.85 -2.60
C PHE A 62 -9.33 -2.45 -2.18
N LYS A 63 -9.54 -2.14 -0.92
CA LYS A 63 -9.15 -0.85 -0.35
C LYS A 63 -7.64 -0.63 -0.43
N GLU A 64 -6.86 -1.66 -0.10
CA GLU A 64 -5.41 -1.54 -0.16
C GLU A 64 -4.91 -1.52 -1.61
N ILE A 65 -5.57 -2.26 -2.49
CA ILE A 65 -5.27 -2.19 -3.93
C ILE A 65 -5.47 -0.76 -4.42
N ASN A 66 -6.63 -0.23 -4.06
CA ASN A 66 -7.04 1.11 -4.46
C ASN A 66 -6.08 2.14 -3.89
N ASN A 67 -5.67 1.95 -2.64
CA ASN A 67 -4.75 2.87 -1.99
C ASN A 67 -3.39 2.83 -2.65
N ALA A 68 -2.81 1.63 -2.73
CA ALA A 68 -1.50 1.43 -3.35
C ALA A 68 -1.46 2.02 -4.76
N HIS A 69 -2.58 1.92 -5.45
CA HIS A 69 -2.74 2.49 -6.79
C HIS A 69 -2.34 3.96 -6.80
N ALA A 70 -2.66 4.68 -5.73
CA ALA A 70 -2.35 6.09 -5.64
C ALA A 70 -1.00 6.30 -4.98
N ILE A 71 -0.75 5.56 -3.91
CA ILE A 71 0.43 5.78 -3.07
C ILE A 71 1.73 5.69 -3.85
N LEU A 72 1.94 4.57 -4.53
CA LEU A 72 3.25 4.28 -5.11
C LEU A 72 3.57 5.20 -6.30
N THR A 73 2.56 5.61 -7.03
CA THR A 73 2.78 6.50 -8.16
C THR A 73 2.63 7.96 -7.74
N ASP A 74 2.36 8.18 -6.47
CA ASP A 74 2.34 9.52 -5.91
C ASP A 74 3.69 9.81 -5.28
N ALA A 75 4.24 10.97 -5.56
CA ALA A 75 5.56 11.32 -5.05
C ALA A 75 5.56 11.43 -3.54
N THR A 76 4.52 12.04 -3.00
CA THR A 76 4.47 12.36 -1.58
C THR A 76 4.02 11.17 -0.74
N LYS A 77 2.91 10.54 -1.14
CA LYS A 77 2.37 9.41 -0.37
C LYS A 77 3.33 8.24 -0.36
N ARG A 78 4.21 8.20 -1.34
CA ARG A 78 5.27 7.20 -1.37
C ARG A 78 6.48 7.72 -0.61
N ASN A 79 6.67 9.03 -0.67
CA ASN A 79 7.71 9.73 0.07
C ASN A 79 7.60 9.46 1.57
N ILE A 80 6.56 10.00 2.21
CA ILE A 80 6.45 9.92 3.67
C ILE A 80 6.35 8.46 4.11
N TYR A 81 5.79 7.63 3.25
CA TYR A 81 5.63 6.20 3.49
C TYR A 81 6.97 5.57 3.88
N ASP A 82 8.01 5.97 3.16
CA ASP A 82 9.35 5.43 3.39
C ASP A 82 10.06 6.23 4.47
N LYS A 83 9.72 7.52 4.58
CA LYS A 83 10.37 8.40 5.54
C LYS A 83 9.92 8.11 6.98
N TYR A 84 8.61 8.25 7.22
CA TYR A 84 8.06 8.05 8.56
C TYR A 84 6.85 7.14 8.49
N GLY A 85 5.90 7.49 7.63
CA GLY A 85 4.79 6.59 7.34
C GLY A 85 3.61 6.74 8.28
N SER A 86 3.90 6.91 9.56
CA SER A 86 2.86 6.93 10.59
C SER A 86 1.75 7.93 10.28
N LEU A 87 2.08 9.22 10.29
CA LEU A 87 1.08 10.26 10.09
C LEU A 87 0.86 10.56 8.61
N GLY A 88 1.93 10.98 7.96
CA GLY A 88 1.86 11.50 6.59
C GLY A 88 1.02 10.69 5.62
N LEU A 89 1.09 9.37 5.71
CA LEU A 89 0.37 8.52 4.79
C LEU A 89 -1.14 8.62 5.03
N TYR A 90 -1.54 8.46 6.28
CA TYR A 90 -2.95 8.44 6.66
C TYR A 90 -3.60 9.82 6.42
N VAL A 91 -2.88 10.89 6.73
CA VAL A 91 -3.40 12.22 6.59
C VAL A 91 -3.47 12.62 5.11
N ALA A 92 -2.54 12.12 4.31
CA ALA A 92 -2.53 12.41 2.89
C ALA A 92 -3.69 11.73 2.18
N GLU A 93 -4.14 10.61 2.73
CA GLU A 93 -5.30 9.90 2.20
C GLU A 93 -6.55 10.75 2.30
N GLN A 94 -6.81 11.26 3.51
CA GLN A 94 -8.06 11.96 3.77
C GLN A 94 -7.96 13.45 3.43
N PHE A 95 -6.80 14.05 3.71
CA PHE A 95 -6.63 15.48 3.52
C PHE A 95 -5.97 15.81 2.18
N GLY A 96 -5.10 14.93 1.71
CA GLY A 96 -4.36 15.21 0.50
C GLY A 96 -2.93 15.58 0.81
N GLU A 97 -1.99 14.94 0.13
CA GLU A 97 -0.57 15.05 0.45
C GLU A 97 -0.10 16.50 0.44
N GLU A 98 -0.39 17.19 -0.65
CA GLU A 98 -0.01 18.58 -0.79
C GLU A 98 -0.65 19.46 0.29
N ASN A 99 -1.73 18.96 0.86
CA ASN A 99 -2.49 19.69 1.86
C ASN A 99 -1.95 19.44 3.25
N VAL A 100 -1.60 18.19 3.53
CA VAL A 100 -1.10 17.75 4.85
C VAL A 100 -0.06 18.72 5.42
N ASN A 101 0.67 19.39 4.55
CA ASN A 101 1.69 20.36 4.92
C ASN A 101 1.09 21.45 5.84
N THR A 102 -0.24 21.51 5.88
CA THR A 102 -0.95 22.45 6.74
C THR A 102 -0.85 22.02 8.20
N TYR A 103 -0.98 20.72 8.43
CA TYR A 103 -0.89 20.16 9.78
C TYR A 103 0.56 19.84 10.10
N PHE A 104 1.35 19.70 9.05
CA PHE A 104 2.78 19.48 9.18
C PHE A 104 3.50 20.81 9.36
N VAL A 105 4.82 20.76 9.20
CA VAL A 105 5.68 21.92 9.29
C VAL A 105 5.22 23.07 8.38
N MET A 1 3.25 -22.97 21.73
CA MET A 1 4.36 -21.98 21.78
C MET A 1 5.69 -22.62 21.38
N ARG A 2 5.68 -23.95 21.25
CA ARG A 2 6.86 -24.72 20.82
C ARG A 2 7.92 -24.81 21.91
N SER A 3 8.49 -23.68 22.29
CA SER A 3 9.54 -23.67 23.30
C SER A 3 9.01 -23.12 24.63
N PRO A 4 9.22 -23.86 25.72
CA PRO A 4 8.73 -23.48 27.05
C PRO A 4 9.45 -22.24 27.60
N GLY A 5 8.71 -21.17 27.79
CA GLY A 5 9.28 -19.95 28.34
C GLY A 5 9.87 -19.07 27.26
N MET A 6 9.52 -19.33 26.02
CA MET A 6 10.01 -18.52 24.90
C MET A 6 8.94 -17.51 24.49
N ALA A 7 9.38 -16.32 24.12
CA ALA A 7 8.48 -15.26 23.69
C ALA A 7 7.95 -15.52 22.28
N ASP A 8 6.64 -15.57 22.15
CA ASP A 8 6.00 -15.79 20.85
C ASP A 8 6.18 -14.58 19.95
N GLN A 9 6.47 -14.84 18.69
CA GLN A 9 6.81 -13.79 17.73
C GLN A 9 5.58 -13.23 17.03
N ARG A 10 5.20 -12.02 17.42
CA ARG A 10 4.03 -11.36 16.84
C ARG A 10 4.38 -9.94 16.41
N GLN A 11 5.66 -9.60 16.58
CA GLN A 11 6.16 -8.27 16.24
C GLN A 11 5.80 -7.85 14.82
N ARG A 12 5.52 -6.56 14.62
CA ARG A 12 5.13 -6.05 13.30
C ARG A 12 6.10 -6.49 12.23
N SER A 13 7.38 -6.32 12.53
CA SER A 13 8.44 -6.50 11.57
C SER A 13 8.44 -7.90 10.95
N LEU A 14 8.17 -8.89 11.79
CA LEU A 14 8.18 -10.28 11.35
C LEU A 14 6.82 -10.69 10.79
N SER A 15 5.78 -9.98 11.19
CA SER A 15 4.43 -10.30 10.75
C SER A 15 4.14 -9.69 9.38
N THR A 16 4.94 -8.71 8.99
CA THR A 16 4.78 -8.06 7.70
C THR A 16 6.02 -8.28 6.85
N SER A 17 5.88 -8.14 5.54
CA SER A 17 6.98 -8.34 4.62
C SER A 17 7.87 -7.09 4.57
N GLY A 18 7.47 -6.06 5.29
CA GLY A 18 8.22 -4.81 5.32
C GLY A 18 7.59 -3.76 4.43
N GLU A 19 7.16 -4.19 3.25
CA GLU A 19 6.41 -3.33 2.35
C GLU A 19 4.93 -3.67 2.47
N SER A 20 4.07 -2.68 2.32
CA SER A 20 2.65 -2.90 2.54
C SER A 20 1.84 -2.73 1.25
N LEU A 21 1.86 -1.51 0.69
CA LEU A 21 1.08 -1.23 -0.51
C LEU A 21 1.56 -2.06 -1.67
N TYR A 22 2.88 -2.09 -1.84
CA TYR A 22 3.51 -2.94 -2.84
C TYR A 22 3.07 -4.39 -2.69
N HIS A 23 2.94 -4.84 -1.44
CA HIS A 23 2.62 -6.23 -1.14
C HIS A 23 1.19 -6.57 -1.57
N VAL A 24 0.29 -5.59 -1.57
CA VAL A 24 -1.09 -5.83 -1.96
C VAL A 24 -1.18 -5.98 -3.47
N LEU A 25 -0.37 -5.20 -4.18
CA LEU A 25 -0.44 -5.14 -5.64
C LEU A 25 0.40 -6.24 -6.28
N GLY A 26 1.21 -6.89 -5.46
CA GLY A 26 2.02 -8.00 -5.94
C GLY A 26 3.24 -7.55 -6.70
N LEU A 27 3.57 -6.27 -6.58
CA LEU A 27 4.77 -5.73 -7.21
C LEU A 27 5.77 -5.30 -6.13
N ASP A 28 7.00 -5.11 -6.53
CA ASP A 28 8.04 -4.71 -5.59
C ASP A 28 8.22 -3.21 -5.61
N LYS A 29 9.19 -2.78 -4.83
CA LYS A 29 9.37 -1.37 -4.50
C LYS A 29 10.07 -0.61 -5.62
N ASN A 30 10.20 -1.25 -6.76
CA ASN A 30 10.88 -0.66 -7.89
C ASN A 30 9.92 -0.54 -9.06
N ALA A 31 8.65 -0.80 -8.77
CA ALA A 31 7.60 -0.66 -9.77
C ALA A 31 7.46 0.79 -10.18
N THR A 32 7.01 1.00 -11.39
CA THR A 32 6.78 2.35 -11.88
C THR A 32 5.28 2.59 -11.94
N SER A 33 4.88 3.82 -12.27
CA SER A 33 3.46 4.17 -12.34
C SER A 33 2.71 3.12 -13.15
N ASP A 34 3.31 2.71 -14.25
CA ASP A 34 2.74 1.69 -15.13
C ASP A 34 2.44 0.39 -14.38
N ASP A 35 3.38 -0.09 -13.58
CA ASP A 35 3.22 -1.37 -12.89
C ASP A 35 2.11 -1.25 -11.87
N ILE A 36 2.14 -0.14 -11.15
CA ILE A 36 1.22 0.13 -10.05
C ILE A 36 -0.23 0.24 -10.54
N LYS A 37 -0.44 0.94 -11.64
CA LYS A 37 -1.78 1.14 -12.17
C LYS A 37 -2.36 -0.17 -12.69
N LYS A 38 -1.58 -0.89 -13.51
CA LYS A 38 -2.05 -2.15 -14.08
C LYS A 38 -2.33 -3.18 -12.98
N SER A 39 -1.42 -3.27 -12.01
CA SER A 39 -1.61 -4.16 -10.87
C SER A 39 -2.91 -3.82 -10.14
N TYR A 40 -3.23 -2.54 -10.07
CA TYR A 40 -4.48 -2.11 -9.48
C TYR A 40 -5.64 -2.77 -10.21
N ARG A 41 -5.70 -2.57 -11.52
CA ARG A 41 -6.80 -3.11 -12.33
C ARG A 41 -6.92 -4.61 -12.13
N LYS A 42 -5.82 -5.31 -12.35
CA LYS A 42 -5.76 -6.78 -12.25
C LYS A 42 -6.39 -7.29 -10.95
N LEU A 43 -6.13 -6.60 -9.86
CA LEU A 43 -6.63 -7.03 -8.56
C LEU A 43 -7.98 -6.39 -8.23
N ALA A 44 -8.19 -5.18 -8.70
CA ALA A 44 -9.40 -4.40 -8.42
C ALA A 44 -10.68 -5.18 -8.71
N LEU A 45 -10.76 -5.82 -9.87
CA LEU A 45 -11.96 -6.60 -10.19
C LEU A 45 -11.93 -7.94 -9.48
N LYS A 46 -10.75 -8.50 -9.36
CA LYS A 46 -10.52 -9.73 -8.60
C LYS A 46 -11.04 -9.58 -7.16
N TYR A 47 -10.92 -8.39 -6.61
CA TYR A 47 -11.42 -8.11 -5.27
C TYR A 47 -12.51 -7.04 -5.29
N HIS A 48 -13.24 -6.95 -6.41
CA HIS A 48 -14.32 -5.99 -6.54
C HIS A 48 -15.44 -6.34 -5.57
N PRO A 49 -16.20 -5.36 -5.06
CA PRO A 49 -17.24 -5.56 -4.03
C PRO A 49 -18.08 -6.83 -4.19
N ASP A 50 -18.45 -7.19 -5.41
CA ASP A 50 -19.33 -8.32 -5.64
C ASP A 50 -18.58 -9.65 -5.55
N LYS A 51 -17.28 -9.58 -5.46
CA LYS A 51 -16.45 -10.77 -5.26
C LYS A 51 -16.46 -11.15 -3.78
N ASN A 52 -17.10 -10.31 -2.99
CA ASN A 52 -16.96 -10.38 -1.55
C ASN A 52 -18.20 -10.98 -0.91
N PRO A 53 -17.99 -11.94 0.00
CA PRO A 53 -19.02 -12.38 0.94
C PRO A 53 -19.34 -11.29 1.97
N ASP A 54 -19.82 -11.71 3.12
CA ASP A 54 -20.21 -10.79 4.16
C ASP A 54 -18.98 -10.16 4.82
N ASN A 55 -17.87 -10.87 4.78
CA ASN A 55 -16.63 -10.40 5.38
C ASN A 55 -16.09 -9.18 4.63
N PRO A 56 -15.55 -8.20 5.37
CA PRO A 56 -14.96 -7.00 4.78
C PRO A 56 -13.47 -7.17 4.48
N GLU A 57 -13.02 -8.42 4.45
CA GLU A 57 -11.61 -8.74 4.21
C GLU A 57 -11.23 -8.43 2.78
N ALA A 58 -12.03 -8.95 1.86
CA ALA A 58 -11.79 -8.74 0.46
C ALA A 58 -12.05 -7.28 0.09
N ALA A 59 -12.86 -6.63 0.91
CA ALA A 59 -13.09 -5.19 0.77
C ALA A 59 -11.87 -4.43 1.24
N ASP A 60 -11.30 -4.90 2.35
CA ASP A 60 -10.04 -4.38 2.86
C ASP A 60 -8.95 -4.57 1.83
N LYS A 61 -9.02 -5.69 1.11
CA LYS A 61 -8.15 -5.95 -0.01
C LYS A 61 -8.30 -4.90 -1.09
N PHE A 62 -9.51 -4.78 -1.62
CA PHE A 62 -9.79 -3.76 -2.64
C PHE A 62 -9.33 -2.39 -2.16
N LYS A 63 -9.54 -2.13 -0.89
CA LYS A 63 -9.14 -0.88 -0.27
C LYS A 63 -7.64 -0.62 -0.44
N GLU A 64 -6.82 -1.60 -0.10
CA GLU A 64 -5.37 -1.46 -0.20
C GLU A 64 -4.90 -1.47 -1.66
N ILE A 65 -5.60 -2.20 -2.54
CA ILE A 65 -5.32 -2.13 -3.97
C ILE A 65 -5.55 -0.72 -4.46
N ASN A 66 -6.75 -0.23 -4.17
CA ASN A 66 -7.19 1.08 -4.56
C ASN A 66 -6.34 2.15 -3.89
N ASN A 67 -5.82 1.81 -2.73
CA ASN A 67 -4.91 2.68 -1.99
C ASN A 67 -3.56 2.75 -2.70
N ALA A 68 -2.90 1.60 -2.81
CA ALA A 68 -1.57 1.50 -3.41
C ALA A 68 -1.55 2.10 -4.82
N HIS A 69 -2.66 1.97 -5.51
CA HIS A 69 -2.84 2.53 -6.85
C HIS A 69 -2.38 3.99 -6.93
N ALA A 70 -2.71 4.77 -5.92
CA ALA A 70 -2.32 6.16 -5.88
C ALA A 70 -0.99 6.35 -5.15
N ILE A 71 -0.83 5.59 -4.06
CA ILE A 71 0.30 5.76 -3.15
C ILE A 71 1.65 5.68 -3.86
N LEU A 72 1.89 4.59 -4.57
CA LEU A 72 3.22 4.30 -5.08
C LEU A 72 3.62 5.23 -6.22
N THR A 73 2.69 5.59 -7.09
CA THR A 73 2.99 6.48 -8.20
C THR A 73 3.03 7.93 -7.72
N ASP A 74 2.57 8.17 -6.50
CA ASP A 74 2.61 9.49 -5.92
C ASP A 74 3.93 9.68 -5.20
N ALA A 75 4.51 10.87 -5.34
CA ALA A 75 5.78 11.18 -4.73
C ALA A 75 5.67 11.23 -3.22
N THR A 76 4.61 11.88 -2.72
CA THR A 76 4.48 12.12 -1.29
C THR A 76 3.94 10.89 -0.56
N LYS A 77 2.84 10.32 -1.05
CA LYS A 77 2.22 9.18 -0.40
C LYS A 77 3.19 8.01 -0.30
N ARG A 78 4.12 7.95 -1.24
CA ARG A 78 5.15 6.92 -1.23
C ARG A 78 6.30 7.37 -0.34
N ASN A 79 6.56 8.67 -0.37
CA ASN A 79 7.60 9.28 0.43
C ASN A 79 7.39 9.01 1.92
N ILE A 80 6.31 9.54 2.49
CA ILE A 80 6.11 9.43 3.93
C ILE A 80 5.86 7.99 4.33
N TYR A 81 5.36 7.20 3.39
CA TYR A 81 5.12 5.78 3.61
C TYR A 81 6.40 5.07 4.04
N ASP A 82 7.47 5.38 3.34
CA ASP A 82 8.77 4.77 3.63
C ASP A 82 9.47 5.52 4.76
N LYS A 83 9.15 6.80 4.88
CA LYS A 83 9.76 7.63 5.91
C LYS A 83 9.17 7.32 7.29
N TYR A 84 7.87 7.54 7.45
CA TYR A 84 7.19 7.31 8.72
C TYR A 84 5.92 6.50 8.52
N GLY A 85 4.98 7.05 7.75
CA GLY A 85 3.78 6.31 7.37
C GLY A 85 2.64 6.46 8.36
N SER A 86 2.97 6.70 9.61
CA SER A 86 1.97 6.78 10.67
C SER A 86 1.00 7.94 10.48
N LEU A 87 1.51 9.15 10.61
CA LEU A 87 0.67 10.34 10.46
C LEU A 87 0.62 10.80 9.00
N GLY A 88 1.78 11.14 8.46
CA GLY A 88 1.87 11.78 7.14
C GLY A 88 1.06 11.09 6.06
N LEU A 89 0.93 9.77 6.14
CA LEU A 89 0.18 9.02 5.14
C LEU A 89 -1.32 9.18 5.38
N TYR A 90 -1.74 8.89 6.61
CA TYR A 90 -3.14 8.91 6.99
C TYR A 90 -3.76 10.30 6.79
N VAL A 91 -3.01 11.34 7.16
CA VAL A 91 -3.49 12.70 7.04
C VAL A 91 -3.50 13.13 5.57
N ALA A 92 -2.55 12.63 4.78
CA ALA A 92 -2.48 12.99 3.38
C ALA A 92 -3.59 12.34 2.57
N GLU A 93 -4.05 11.19 3.05
CA GLU A 93 -5.14 10.48 2.40
C GLU A 93 -6.46 11.22 2.63
N GLN A 94 -6.75 11.51 3.89
CA GLN A 94 -8.01 12.17 4.25
C GLN A 94 -7.97 13.66 3.93
N PHE A 95 -6.93 14.33 4.41
CA PHE A 95 -6.86 15.79 4.30
C PHE A 95 -6.20 16.23 3.00
N GLY A 96 -5.23 15.45 2.52
CA GLY A 96 -4.54 15.81 1.30
C GLY A 96 -3.11 16.18 1.57
N GLU A 97 -2.20 15.64 0.78
CA GLU A 97 -0.77 15.78 1.03
C GLU A 97 -0.33 17.23 0.92
N GLU A 98 -0.93 17.93 -0.02
CA GLU A 98 -0.64 19.34 -0.21
C GLU A 98 -1.18 20.15 0.98
N ASN A 99 -2.16 19.59 1.66
CA ASN A 99 -2.85 20.25 2.75
C ASN A 99 -2.18 19.98 4.08
N VAL A 100 -1.72 18.75 4.26
CA VAL A 100 -1.11 18.26 5.51
C VAL A 100 -0.16 19.26 6.18
N ASN A 101 0.46 20.12 5.38
CA ASN A 101 1.40 21.13 5.89
C ASN A 101 0.72 22.05 6.90
N THR A 102 -0.60 21.98 6.97
CA THR A 102 -1.38 22.73 7.93
C THR A 102 -1.25 22.11 9.33
N TYR A 103 -1.25 20.79 9.37
CA TYR A 103 -1.12 20.05 10.61
C TYR A 103 0.36 19.85 10.92
N PHE A 104 1.14 19.80 9.86
CA PHE A 104 2.59 19.71 9.97
C PHE A 104 3.20 21.09 10.17
N VAL A 105 4.51 21.16 10.00
CA VAL A 105 5.26 22.41 10.15
C VAL A 105 4.70 23.53 9.26
N MET A 1 -6.70 -18.73 19.73
CA MET A 1 -7.00 -19.34 18.41
C MET A 1 -6.21 -18.66 17.29
N ARG A 2 -5.45 -17.62 17.64
CA ARG A 2 -4.65 -16.90 16.66
C ARG A 2 -3.23 -16.76 17.15
N SER A 3 -2.41 -17.75 16.82
CA SER A 3 -1.02 -17.79 17.25
C SER A 3 -0.26 -16.57 16.75
N PRO A 4 0.28 -15.76 17.68
CA PRO A 4 1.03 -14.55 17.33
C PRO A 4 2.38 -14.86 16.73
N GLY A 5 2.79 -14.08 15.74
CA GLY A 5 4.06 -14.30 15.08
C GLY A 5 3.99 -15.43 14.07
N MET A 6 2.82 -15.62 13.48
CA MET A 6 2.64 -16.65 12.47
C MET A 6 2.93 -16.09 11.08
N ALA A 7 4.03 -16.52 10.50
CA ALA A 7 4.40 -16.12 9.16
C ALA A 7 4.99 -17.29 8.40
N ASP A 8 4.50 -17.53 7.20
CA ASP A 8 4.99 -18.63 6.39
C ASP A 8 6.19 -18.16 5.58
N GLN A 9 7.35 -18.65 5.94
CA GLN A 9 8.60 -18.16 5.37
C GLN A 9 9.21 -19.15 4.40
N ARG A 10 9.03 -18.89 3.10
CA ARG A 10 9.63 -19.72 2.06
C ARG A 10 10.78 -18.97 1.40
N GLN A 11 10.70 -17.65 1.42
CA GLN A 11 11.72 -16.79 0.85
C GLN A 11 11.95 -15.60 1.76
N ARG A 12 13.19 -15.15 1.84
CA ARG A 12 13.56 -14.02 2.67
C ARG A 12 12.76 -12.78 2.27
N SER A 13 12.59 -12.62 0.98
CA SER A 13 11.93 -11.46 0.42
C SER A 13 10.43 -11.44 0.70
N LEU A 14 9.81 -12.62 0.83
CA LEU A 14 8.37 -12.68 1.05
C LEU A 14 8.06 -12.65 2.55
N SER A 15 9.03 -13.06 3.36
CA SER A 15 8.85 -13.09 4.80
C SER A 15 9.09 -11.71 5.39
N THR A 16 10.20 -11.11 4.99
CA THR A 16 10.53 -9.77 5.42
C THR A 16 10.66 -8.86 4.20
N SER A 17 9.60 -8.12 3.91
CA SER A 17 9.60 -7.21 2.78
C SER A 17 9.79 -5.77 3.23
N GLY A 18 8.97 -5.34 4.18
CA GLY A 18 9.02 -3.96 4.65
C GLY A 18 7.95 -3.11 4.00
N GLU A 19 7.56 -3.48 2.79
CA GLU A 19 6.55 -2.74 2.04
C GLU A 19 5.15 -3.23 2.41
N SER A 20 4.18 -2.35 2.24
CA SER A 20 2.79 -2.67 2.54
C SER A 20 1.94 -2.55 1.28
N LEU A 21 1.88 -1.35 0.73
CA LEU A 21 1.09 -1.08 -0.48
C LEU A 21 1.58 -1.93 -1.65
N TYR A 22 2.89 -1.90 -1.86
CA TYR A 22 3.53 -2.72 -2.89
C TYR A 22 3.11 -4.20 -2.74
N HIS A 23 2.96 -4.65 -1.50
CA HIS A 23 2.66 -6.05 -1.22
C HIS A 23 1.24 -6.41 -1.65
N VAL A 24 0.33 -5.45 -1.59
CA VAL A 24 -1.07 -5.70 -1.93
C VAL A 24 -1.21 -5.86 -3.43
N LEU A 25 -0.37 -5.14 -4.17
CA LEU A 25 -0.46 -5.11 -5.62
C LEU A 25 0.40 -6.19 -6.25
N GLY A 26 1.22 -6.83 -5.43
CA GLY A 26 2.03 -7.93 -5.88
C GLY A 26 3.22 -7.49 -6.71
N LEU A 27 3.65 -6.26 -6.50
CA LEU A 27 4.83 -5.74 -7.19
C LEU A 27 5.88 -5.31 -6.16
N ASP A 28 7.12 -5.21 -6.60
CA ASP A 28 8.21 -4.80 -5.72
C ASP A 28 8.29 -3.29 -5.67
N LYS A 29 9.22 -2.79 -4.88
CA LYS A 29 9.39 -1.37 -4.67
C LYS A 29 10.18 -0.76 -5.83
N ASN A 30 10.32 -1.55 -6.90
CA ASN A 30 11.03 -1.12 -8.09
C ASN A 30 10.04 -0.89 -9.22
N ALA A 31 8.76 -0.98 -8.90
CA ALA A 31 7.71 -0.75 -9.88
C ALA A 31 7.51 0.73 -10.11
N THR A 32 6.97 1.06 -11.27
CA THR A 32 6.70 2.44 -11.60
C THR A 32 5.21 2.61 -11.85
N SER A 33 4.79 3.85 -12.13
CA SER A 33 3.37 4.17 -12.34
C SER A 33 2.70 3.15 -13.25
N ASP A 34 3.46 2.70 -14.24
CA ASP A 34 3.00 1.70 -15.19
C ASP A 34 2.50 0.44 -14.50
N ASP A 35 3.34 -0.18 -13.66
CA ASP A 35 3.00 -1.49 -13.11
C ASP A 35 2.02 -1.34 -11.97
N ILE A 36 2.16 -0.25 -11.24
CA ILE A 36 1.30 0.01 -10.09
C ILE A 36 -0.17 0.14 -10.49
N LYS A 37 -0.42 0.84 -11.58
CA LYS A 37 -1.77 1.08 -12.04
C LYS A 37 -2.37 -0.17 -12.70
N LYS A 38 -1.56 -0.90 -13.46
CA LYS A 38 -2.01 -2.16 -14.05
C LYS A 38 -2.35 -3.16 -12.95
N SER A 39 -1.47 -3.28 -11.97
CA SER A 39 -1.68 -4.18 -10.84
C SER A 39 -2.95 -3.83 -10.10
N TYR A 40 -3.28 -2.53 -10.04
CA TYR A 40 -4.55 -2.11 -9.48
C TYR A 40 -5.69 -2.78 -10.21
N ARG A 41 -5.78 -2.54 -11.51
CA ARG A 41 -6.83 -3.13 -12.34
C ARG A 41 -6.90 -4.64 -12.12
N LYS A 42 -5.78 -5.30 -12.35
CA LYS A 42 -5.69 -6.77 -12.24
C LYS A 42 -6.30 -7.31 -10.95
N LEU A 43 -6.07 -6.63 -9.85
CA LEU A 43 -6.60 -7.06 -8.56
C LEU A 43 -7.96 -6.45 -8.26
N ALA A 44 -8.17 -5.23 -8.75
CA ALA A 44 -9.39 -4.47 -8.49
C ALA A 44 -10.65 -5.24 -8.83
N LEU A 45 -10.72 -5.82 -10.02
CA LEU A 45 -11.90 -6.58 -10.39
C LEU A 45 -11.96 -7.88 -9.59
N LYS A 46 -10.81 -8.52 -9.44
CA LYS A 46 -10.67 -9.72 -8.62
C LYS A 46 -11.27 -9.53 -7.22
N TYR A 47 -11.09 -8.35 -6.66
CA TYR A 47 -11.63 -8.05 -5.34
C TYR A 47 -12.73 -6.98 -5.43
N HIS A 48 -13.37 -6.90 -6.59
CA HIS A 48 -14.40 -5.89 -6.80
C HIS A 48 -15.58 -6.14 -5.86
N PRO A 49 -16.16 -5.06 -5.30
CA PRO A 49 -17.17 -5.10 -4.23
C PRO A 49 -18.17 -6.24 -4.30
N ASP A 50 -18.66 -6.58 -5.49
CA ASP A 50 -19.69 -7.60 -5.62
C ASP A 50 -19.11 -9.00 -5.44
N LYS A 51 -17.80 -9.11 -5.56
CA LYS A 51 -17.12 -10.38 -5.35
C LYS A 51 -16.95 -10.65 -3.87
N ASN A 52 -17.45 -9.75 -3.06
CA ASN A 52 -17.15 -9.75 -1.64
C ASN A 52 -18.31 -10.32 -0.85
N PRO A 53 -18.02 -11.32 0.00
CA PRO A 53 -18.99 -11.84 0.94
C PRO A 53 -19.10 -10.96 2.17
N ASP A 54 -19.68 -11.50 3.21
CA ASP A 54 -19.90 -10.76 4.42
C ASP A 54 -18.59 -10.27 5.01
N ASN A 55 -17.57 -11.12 4.96
CA ASN A 55 -16.24 -10.75 5.45
C ASN A 55 -15.68 -9.58 4.65
N PRO A 56 -15.32 -8.49 5.34
CA PRO A 56 -14.79 -7.27 4.72
C PRO A 56 -13.32 -7.42 4.32
N GLU A 57 -12.86 -8.66 4.30
CA GLU A 57 -11.47 -8.98 3.99
C GLU A 57 -11.16 -8.55 2.57
N ALA A 58 -12.06 -8.88 1.67
CA ALA A 58 -11.91 -8.58 0.27
C ALA A 58 -12.06 -7.08 0.02
N ALA A 59 -12.86 -6.43 0.86
CA ALA A 59 -13.00 -4.98 0.82
C ALA A 59 -11.72 -4.34 1.35
N ASP A 60 -11.19 -4.92 2.42
CA ASP A 60 -9.89 -4.51 2.95
C ASP A 60 -8.83 -4.67 1.88
N LYS A 61 -8.93 -5.76 1.15
CA LYS A 61 -8.07 -6.03 0.01
C LYS A 61 -8.23 -4.97 -1.05
N PHE A 62 -9.45 -4.82 -1.54
CA PHE A 62 -9.75 -3.81 -2.54
C PHE A 62 -9.26 -2.45 -2.10
N LYS A 63 -9.50 -2.15 -0.84
CA LYS A 63 -9.07 -0.90 -0.23
C LYS A 63 -7.59 -0.67 -0.42
N GLU A 64 -6.78 -1.67 -0.07
CA GLU A 64 -5.34 -1.55 -0.21
C GLU A 64 -4.91 -1.52 -1.68
N ILE A 65 -5.65 -2.20 -2.56
CA ILE A 65 -5.38 -2.11 -4.00
C ILE A 65 -5.63 -0.67 -4.45
N ASN A 66 -6.81 -0.19 -4.12
CA ASN A 66 -7.26 1.14 -4.48
C ASN A 66 -6.35 2.20 -3.84
N ASN A 67 -5.84 1.86 -2.67
CA ASN A 67 -4.92 2.74 -1.94
C ASN A 67 -3.56 2.75 -2.64
N ALA A 68 -2.96 1.57 -2.77
CA ALA A 68 -1.63 1.44 -3.37
C ALA A 68 -1.59 1.99 -4.78
N HIS A 69 -2.72 1.89 -5.48
CA HIS A 69 -2.87 2.46 -6.82
C HIS A 69 -2.38 3.89 -6.88
N ALA A 70 -2.67 4.66 -5.83
CA ALA A 70 -2.27 6.04 -5.77
C ALA A 70 -0.90 6.18 -5.10
N ILE A 71 -0.77 5.58 -3.92
CA ILE A 71 0.42 5.73 -3.08
C ILE A 71 1.73 5.62 -3.85
N LEU A 72 1.91 4.54 -4.60
CA LEU A 72 3.21 4.24 -5.19
C LEU A 72 3.52 5.13 -6.40
N THR A 73 2.49 5.75 -6.96
CA THR A 73 2.70 6.64 -8.10
C THR A 73 2.47 8.10 -7.69
N ASP A 74 2.10 8.29 -6.44
CA ASP A 74 1.89 9.62 -5.90
C ASP A 74 3.14 10.07 -5.18
N ALA A 75 3.50 11.33 -5.39
CA ALA A 75 4.71 11.88 -4.82
C ALA A 75 4.65 11.92 -3.30
N THR A 76 3.52 12.34 -2.76
CA THR A 76 3.40 12.55 -1.32
C THR A 76 3.15 11.25 -0.57
N LYS A 77 2.17 10.47 -1.03
CA LYS A 77 1.81 9.24 -0.32
C LYS A 77 2.94 8.23 -0.35
N ARG A 78 3.81 8.33 -1.34
CA ARG A 78 4.99 7.50 -1.39
C ARG A 78 6.08 8.13 -0.54
N ASN A 79 6.09 9.45 -0.55
CA ASN A 79 7.02 10.24 0.23
C ASN A 79 6.94 9.88 1.71
N ILE A 80 5.81 10.19 2.37
CA ILE A 80 5.71 9.98 3.80
C ILE A 80 5.75 8.49 4.14
N TYR A 81 5.35 7.66 3.19
CA TYR A 81 5.39 6.21 3.37
C TYR A 81 6.83 5.78 3.67
N ASP A 82 7.76 6.36 2.95
CA ASP A 82 9.17 6.03 3.11
C ASP A 82 9.81 6.88 4.21
N LYS A 83 9.22 8.03 4.47
CA LYS A 83 9.74 8.95 5.47
C LYS A 83 9.31 8.58 6.89
N TYR A 84 8.00 8.57 7.11
CA TYR A 84 7.45 8.35 8.44
C TYR A 84 6.50 7.16 8.45
N GLY A 85 5.45 7.26 7.65
CA GLY A 85 4.57 6.13 7.40
C GLY A 85 3.40 5.99 8.36
N SER A 86 3.63 6.22 9.65
CA SER A 86 2.59 6.00 10.65
C SER A 86 1.44 6.98 10.50
N LEU A 87 1.70 8.24 10.77
CA LEU A 87 0.67 9.27 10.70
C LEU A 87 0.50 9.73 9.26
N GLY A 88 1.61 10.13 8.65
CA GLY A 88 1.59 10.78 7.34
C GLY A 88 0.75 10.10 6.28
N LEU A 89 0.80 8.78 6.23
CA LEU A 89 0.12 8.04 5.15
C LEU A 89 -1.39 8.07 5.33
N TYR A 90 -1.84 8.04 6.58
CA TYR A 90 -3.26 8.03 6.89
C TYR A 90 -3.86 9.43 6.80
N VAL A 91 -3.12 10.41 7.28
CA VAL A 91 -3.60 11.79 7.34
C VAL A 91 -3.71 12.40 5.93
N ALA A 92 -2.79 12.06 5.05
CA ALA A 92 -2.76 12.64 3.72
C ALA A 92 -4.06 12.38 2.96
N GLU A 93 -4.59 11.18 3.10
CA GLU A 93 -5.79 10.77 2.36
C GLU A 93 -6.94 11.74 2.55
N GLN A 94 -7.35 11.93 3.80
CA GLN A 94 -8.53 12.74 4.10
C GLN A 94 -8.19 14.21 4.32
N PHE A 95 -6.93 14.52 4.63
CA PHE A 95 -6.55 15.90 4.89
C PHE A 95 -5.99 16.59 3.64
N GLY A 96 -5.42 15.84 2.71
CA GLY A 96 -5.06 16.43 1.44
C GLY A 96 -3.57 16.51 1.21
N GLU A 97 -2.83 15.61 1.85
CA GLU A 97 -1.39 15.37 1.57
C GLU A 97 -0.51 16.54 1.99
N GLU A 98 -0.72 17.69 1.39
CA GLU A 98 0.08 18.87 1.72
C GLU A 98 -0.39 19.49 3.02
N ASN A 99 -1.69 19.36 3.26
CA ASN A 99 -2.33 19.94 4.42
C ASN A 99 -1.81 19.35 5.72
N VAL A 100 -1.46 18.08 5.66
CA VAL A 100 -0.93 17.31 6.80
C VAL A 100 0.12 18.08 7.57
N ASN A 101 0.83 18.97 6.88
CA ASN A 101 1.88 19.81 7.48
C ASN A 101 1.35 20.57 8.70
N THR A 102 0.03 20.70 8.78
CA THR A 102 -0.62 21.35 9.91
C THR A 102 -0.43 20.55 11.20
N TYR A 103 -0.46 19.23 11.09
CA TYR A 103 -0.25 18.36 12.23
C TYR A 103 1.22 18.03 12.37
N PHE A 104 1.95 18.27 11.30
CA PHE A 104 3.39 18.02 11.28
C PHE A 104 4.15 19.29 11.61
N VAL A 105 5.43 19.31 11.26
CA VAL A 105 6.28 20.47 11.50
C VAL A 105 5.68 21.76 10.94
N MET A 1 -9.29 -8.31 17.02
CA MET A 1 -9.42 -9.79 16.99
C MET A 1 -9.28 -10.31 15.56
N ARG A 2 -10.27 -10.04 14.73
CA ARG A 2 -10.23 -10.47 13.34
C ARG A 2 -9.63 -9.36 12.48
N SER A 3 -8.46 -9.62 11.92
CA SER A 3 -7.83 -8.66 11.05
C SER A 3 -7.93 -9.10 9.59
N PRO A 4 -8.92 -8.57 8.84
CA PRO A 4 -9.16 -8.95 7.45
C PRO A 4 -8.00 -8.57 6.56
N GLY A 5 -7.41 -9.57 5.90
CA GLY A 5 -6.27 -9.32 5.03
C GLY A 5 -5.03 -9.99 5.55
N MET A 6 -5.09 -10.51 6.77
CA MET A 6 -3.98 -11.25 7.33
C MET A 6 -4.15 -12.74 7.08
N ALA A 7 -3.30 -13.27 6.22
CA ALA A 7 -3.41 -14.66 5.82
C ALA A 7 -2.31 -15.50 6.44
N ASP A 8 -2.67 -16.32 7.42
CA ASP A 8 -1.72 -17.20 8.08
C ASP A 8 -1.41 -18.41 7.21
N GLN A 9 -0.15 -18.83 7.25
CA GLN A 9 0.32 -19.97 6.48
C GLN A 9 1.51 -20.60 7.19
N ARG A 10 2.11 -21.62 6.61
CA ARG A 10 3.22 -22.31 7.26
C ARG A 10 4.42 -21.37 7.38
N GLN A 11 4.68 -20.58 6.34
CA GLN A 11 5.68 -19.54 6.40
C GLN A 11 5.04 -18.17 6.33
N ARG A 12 4.78 -17.57 7.48
CA ARG A 12 4.08 -16.29 7.55
C ARG A 12 5.05 -15.15 7.40
N SER A 13 6.07 -15.18 8.23
CA SER A 13 6.90 -14.03 8.46
C SER A 13 7.70 -13.61 7.22
N LEU A 14 7.89 -14.52 6.28
CA LEU A 14 8.64 -14.21 5.07
C LEU A 14 7.77 -13.54 4.01
N SER A 15 6.47 -13.52 4.26
CA SER A 15 5.54 -12.86 3.34
C SER A 15 5.38 -11.39 3.71
N THR A 16 5.99 -11.01 4.83
CA THR A 16 6.01 -9.63 5.26
C THR A 16 7.44 -9.09 5.22
N SER A 17 7.75 -8.35 4.16
CA SER A 17 9.10 -7.85 3.94
C SER A 17 9.28 -6.44 4.51
N GLY A 18 8.18 -5.85 4.95
CA GLY A 18 8.23 -4.51 5.48
C GLY A 18 7.42 -3.55 4.64
N GLU A 19 7.29 -3.86 3.36
CA GLU A 19 6.49 -3.06 2.45
C GLU A 19 5.02 -3.45 2.60
N SER A 20 4.13 -2.50 2.37
CA SER A 20 2.72 -2.72 2.62
C SER A 20 1.88 -2.57 1.35
N LEU A 21 1.89 -1.36 0.77
CA LEU A 21 1.10 -1.09 -0.43
C LEU A 21 1.57 -1.94 -1.59
N TYR A 22 2.87 -1.97 -1.79
CA TYR A 22 3.49 -2.82 -2.80
C TYR A 22 3.04 -4.28 -2.63
N HIS A 23 2.94 -4.69 -1.38
CA HIS A 23 2.55 -6.05 -1.02
C HIS A 23 1.15 -6.39 -1.55
N VAL A 24 0.24 -5.42 -1.46
CA VAL A 24 -1.15 -5.64 -1.86
C VAL A 24 -1.24 -5.83 -3.36
N LEU A 25 -0.35 -5.15 -4.08
CA LEU A 25 -0.36 -5.18 -5.54
C LEU A 25 0.53 -6.30 -6.07
N GLY A 26 1.28 -6.90 -5.17
CA GLY A 26 2.12 -8.02 -5.53
C GLY A 26 3.36 -7.63 -6.31
N LEU A 27 3.64 -6.34 -6.40
CA LEU A 27 4.82 -5.86 -7.10
C LEU A 27 5.85 -5.33 -6.11
N ASP A 28 7.08 -5.18 -6.57
CA ASP A 28 8.16 -4.68 -5.74
C ASP A 28 8.15 -3.18 -5.69
N LYS A 29 9.04 -2.64 -4.87
CA LYS A 29 9.10 -1.20 -4.63
C LYS A 29 9.84 -0.50 -5.75
N ASN A 30 10.02 -1.23 -6.83
CA ASN A 30 10.74 -0.74 -7.98
C ASN A 30 9.83 -0.77 -9.19
N ALA A 31 8.55 -1.02 -8.94
CA ALA A 31 7.54 -0.92 -9.98
C ALA A 31 7.34 0.53 -10.34
N THR A 32 7.07 0.79 -11.59
CA THR A 32 6.84 2.14 -12.05
C THR A 32 5.35 2.44 -11.99
N SER A 33 4.98 3.71 -12.14
CA SER A 33 3.59 4.12 -12.08
C SER A 33 2.72 3.20 -12.94
N ASP A 34 3.25 2.83 -14.08
CA ASP A 34 2.56 1.96 -15.02
C ASP A 34 2.15 0.63 -14.38
N ASP A 35 3.07 -0.04 -13.69
CA ASP A 35 2.79 -1.38 -13.20
C ASP A 35 1.87 -1.31 -11.99
N ILE A 36 2.05 -0.24 -11.23
CA ILE A 36 1.21 0.03 -10.06
C ILE A 36 -0.25 0.25 -10.48
N LYS A 37 -0.43 0.95 -11.59
CA LYS A 37 -1.77 1.22 -12.10
C LYS A 37 -2.40 -0.04 -12.71
N LYS A 38 -1.63 -0.77 -13.52
CA LYS A 38 -2.14 -1.98 -14.14
C LYS A 38 -2.42 -3.05 -13.09
N SER A 39 -1.47 -3.27 -12.18
CA SER A 39 -1.64 -4.25 -11.13
C SER A 39 -2.84 -3.90 -10.27
N TYR A 40 -3.12 -2.60 -10.17
CA TYR A 40 -4.32 -2.14 -9.50
C TYR A 40 -5.55 -2.75 -10.15
N ARG A 41 -5.70 -2.51 -11.44
CA ARG A 41 -6.87 -2.99 -12.18
C ARG A 41 -7.01 -4.50 -12.04
N LYS A 42 -5.95 -5.20 -12.38
CA LYS A 42 -5.90 -6.66 -12.34
C LYS A 42 -6.45 -7.23 -11.04
N LEU A 43 -6.10 -6.59 -9.93
CA LEU A 43 -6.57 -7.05 -8.63
C LEU A 43 -7.90 -6.39 -8.24
N ALA A 44 -8.09 -5.17 -8.71
CA ALA A 44 -9.29 -4.37 -8.40
C ALA A 44 -10.59 -5.11 -8.66
N LEU A 45 -10.72 -5.72 -9.83
CA LEU A 45 -11.94 -6.47 -10.13
C LEU A 45 -11.94 -7.81 -9.43
N LYS A 46 -10.79 -8.47 -9.42
CA LYS A 46 -10.59 -9.72 -8.70
C LYS A 46 -11.08 -9.61 -7.25
N TYR A 47 -10.81 -8.47 -6.63
CA TYR A 47 -11.24 -8.22 -5.27
C TYR A 47 -12.34 -7.16 -5.23
N HIS A 48 -13.12 -7.08 -6.30
CA HIS A 48 -14.25 -6.17 -6.35
C HIS A 48 -15.27 -6.59 -5.31
N PRO A 49 -15.89 -5.62 -4.62
CA PRO A 49 -16.75 -5.83 -3.44
C PRO A 49 -17.77 -6.94 -3.59
N ASP A 50 -18.18 -7.17 -4.82
CA ASP A 50 -19.25 -8.08 -5.13
C ASP A 50 -18.75 -9.52 -5.10
N LYS A 51 -17.44 -9.68 -5.19
CA LYS A 51 -16.82 -11.00 -5.23
C LYS A 51 -16.56 -11.53 -3.83
N ASN A 52 -17.17 -10.90 -2.84
CA ASN A 52 -16.78 -11.10 -1.47
C ASN A 52 -17.85 -11.85 -0.70
N PRO A 53 -17.44 -12.84 0.09
CA PRO A 53 -18.31 -13.48 1.08
C PRO A 53 -18.64 -12.55 2.24
N ASP A 54 -18.99 -13.14 3.36
CA ASP A 54 -19.38 -12.40 4.53
C ASP A 54 -18.22 -11.58 5.10
N ASN A 55 -17.02 -12.07 4.89
CA ASN A 55 -15.82 -11.40 5.36
C ASN A 55 -15.51 -10.15 4.53
N PRO A 56 -15.20 -9.03 5.19
CA PRO A 56 -14.83 -7.79 4.51
C PRO A 56 -13.36 -7.78 4.10
N GLU A 57 -12.75 -8.96 4.05
CA GLU A 57 -11.32 -9.11 3.78
C GLU A 57 -10.99 -8.68 2.37
N ALA A 58 -11.76 -9.21 1.44
CA ALA A 58 -11.55 -8.90 0.04
C ALA A 58 -11.88 -7.44 -0.24
N ALA A 59 -12.75 -6.87 0.60
CA ALA A 59 -13.05 -5.45 0.57
C ALA A 59 -11.86 -4.66 1.07
N ASP A 60 -11.27 -5.15 2.16
CA ASP A 60 -10.04 -4.59 2.70
C ASP A 60 -8.93 -4.69 1.67
N LYS A 61 -8.94 -5.78 0.93
CA LYS A 61 -8.05 -5.97 -0.20
C LYS A 61 -8.24 -4.89 -1.24
N PHE A 62 -9.45 -4.80 -1.78
CA PHE A 62 -9.76 -3.77 -2.77
C PHE A 62 -9.35 -2.39 -2.26
N LYS A 63 -9.57 -2.17 -0.98
CA LYS A 63 -9.25 -0.93 -0.34
C LYS A 63 -7.74 -0.64 -0.40
N GLU A 64 -6.91 -1.65 -0.14
CA GLU A 64 -5.46 -1.48 -0.20
C GLU A 64 -4.96 -1.46 -1.65
N ILE A 65 -5.60 -2.22 -2.54
CA ILE A 65 -5.26 -2.15 -3.97
C ILE A 65 -5.50 -0.74 -4.49
N ASN A 66 -6.71 -0.28 -4.24
CA ASN A 66 -7.15 1.03 -4.67
C ASN A 66 -6.33 2.11 -3.97
N ASN A 67 -5.82 1.77 -2.80
CA ASN A 67 -4.94 2.64 -2.05
C ASN A 67 -3.58 2.70 -2.74
N ALA A 68 -2.90 1.56 -2.79
CA ALA A 68 -1.56 1.45 -3.36
C ALA A 68 -1.48 2.05 -4.76
N HIS A 69 -2.57 1.91 -5.51
CA HIS A 69 -2.67 2.48 -6.85
C HIS A 69 -2.23 3.94 -6.89
N ALA A 70 -2.68 4.72 -5.92
CA ALA A 70 -2.37 6.13 -5.88
C ALA A 70 -1.09 6.40 -5.10
N ILE A 71 -0.83 5.55 -4.11
CA ILE A 71 0.29 5.75 -3.18
C ILE A 71 1.64 5.65 -3.88
N LEU A 72 1.89 4.53 -4.55
CA LEU A 72 3.23 4.22 -5.04
C LEU A 72 3.64 5.14 -6.19
N THR A 73 2.66 5.63 -6.93
CA THR A 73 2.96 6.54 -8.03
C THR A 73 2.89 8.00 -7.58
N ASP A 74 2.67 8.21 -6.29
CA ASP A 74 2.63 9.55 -5.73
C ASP A 74 3.90 9.84 -4.95
N ALA A 75 4.34 11.09 -5.00
CA ALA A 75 5.53 11.50 -4.29
C ALA A 75 5.27 11.55 -2.79
N THR A 76 4.16 12.15 -2.39
CA THR A 76 3.89 12.39 -0.98
C THR A 76 3.35 11.16 -0.27
N LYS A 77 2.35 10.51 -0.86
CA LYS A 77 1.74 9.33 -0.24
C LYS A 77 2.76 8.21 -0.07
N ARG A 78 3.77 8.21 -0.91
CA ARG A 78 4.85 7.25 -0.77
C ARG A 78 5.89 7.80 0.19
N ASN A 79 6.05 9.11 0.15
CA ASN A 79 6.97 9.80 1.03
C ASN A 79 6.72 9.46 2.49
N ILE A 80 5.54 9.82 3.02
CA ILE A 80 5.26 9.57 4.43
C ILE A 80 5.18 8.08 4.72
N TYR A 81 4.80 7.30 3.71
CA TYR A 81 4.77 5.85 3.84
C TYR A 81 6.13 5.33 4.26
N ASP A 82 7.16 5.93 3.67
CA ASP A 82 8.54 5.54 3.94
C ASP A 82 9.06 6.23 5.20
N LYS A 83 8.38 7.30 5.61
CA LYS A 83 8.76 8.01 6.83
C LYS A 83 8.13 7.34 8.05
N TYR A 84 6.80 7.35 8.08
CA TYR A 84 6.04 6.70 9.15
C TYR A 84 4.94 5.84 8.54
N GLY A 85 4.03 6.48 7.80
CA GLY A 85 3.03 5.76 7.04
C GLY A 85 1.68 5.61 7.74
N SER A 86 1.59 6.04 8.99
CA SER A 86 0.35 5.86 9.73
C SER A 86 -0.60 7.04 9.52
N LEU A 87 -0.25 8.20 10.06
CA LEU A 87 -1.13 9.37 9.97
C LEU A 87 -1.06 10.01 8.60
N GLY A 88 0.13 10.50 8.24
CA GLY A 88 0.30 11.27 7.02
C GLY A 88 -0.29 10.61 5.79
N LEU A 89 -0.27 9.29 5.77
CA LEU A 89 -0.82 8.53 4.66
C LEU A 89 -2.35 8.61 4.66
N TYR A 90 -2.93 8.22 5.79
CA TYR A 90 -4.39 8.18 5.94
C TYR A 90 -5.02 9.55 5.78
N VAL A 91 -4.33 10.59 6.25
CA VAL A 91 -4.87 11.93 6.22
C VAL A 91 -4.73 12.55 4.83
N ALA A 92 -3.67 12.24 4.12
CA ALA A 92 -3.43 12.83 2.81
C ALA A 92 -4.40 12.30 1.78
N GLU A 93 -4.96 11.13 2.02
CA GLU A 93 -5.92 10.55 1.11
C GLU A 93 -7.30 11.13 1.34
N GLN A 94 -7.77 11.08 2.58
CA GLN A 94 -9.11 11.57 2.89
C GLN A 94 -9.15 13.09 2.90
N PHE A 95 -8.17 13.71 3.55
CA PHE A 95 -8.15 15.15 3.71
C PHE A 95 -7.43 15.83 2.55
N GLY A 96 -6.40 15.19 2.02
CA GLY A 96 -5.64 15.77 0.93
C GLY A 96 -4.25 16.13 1.36
N GLU A 97 -3.27 15.80 0.52
CA GLU A 97 -1.86 15.93 0.87
C GLU A 97 -1.50 17.37 1.22
N GLU A 98 -2.03 18.29 0.43
CA GLU A 98 -1.77 19.71 0.64
C GLU A 98 -2.50 20.21 1.88
N ASN A 99 -3.53 19.49 2.28
CA ASN A 99 -4.39 19.91 3.37
C ASN A 99 -3.87 19.45 4.71
N VAL A 100 -3.30 18.24 4.73
CA VAL A 100 -2.78 17.61 5.95
C VAL A 100 -2.01 18.58 6.85
N ASN A 101 -1.37 19.56 6.22
CA ASN A 101 -0.59 20.59 6.92
C ASN A 101 -1.41 21.26 8.04
N THR A 102 -2.73 21.17 7.92
CA THR A 102 -3.63 21.72 8.92
C THR A 102 -3.52 20.96 10.25
N TYR A 103 -3.41 19.66 10.15
CA TYR A 103 -3.33 18.80 11.33
C TYR A 103 -1.86 18.65 11.72
N PHE A 104 -0.99 18.90 10.75
CA PHE A 104 0.44 18.84 10.97
C PHE A 104 0.97 20.21 11.39
N VAL A 105 2.28 20.39 11.27
CA VAL A 105 2.96 21.63 11.59
C VAL A 105 2.40 22.82 10.80
N MET A 1 21.32 -12.70 11.95
CA MET A 1 22.81 -12.69 11.96
C MET A 1 23.35 -14.11 11.87
N ARG A 2 23.82 -14.47 10.68
CA ARG A 2 24.36 -15.80 10.44
C ARG A 2 25.81 -15.87 10.93
N SER A 3 26.57 -14.81 10.69
CA SER A 3 27.96 -14.76 11.11
C SER A 3 28.09 -13.95 12.41
N PRO A 4 28.41 -14.62 13.53
CA PRO A 4 28.59 -13.95 14.82
C PRO A 4 29.83 -13.08 14.85
N GLY A 5 29.66 -11.83 15.25
CA GLY A 5 30.77 -10.91 15.30
C GLY A 5 30.82 -10.00 14.10
N MET A 6 30.02 -10.33 13.08
CA MET A 6 29.98 -9.54 11.87
C MET A 6 28.76 -8.62 11.86
N ALA A 7 29.01 -7.33 12.00
CA ALA A 7 27.94 -6.34 11.92
C ALA A 7 27.97 -5.66 10.55
N ASP A 8 27.45 -6.35 9.55
CA ASP A 8 27.44 -5.85 8.19
C ASP A 8 26.19 -5.00 7.97
N GLN A 9 26.34 -3.90 7.24
CA GLN A 9 25.24 -2.96 7.04
C GLN A 9 24.15 -3.57 6.16
N ARG A 10 23.11 -4.07 6.79
CA ARG A 10 22.00 -4.70 6.09
C ARG A 10 20.68 -4.06 6.49
N GLN A 11 20.66 -3.49 7.70
CA GLN A 11 19.50 -2.76 8.22
C GLN A 11 18.20 -3.54 8.10
N ARG A 12 17.08 -2.86 8.25
CA ARG A 12 15.79 -3.48 8.14
C ARG A 12 15.19 -3.18 6.76
N SER A 13 14.86 -1.91 6.53
CA SER A 13 14.08 -1.51 5.36
C SER A 13 14.78 -1.79 4.03
N LEU A 14 16.10 -1.61 3.99
CA LEU A 14 16.83 -1.78 2.74
C LEU A 14 16.82 -3.23 2.29
N SER A 15 16.80 -4.15 3.25
CA SER A 15 16.74 -5.57 2.96
C SER A 15 15.29 -6.03 2.88
N THR A 16 14.60 -5.97 4.02
CA THR A 16 13.19 -6.30 4.09
C THR A 16 12.41 -5.02 4.37
N SER A 17 11.82 -4.46 3.33
CA SER A 17 11.20 -3.15 3.41
C SER A 17 9.96 -3.15 4.32
N GLY A 18 9.38 -4.34 4.51
CA GLY A 18 8.18 -4.47 5.29
C GLY A 18 7.03 -3.73 4.64
N GLU A 19 7.11 -3.60 3.33
CA GLU A 19 6.20 -2.78 2.57
C GLU A 19 4.79 -3.36 2.60
N SER A 20 3.82 -2.47 2.48
CA SER A 20 2.42 -2.87 2.56
C SER A 20 1.73 -2.70 1.21
N LEU A 21 1.69 -1.47 0.70
CA LEU A 21 1.00 -1.15 -0.54
C LEU A 21 1.54 -2.00 -1.70
N TYR A 22 2.85 -1.97 -1.86
CA TYR A 22 3.51 -2.77 -2.89
C TYR A 22 3.11 -4.24 -2.79
N HIS A 23 2.96 -4.72 -1.55
CA HIS A 23 2.68 -6.13 -1.29
C HIS A 23 1.25 -6.50 -1.69
N VAL A 24 0.33 -5.55 -1.59
CA VAL A 24 -1.07 -5.81 -1.93
C VAL A 24 -1.20 -5.99 -3.44
N LEU A 25 -0.35 -5.28 -4.16
CA LEU A 25 -0.39 -5.28 -5.62
C LEU A 25 0.50 -6.37 -6.19
N GLY A 26 1.34 -6.92 -5.34
CA GLY A 26 2.21 -8.02 -5.74
C GLY A 26 3.46 -7.55 -6.45
N LEU A 27 3.72 -6.26 -6.41
CA LEU A 27 4.90 -5.68 -7.04
C LEU A 27 5.88 -5.19 -5.98
N ASP A 28 7.09 -4.91 -6.39
CA ASP A 28 8.12 -4.44 -5.48
C ASP A 28 8.30 -2.93 -5.63
N LYS A 29 9.22 -2.38 -4.85
CA LYS A 29 9.46 -0.94 -4.83
C LYS A 29 10.18 -0.48 -6.09
N ASN A 30 10.31 -1.39 -7.04
CA ASN A 30 11.02 -1.12 -8.27
C ASN A 30 10.03 -0.98 -9.42
N ALA A 31 8.75 -0.97 -9.07
CA ALA A 31 7.69 -0.77 -10.04
C ALA A 31 7.59 0.70 -10.42
N THR A 32 6.97 0.95 -11.55
CA THR A 32 6.72 2.31 -11.99
C THR A 32 5.22 2.56 -12.01
N SER A 33 4.80 3.79 -12.29
CA SER A 33 3.39 4.14 -12.32
C SER A 33 2.58 3.13 -13.11
N ASP A 34 3.16 2.66 -14.21
CA ASP A 34 2.50 1.69 -15.08
C ASP A 34 2.26 0.36 -14.37
N ASP A 35 3.27 -0.15 -13.66
CA ASP A 35 3.14 -1.44 -13.00
C ASP A 35 2.10 -1.36 -11.90
N ILE A 36 2.14 -0.24 -11.18
CA ILE A 36 1.26 0.00 -10.06
C ILE A 36 -0.20 0.09 -10.51
N LYS A 37 -0.44 0.78 -11.60
CA LYS A 37 -1.79 0.98 -12.10
C LYS A 37 -2.35 -0.29 -12.74
N LYS A 38 -1.52 -1.01 -13.49
CA LYS A 38 -1.95 -2.29 -14.06
C LYS A 38 -2.26 -3.29 -12.96
N SER A 39 -1.35 -3.42 -12.00
CA SER A 39 -1.55 -4.31 -10.86
C SER A 39 -2.80 -3.94 -10.09
N TYR A 40 -3.08 -2.64 -10.02
CA TYR A 40 -4.33 -2.17 -9.42
C TYR A 40 -5.49 -2.80 -10.15
N ARG A 41 -5.60 -2.57 -11.45
CA ARG A 41 -6.68 -3.12 -12.26
C ARG A 41 -6.82 -4.62 -12.02
N LYS A 42 -5.73 -5.35 -12.25
CA LYS A 42 -5.71 -6.81 -12.16
C LYS A 42 -6.34 -7.33 -10.87
N LEU A 43 -6.08 -6.65 -9.77
CA LEU A 43 -6.61 -7.04 -8.48
C LEU A 43 -7.95 -6.37 -8.17
N ALA A 44 -8.10 -5.14 -8.66
CA ALA A 44 -9.30 -4.32 -8.42
C ALA A 44 -10.58 -5.05 -8.80
N LEU A 45 -10.67 -5.58 -10.01
CA LEU A 45 -11.88 -6.29 -10.40
C LEU A 45 -11.96 -7.63 -9.67
N LYS A 46 -10.82 -8.29 -9.55
CA LYS A 46 -10.70 -9.54 -8.79
C LYS A 46 -11.28 -9.39 -7.38
N TYR A 47 -11.06 -8.23 -6.76
CA TYR A 47 -11.59 -7.96 -5.43
C TYR A 47 -12.68 -6.89 -5.48
N HIS A 48 -13.33 -6.78 -6.64
CA HIS A 48 -14.40 -5.81 -6.83
C HIS A 48 -15.57 -6.14 -5.91
N PRO A 49 -16.20 -5.13 -5.29
CA PRO A 49 -17.23 -5.27 -4.25
C PRO A 49 -18.22 -6.43 -4.47
N ASP A 50 -18.60 -6.67 -5.72
CA ASP A 50 -19.56 -7.72 -6.04
C ASP A 50 -18.99 -9.11 -5.79
N LYS A 51 -17.67 -9.21 -5.82
CA LYS A 51 -16.98 -10.47 -5.65
C LYS A 51 -16.84 -10.81 -4.16
N ASN A 52 -17.45 -10.00 -3.32
CA ASN A 52 -17.19 -10.08 -1.90
C ASN A 52 -18.38 -10.67 -1.17
N PRO A 53 -18.17 -11.81 -0.52
CA PRO A 53 -19.15 -12.39 0.39
C PRO A 53 -19.29 -11.60 1.67
N ASP A 54 -19.73 -12.27 2.71
CA ASP A 54 -20.00 -11.64 3.99
C ASP A 54 -18.76 -10.97 4.56
N ASN A 55 -17.61 -11.58 4.34
CA ASN A 55 -16.35 -11.06 4.82
C ASN A 55 -15.98 -9.75 4.13
N PRO A 56 -15.64 -8.72 4.91
CA PRO A 56 -15.15 -7.45 4.38
C PRO A 56 -13.66 -7.47 4.08
N GLU A 57 -13.11 -8.68 4.02
CA GLU A 57 -11.69 -8.89 3.79
C GLU A 57 -11.32 -8.47 2.38
N ALA A 58 -12.14 -8.90 1.45
CA ALA A 58 -11.93 -8.59 0.05
C ALA A 58 -12.11 -7.10 -0.21
N ALA A 59 -12.90 -6.46 0.65
CA ALA A 59 -13.05 -5.01 0.65
C ALA A 59 -11.80 -4.36 1.21
N ASP A 60 -11.26 -4.95 2.28
CA ASP A 60 -9.97 -4.55 2.82
C ASP A 60 -8.90 -4.68 1.75
N LYS A 61 -8.97 -5.80 1.03
CA LYS A 61 -8.12 -6.02 -0.12
C LYS A 61 -8.28 -4.93 -1.15
N PHE A 62 -9.49 -4.77 -1.63
CA PHE A 62 -9.78 -3.72 -2.59
C PHE A 62 -9.27 -2.37 -2.09
N LYS A 63 -9.48 -2.12 -0.83
CA LYS A 63 -9.05 -0.89 -0.18
C LYS A 63 -7.54 -0.69 -0.35
N GLU A 64 -6.77 -1.73 -0.06
CA GLU A 64 -5.32 -1.64 -0.15
C GLU A 64 -4.86 -1.57 -1.61
N ILE A 65 -5.56 -2.27 -2.51
CA ILE A 65 -5.28 -2.14 -3.95
C ILE A 65 -5.52 -0.71 -4.39
N ASN A 66 -6.73 -0.25 -4.09
CA ASN A 66 -7.19 1.08 -4.45
C ASN A 66 -6.29 2.14 -3.83
N ASN A 67 -5.81 1.87 -2.63
CA ASN A 67 -4.90 2.76 -1.94
C ASN A 67 -3.54 2.77 -2.64
N ALA A 68 -2.92 1.60 -2.73
CA ALA A 68 -1.60 1.46 -3.34
C ALA A 68 -1.56 2.08 -4.74
N HIS A 69 -2.67 1.94 -5.46
CA HIS A 69 -2.85 2.55 -6.77
C HIS A 69 -2.51 4.03 -6.75
N ALA A 70 -2.93 4.72 -5.70
CA ALA A 70 -2.71 6.14 -5.59
C ALA A 70 -1.40 6.44 -4.86
N ILE A 71 -1.01 5.56 -3.95
CA ILE A 71 0.16 5.76 -3.10
C ILE A 71 1.45 5.78 -3.89
N LEU A 72 1.74 4.67 -4.57
CA LEU A 72 3.06 4.45 -5.14
C LEU A 72 3.36 5.38 -6.31
N THR A 73 2.32 5.86 -6.98
CA THR A 73 2.52 6.76 -8.11
C THR A 73 2.17 8.20 -7.70
N ASP A 74 2.19 8.45 -6.40
CA ASP A 74 2.01 9.81 -5.87
C ASP A 74 3.34 10.31 -5.33
N ALA A 75 3.45 11.61 -5.12
CA ALA A 75 4.65 12.16 -4.53
C ALA A 75 4.61 12.08 -3.01
N THR A 76 3.47 12.44 -2.44
CA THR A 76 3.35 12.57 -1.00
C THR A 76 3.12 11.23 -0.32
N LYS A 77 2.19 10.46 -0.86
CA LYS A 77 1.84 9.17 -0.28
C LYS A 77 2.96 8.16 -0.46
N ARG A 78 3.83 8.44 -1.41
CA ARG A 78 5.06 7.68 -1.60
C ARG A 78 6.15 8.27 -0.72
N ASN A 79 6.00 9.55 -0.45
CA ASN A 79 6.92 10.29 0.39
C ASN A 79 6.88 9.77 1.83
N ILE A 80 5.75 9.99 2.52
CA ILE A 80 5.65 9.66 3.94
C ILE A 80 5.83 8.17 4.17
N TYR A 81 5.52 7.38 3.14
CA TYR A 81 5.69 5.93 3.21
C TYR A 81 7.13 5.58 3.58
N ASP A 82 8.06 6.29 2.95
CA ASP A 82 9.48 6.03 3.16
C ASP A 82 9.97 6.72 4.43
N LYS A 83 9.27 7.78 4.82
CA LYS A 83 9.60 8.52 6.03
C LYS A 83 9.11 7.78 7.27
N TYR A 84 7.81 7.61 7.36
CA TYR A 84 7.18 6.96 8.51
C TYR A 84 6.20 5.89 8.04
N GLY A 85 5.21 6.32 7.26
CA GLY A 85 4.33 5.38 6.57
C GLY A 85 3.03 5.08 7.31
N SER A 86 3.09 4.88 8.60
CA SER A 86 1.87 4.54 9.35
C SER A 86 1.07 5.79 9.60
N LEU A 87 1.69 6.77 10.24
CA LEU A 87 1.05 8.05 10.50
C LEU A 87 0.63 8.69 9.18
N GLY A 88 1.60 8.85 8.29
CA GLY A 88 1.42 9.63 7.09
C GLY A 88 0.27 9.17 6.20
N LEU A 89 0.11 7.86 6.04
CA LEU A 89 -0.92 7.34 5.14
C LEU A 89 -2.32 7.51 5.75
N TYR A 90 -2.39 7.51 7.07
CA TYR A 90 -3.67 7.65 7.77
C TYR A 90 -4.08 9.12 7.83
N VAL A 91 -3.12 9.99 8.09
CA VAL A 91 -3.38 11.42 8.24
C VAL A 91 -3.72 12.06 6.89
N ALA A 92 -3.07 11.61 5.83
CA ALA A 92 -3.23 12.22 4.52
C ALA A 92 -4.64 12.04 3.97
N GLU A 93 -5.32 10.99 4.38
CA GLU A 93 -6.64 10.71 3.87
C GLU A 93 -7.69 11.59 4.52
N GLN A 94 -7.62 11.73 5.84
CA GLN A 94 -8.62 12.48 6.58
C GLN A 94 -8.24 13.95 6.71
N PHE A 95 -6.95 14.25 6.75
CA PHE A 95 -6.50 15.63 6.86
C PHE A 95 -6.11 16.20 5.50
N GLY A 96 -5.52 15.37 4.64
CA GLY A 96 -5.05 15.87 3.37
C GLY A 96 -3.54 15.79 3.28
N GLU A 97 -3.04 15.38 2.13
CA GLU A 97 -1.63 15.06 1.96
C GLU A 97 -0.77 16.31 2.05
N GLU A 98 -1.31 17.40 1.53
CA GLU A 98 -0.62 18.69 1.58
C GLU A 98 -0.64 19.24 3.01
N ASN A 99 -1.56 18.72 3.81
CA ASN A 99 -1.78 19.24 5.15
C ASN A 99 -0.92 18.51 6.17
N VAL A 100 -0.77 17.20 5.99
CA VAL A 100 -0.01 16.31 6.90
C VAL A 100 1.29 16.95 7.39
N ASN A 101 1.90 17.79 6.56
CA ASN A 101 3.16 18.46 6.87
C ASN A 101 3.06 19.21 8.21
N THR A 102 1.84 19.48 8.65
CA THR A 102 1.59 20.13 9.92
C THR A 102 2.02 19.25 11.10
N TYR A 103 1.78 17.95 10.96
CA TYR A 103 2.16 16.99 11.99
C TYR A 103 3.56 16.48 11.71
N PHE A 104 4.02 16.73 10.50
CA PHE A 104 5.32 16.25 10.05
C PHE A 104 6.36 17.36 10.04
N VAL A 105 7.44 17.12 9.31
CA VAL A 105 8.55 18.01 9.19
C VAL A 105 8.18 19.30 8.47
N MET A 1 16.00 -6.02 8.57
CA MET A 1 16.90 -4.92 8.18
C MET A 1 17.03 -4.80 6.67
N ARG A 2 16.02 -5.30 5.94
CA ARG A 2 16.03 -5.29 4.47
C ARG A 2 17.10 -6.25 3.93
N SER A 3 16.75 -7.52 3.80
CA SER A 3 17.69 -8.51 3.31
C SER A 3 17.29 -8.99 1.92
N PRO A 4 17.98 -8.50 0.87
CA PRO A 4 17.75 -8.97 -0.50
C PRO A 4 18.27 -10.39 -0.70
N GLY A 5 17.44 -11.23 -1.30
CA GLY A 5 17.78 -12.63 -1.41
C GLY A 5 17.38 -13.37 -0.15
N MET A 6 16.34 -12.88 0.49
CA MET A 6 15.82 -13.46 1.73
C MET A 6 15.41 -14.92 1.52
N ALA A 7 15.73 -15.75 2.50
CA ALA A 7 15.39 -17.17 2.45
C ALA A 7 14.08 -17.43 3.16
N ASP A 8 13.75 -18.71 3.35
CA ASP A 8 12.50 -19.11 3.99
C ASP A 8 12.35 -18.47 5.37
N GLN A 9 11.11 -18.23 5.76
CA GLN A 9 10.82 -17.51 7.00
C GLN A 9 11.22 -18.30 8.23
N ARG A 10 12.36 -17.94 8.80
CA ARG A 10 12.76 -18.50 10.08
C ARG A 10 12.05 -17.74 11.20
N GLN A 11 11.78 -16.48 10.91
CA GLN A 11 10.99 -15.62 11.76
C GLN A 11 10.14 -14.70 10.90
N ARG A 12 8.94 -14.37 11.35
CA ARG A 12 8.03 -13.55 10.60
C ARG A 12 8.65 -12.21 10.24
N SER A 13 9.26 -11.57 11.23
CA SER A 13 9.73 -10.19 11.10
C SER A 13 10.96 -10.08 10.20
N LEU A 14 11.70 -11.18 10.02
CA LEU A 14 12.92 -11.12 9.23
C LEU A 14 12.62 -11.33 7.75
N SER A 15 11.52 -12.01 7.46
CA SER A 15 11.09 -12.22 6.08
C SER A 15 10.30 -11.03 5.58
N THR A 16 9.51 -10.43 6.46
CA THR A 16 8.74 -9.27 6.10
C THR A 16 9.65 -8.09 5.83
N SER A 17 9.67 -7.66 4.58
CA SER A 17 10.50 -6.55 4.15
C SER A 17 10.05 -5.25 4.80
N GLY A 18 8.80 -5.21 5.22
CA GLY A 18 8.27 -4.03 5.87
C GLY A 18 7.44 -3.18 4.93
N GLU A 19 7.32 -3.63 3.69
CA GLU A 19 6.53 -2.93 2.71
C GLU A 19 5.07 -3.33 2.82
N SER A 20 4.18 -2.38 2.55
CA SER A 20 2.75 -2.60 2.79
C SER A 20 1.95 -2.54 1.49
N LEU A 21 1.97 -1.38 0.84
CA LEU A 21 1.16 -1.15 -0.36
C LEU A 21 1.61 -2.02 -1.52
N TYR A 22 2.92 -2.06 -1.73
CA TYR A 22 3.51 -2.92 -2.75
C TYR A 22 3.05 -4.37 -2.59
N HIS A 23 2.92 -4.80 -1.33
CA HIS A 23 2.56 -6.17 -1.03
C HIS A 23 1.12 -6.49 -1.43
N VAL A 24 0.28 -5.46 -1.50
CA VAL A 24 -1.12 -5.65 -1.86
C VAL A 24 -1.25 -5.81 -3.36
N LEU A 25 -0.34 -5.16 -4.08
CA LEU A 25 -0.38 -5.17 -5.54
C LEU A 25 0.50 -6.27 -6.11
N GLY A 26 1.30 -6.85 -5.24
CA GLY A 26 2.14 -7.97 -5.64
C GLY A 26 3.38 -7.55 -6.40
N LEU A 27 3.65 -6.26 -6.45
CA LEU A 27 4.83 -5.74 -7.11
C LEU A 27 5.84 -5.23 -6.09
N ASP A 28 7.06 -5.02 -6.52
CA ASP A 28 8.10 -4.54 -5.64
C ASP A 28 8.17 -3.03 -5.73
N LYS A 29 9.18 -2.49 -5.09
CA LYS A 29 9.35 -1.05 -4.96
C LYS A 29 10.12 -0.51 -6.15
N ASN A 30 10.18 -1.34 -7.18
CA ASN A 30 10.91 -1.02 -8.39
C ASN A 30 9.93 -0.84 -9.53
N ALA A 31 8.66 -1.01 -9.22
CA ALA A 31 7.60 -0.82 -10.19
C ALA A 31 7.42 0.65 -10.49
N THR A 32 6.97 0.94 -11.69
CA THR A 32 6.70 2.30 -12.09
C THR A 32 5.20 2.56 -12.04
N SER A 33 4.80 3.81 -12.24
CA SER A 33 3.39 4.18 -12.20
C SER A 33 2.56 3.23 -13.05
N ASP A 34 3.12 2.83 -14.18
CA ASP A 34 2.46 1.92 -15.10
C ASP A 34 2.09 0.60 -14.42
N ASP A 35 3.05 -0.04 -13.75
CA ASP A 35 2.81 -1.37 -13.21
C ASP A 35 1.93 -1.29 -11.97
N ILE A 36 2.06 -0.19 -11.24
CA ILE A 36 1.24 0.07 -10.07
C ILE A 36 -0.23 0.25 -10.46
N LYS A 37 -0.44 0.82 -11.63
CA LYS A 37 -1.79 1.02 -12.14
C LYS A 37 -2.33 -0.25 -12.80
N LYS A 38 -1.47 -0.99 -13.50
CA LYS A 38 -1.88 -2.26 -14.09
C LYS A 38 -2.23 -3.28 -13.02
N SER A 39 -1.39 -3.41 -12.01
CA SER A 39 -1.66 -4.31 -10.89
C SER A 39 -2.95 -3.94 -10.20
N TYR A 40 -3.20 -2.63 -10.08
CA TYR A 40 -4.45 -2.15 -9.55
C TYR A 40 -5.60 -2.78 -10.29
N ARG A 41 -5.67 -2.57 -11.60
CA ARG A 41 -6.67 -3.20 -12.45
C ARG A 41 -6.78 -4.70 -12.15
N LYS A 42 -5.68 -5.40 -12.35
CA LYS A 42 -5.61 -6.85 -12.23
C LYS A 42 -6.25 -7.36 -10.93
N LEU A 43 -6.02 -6.65 -9.84
CA LEU A 43 -6.56 -7.06 -8.55
C LEU A 43 -7.92 -6.43 -8.28
N ALA A 44 -8.12 -5.24 -8.82
CA ALA A 44 -9.33 -4.45 -8.58
C ALA A 44 -10.60 -5.20 -8.93
N LEU A 45 -10.64 -5.84 -10.09
CA LEU A 45 -11.84 -6.59 -10.47
C LEU A 45 -11.95 -7.85 -9.62
N LYS A 46 -10.84 -8.57 -9.50
CA LYS A 46 -10.78 -9.75 -8.65
C LYS A 46 -11.39 -9.49 -7.27
N TYR A 47 -11.04 -8.35 -6.69
CA TYR A 47 -11.56 -7.97 -5.39
C TYR A 47 -12.61 -6.87 -5.51
N HIS A 48 -13.30 -6.83 -6.65
CA HIS A 48 -14.32 -5.83 -6.88
C HIS A 48 -15.51 -6.11 -5.97
N PRO A 49 -16.12 -5.05 -5.40
CA PRO A 49 -17.13 -5.12 -4.33
C PRO A 49 -18.21 -6.21 -4.48
N ASP A 50 -18.54 -6.59 -5.71
CA ASP A 50 -19.61 -7.56 -5.91
C ASP A 50 -19.10 -9.01 -5.94
N LYS A 51 -17.81 -9.17 -6.20
CA LYS A 51 -17.20 -10.48 -6.34
C LYS A 51 -17.26 -11.27 -5.04
N ASN A 52 -17.42 -10.55 -3.96
CA ASN A 52 -17.27 -11.05 -2.61
C ASN A 52 -18.62 -11.04 -1.88
N PRO A 53 -18.75 -11.87 -0.83
CA PRO A 53 -19.94 -11.87 0.04
C PRO A 53 -20.11 -10.57 0.82
N ASP A 54 -20.77 -10.67 1.95
CA ASP A 54 -21.06 -9.50 2.76
C ASP A 54 -19.83 -9.06 3.55
N ASN A 55 -18.97 -10.03 3.88
CA ASN A 55 -17.75 -9.76 4.62
C ASN A 55 -16.90 -8.71 3.92
N PRO A 56 -16.28 -7.79 4.68
CA PRO A 56 -15.43 -6.72 4.13
C PRO A 56 -14.02 -7.20 3.80
N GLU A 57 -13.89 -8.51 3.66
CA GLU A 57 -12.59 -9.15 3.47
C GLU A 57 -11.95 -8.73 2.16
N ALA A 58 -12.70 -8.88 1.08
CA ALA A 58 -12.22 -8.56 -0.24
C ALA A 58 -12.25 -7.05 -0.46
N ALA A 59 -13.09 -6.38 0.32
CA ALA A 59 -13.20 -4.92 0.29
C ALA A 59 -11.99 -4.29 0.94
N ASP A 60 -11.49 -4.93 1.99
CA ASP A 60 -10.26 -4.52 2.65
C ASP A 60 -9.12 -4.59 1.66
N LYS A 61 -9.09 -5.72 0.99
CA LYS A 61 -8.15 -5.98 -0.07
C LYS A 61 -8.25 -4.93 -1.17
N PHE A 62 -9.46 -4.77 -1.68
CA PHE A 62 -9.72 -3.72 -2.67
C PHE A 62 -9.25 -2.36 -2.15
N LYS A 63 -9.49 -2.14 -0.88
CA LYS A 63 -9.12 -0.90 -0.22
C LYS A 63 -7.62 -0.63 -0.35
N GLU A 64 -6.81 -1.63 -0.07
CA GLU A 64 -5.37 -1.50 -0.17
C GLU A 64 -4.90 -1.46 -1.63
N ILE A 65 -5.60 -2.14 -2.54
CA ILE A 65 -5.30 -2.03 -3.96
C ILE A 65 -5.55 -0.60 -4.43
N ASN A 66 -6.77 -0.14 -4.13
CA ASN A 66 -7.21 1.20 -4.47
C ASN A 66 -6.28 2.23 -3.81
N ASN A 67 -5.79 1.86 -2.64
CA ASN A 67 -4.85 2.68 -1.90
C ASN A 67 -3.50 2.73 -2.59
N ALA A 68 -2.86 1.56 -2.70
CA ALA A 68 -1.52 1.45 -3.29
C ALA A 68 -1.47 2.05 -4.68
N HIS A 69 -2.58 1.91 -5.41
CA HIS A 69 -2.71 2.48 -6.74
C HIS A 69 -2.29 3.95 -6.78
N ALA A 70 -2.65 4.70 -5.76
CA ALA A 70 -2.29 6.11 -5.69
C ALA A 70 -0.96 6.29 -4.98
N ILE A 71 -0.83 5.62 -3.83
CA ILE A 71 0.34 5.76 -2.97
C ILE A 71 1.67 5.67 -3.72
N LEU A 72 1.86 4.59 -4.45
CA LEU A 72 3.18 4.29 -5.02
C LEU A 72 3.53 5.24 -6.16
N THR A 73 2.54 5.70 -6.91
CA THR A 73 2.80 6.60 -8.02
C THR A 73 2.65 8.06 -7.57
N ASP A 74 2.41 8.25 -6.28
CA ASP A 74 2.37 9.58 -5.69
C ASP A 74 3.70 9.86 -5.02
N ALA A 75 4.13 11.12 -5.06
CA ALA A 75 5.41 11.48 -4.48
C ALA A 75 5.36 11.46 -2.97
N THR A 76 4.33 12.07 -2.41
CA THR A 76 4.24 12.25 -0.97
C THR A 76 3.75 10.99 -0.27
N LYS A 77 2.67 10.39 -0.77
CA LYS A 77 2.09 9.21 -0.13
C LYS A 77 3.10 8.07 -0.07
N ARG A 78 4.00 8.06 -1.02
CA ARG A 78 5.06 7.06 -1.04
C ARG A 78 6.21 7.53 -0.17
N ASN A 79 6.43 8.82 -0.21
CA ASN A 79 7.46 9.47 0.59
C ASN A 79 7.28 9.17 2.07
N ILE A 80 6.21 9.67 2.69
CA ILE A 80 6.04 9.52 4.15
C ILE A 80 5.87 8.06 4.51
N TYR A 81 5.37 7.28 3.57
CA TYR A 81 5.18 5.86 3.76
C TYR A 81 6.50 5.20 4.13
N ASP A 82 7.55 5.62 3.45
CA ASP A 82 8.88 5.08 3.69
C ASP A 82 9.59 5.87 4.79
N LYS A 83 9.14 7.08 5.03
CA LYS A 83 9.70 7.90 6.10
C LYS A 83 9.21 7.43 7.46
N TYR A 84 7.90 7.47 7.64
CA TYR A 84 7.27 7.09 8.90
C TYR A 84 6.14 6.11 8.65
N GLY A 85 5.20 6.51 7.79
CA GLY A 85 4.16 5.60 7.34
C GLY A 85 3.01 5.44 8.32
N SER A 86 3.31 5.34 9.61
CA SER A 86 2.30 5.10 10.62
C SER A 86 1.27 6.23 10.64
N LEU A 87 1.68 7.40 11.09
CA LEU A 87 0.79 8.55 11.14
C LEU A 87 0.67 9.18 9.75
N GLY A 88 1.82 9.58 9.21
CA GLY A 88 1.88 10.34 7.96
C GLY A 88 0.94 9.86 6.87
N LEU A 89 0.88 8.56 6.64
CA LEU A 89 0.06 8.03 5.57
C LEU A 89 -1.42 8.11 5.94
N TYR A 90 -1.74 7.69 7.16
CA TYR A 90 -3.12 7.65 7.63
C TYR A 90 -3.74 9.06 7.70
N VAL A 91 -2.96 10.03 8.16
CA VAL A 91 -3.43 11.40 8.28
C VAL A 91 -3.55 12.05 6.91
N ALA A 92 -2.68 11.64 5.99
CA ALA A 92 -2.69 12.21 4.64
C ALA A 92 -3.94 11.79 3.88
N GLU A 93 -4.45 10.61 4.18
CA GLU A 93 -5.64 10.11 3.51
C GLU A 93 -6.85 10.94 3.88
N GLN A 94 -6.99 11.24 5.17
CA GLN A 94 -8.14 11.96 5.67
C GLN A 94 -7.95 13.47 5.57
N PHE A 95 -6.84 13.95 6.10
CA PHE A 95 -6.58 15.38 6.17
C PHE A 95 -6.01 15.91 4.86
N GLY A 96 -5.20 15.10 4.18
CA GLY A 96 -4.55 15.56 2.99
C GLY A 96 -3.08 15.73 3.22
N GLU A 97 -2.26 15.19 2.32
CA GLU A 97 -0.82 15.10 2.54
C GLU A 97 -0.17 16.46 2.62
N GLU A 98 -0.69 17.37 1.81
CA GLU A 98 -0.20 18.76 1.81
C GLU A 98 -0.63 19.47 3.08
N ASN A 99 -1.67 18.94 3.71
CA ASN A 99 -2.26 19.55 4.88
C ASN A 99 -1.63 19.04 6.17
N VAL A 100 -1.35 17.75 6.19
CA VAL A 100 -0.80 17.03 7.37
C VAL A 100 0.25 17.82 8.14
N ASN A 101 0.99 18.68 7.44
CA ASN A 101 2.04 19.50 8.04
C ASN A 101 1.48 20.33 9.21
N THR A 102 0.16 20.47 9.25
CA THR A 102 -0.53 21.18 10.32
C THR A 102 -0.49 20.37 11.61
N TYR A 103 -0.57 19.06 11.46
CA TYR A 103 -0.57 18.14 12.59
C TYR A 103 0.87 17.72 12.89
N PHE A 104 1.71 17.84 11.87
CA PHE A 104 3.13 17.53 11.98
C PHE A 104 3.92 18.74 12.49
N VAL A 105 5.22 18.72 12.26
CA VAL A 105 6.12 19.79 12.70
C VAL A 105 5.60 21.18 12.32
N MET A 1 15.00 0.82 18.70
CA MET A 1 15.86 -0.26 19.23
C MET A 1 17.08 0.32 19.94
N ARG A 2 17.98 0.91 19.16
CA ARG A 2 19.21 1.51 19.68
C ARG A 2 20.00 0.50 20.49
N SER A 3 20.13 -0.69 19.94
CA SER A 3 20.87 -1.75 20.60
C SER A 3 22.32 -1.75 20.14
N PRO A 4 23.27 -1.49 21.05
CA PRO A 4 24.69 -1.51 20.72
C PRO A 4 25.24 -2.93 20.67
N GLY A 5 25.96 -3.25 19.60
CA GLY A 5 26.54 -4.57 19.48
C GLY A 5 25.71 -5.47 18.57
N MET A 6 25.04 -4.88 17.59
CA MET A 6 24.23 -5.64 16.66
C MET A 6 25.08 -6.31 15.60
N ALA A 7 24.72 -7.54 15.25
CA ALA A 7 25.36 -8.23 14.15
C ALA A 7 24.60 -7.90 12.86
N ASP A 8 25.32 -7.57 11.81
CA ASP A 8 24.69 -7.17 10.55
C ASP A 8 24.12 -8.39 9.85
N GLN A 9 22.80 -8.48 9.84
CA GLN A 9 22.11 -9.55 9.16
C GLN A 9 21.04 -8.96 8.25
N ARG A 10 20.98 -9.44 7.02
CA ARG A 10 20.01 -8.93 6.06
C ARG A 10 18.98 -9.99 5.73
N GLN A 11 19.43 -11.19 5.34
CA GLN A 11 18.56 -12.35 5.14
C GLN A 11 17.31 -12.01 4.32
N ARG A 12 16.21 -12.69 4.59
CA ARG A 12 14.94 -12.45 3.94
C ARG A 12 14.56 -10.96 3.98
N SER A 13 15.00 -10.28 5.01
CA SER A 13 14.66 -8.89 5.23
C SER A 13 15.24 -7.96 4.16
N LEU A 14 16.18 -8.47 3.36
CA LEU A 14 16.74 -7.67 2.27
C LEU A 14 15.84 -7.73 1.05
N SER A 15 14.96 -8.71 1.02
CA SER A 15 14.01 -8.86 -0.06
C SER A 15 12.74 -8.10 0.26
N THR A 16 12.25 -8.27 1.48
CA THR A 16 11.05 -7.58 1.91
C THR A 16 11.39 -6.29 2.65
N SER A 17 10.84 -5.18 2.18
CA SER A 17 11.10 -3.87 2.76
C SER A 17 10.18 -3.61 3.95
N GLY A 18 9.37 -4.59 4.31
CA GLY A 18 8.36 -4.40 5.31
C GLY A 18 7.26 -3.52 4.78
N GLU A 19 7.10 -3.59 3.47
CA GLU A 19 6.23 -2.72 2.73
C GLU A 19 4.82 -3.32 2.65
N SER A 20 3.83 -2.46 2.57
CA SER A 20 2.44 -2.90 2.58
C SER A 20 1.79 -2.69 1.22
N LEU A 21 1.73 -1.44 0.77
CA LEU A 21 1.05 -1.10 -0.49
C LEU A 21 1.58 -1.94 -1.65
N TYR A 22 2.90 -1.96 -1.78
CA TYR A 22 3.55 -2.77 -2.83
C TYR A 22 3.10 -4.23 -2.75
N HIS A 23 2.92 -4.74 -1.54
CA HIS A 23 2.57 -6.14 -1.32
C HIS A 23 1.13 -6.42 -1.74
N VAL A 24 0.24 -5.45 -1.55
CA VAL A 24 -1.17 -5.63 -1.91
C VAL A 24 -1.30 -5.79 -3.41
N LEU A 25 -0.42 -5.10 -4.13
CA LEU A 25 -0.45 -5.09 -5.58
C LEU A 25 0.39 -6.22 -6.15
N GLY A 26 1.24 -6.78 -5.31
CA GLY A 26 2.03 -7.93 -5.69
C GLY A 26 3.25 -7.57 -6.51
N LEU A 27 3.54 -6.27 -6.61
CA LEU A 27 4.71 -5.83 -7.34
C LEU A 27 5.85 -5.45 -6.40
N ASP A 28 7.04 -5.34 -6.94
CA ASP A 28 8.20 -4.96 -6.18
C ASP A 28 8.20 -3.45 -5.95
N LYS A 29 9.20 -2.99 -5.27
CA LYS A 29 9.29 -1.61 -4.82
C LYS A 29 9.94 -0.76 -5.90
N ASN A 30 10.26 -1.40 -7.00
CA ASN A 30 10.90 -0.73 -8.11
C ASN A 30 9.96 -0.68 -9.28
N ALA A 31 8.68 -0.93 -9.00
CA ALA A 31 7.64 -0.80 -9.99
C ALA A 31 7.41 0.66 -10.28
N THR A 32 7.07 0.96 -11.51
CA THR A 32 6.79 2.32 -11.90
C THR A 32 5.28 2.53 -11.95
N SER A 33 4.85 3.77 -12.16
CA SER A 33 3.44 4.09 -12.22
C SER A 33 2.71 3.10 -13.12
N ASP A 34 3.36 2.73 -14.20
CA ASP A 34 2.81 1.79 -15.18
C ASP A 34 2.37 0.49 -14.52
N ASP A 35 3.24 -0.12 -13.71
CA ASP A 35 2.91 -1.44 -13.15
C ASP A 35 1.92 -1.28 -12.00
N ILE A 36 2.09 -0.20 -11.25
CA ILE A 36 1.24 0.09 -10.11
C ILE A 36 -0.22 0.28 -10.54
N LYS A 37 -0.42 0.92 -11.67
CA LYS A 37 -1.78 1.10 -12.21
C LYS A 37 -2.35 -0.23 -12.69
N LYS A 38 -1.57 -0.96 -13.50
CA LYS A 38 -2.00 -2.25 -14.03
C LYS A 38 -2.33 -3.23 -12.91
N SER A 39 -1.42 -3.35 -11.94
CA SER A 39 -1.63 -4.23 -10.80
C SER A 39 -2.89 -3.84 -10.04
N TYR A 40 -3.18 -2.55 -10.00
CA TYR A 40 -4.44 -2.09 -9.42
C TYR A 40 -5.60 -2.75 -10.14
N ARG A 41 -5.69 -2.52 -11.44
CA ARG A 41 -6.74 -3.10 -12.26
C ARG A 41 -6.85 -4.60 -12.03
N LYS A 42 -5.76 -5.29 -12.27
CA LYS A 42 -5.69 -6.75 -12.20
C LYS A 42 -6.31 -7.29 -10.90
N LEU A 43 -6.05 -6.61 -9.80
CA LEU A 43 -6.54 -7.06 -8.50
C LEU A 43 -7.90 -6.44 -8.17
N ALA A 44 -8.12 -5.22 -8.63
CA ALA A 44 -9.33 -4.45 -8.33
C ALA A 44 -10.61 -5.18 -8.72
N LEU A 45 -10.67 -5.73 -9.93
CA LEU A 45 -11.87 -6.47 -10.33
C LEU A 45 -11.90 -7.84 -9.67
N LYS A 46 -10.73 -8.45 -9.55
CA LYS A 46 -10.55 -9.71 -8.83
C LYS A 46 -11.14 -9.62 -7.41
N TYR A 47 -10.94 -8.48 -6.76
CA TYR A 47 -11.50 -8.23 -5.45
C TYR A 47 -12.59 -7.17 -5.51
N HIS A 48 -13.34 -7.12 -6.61
CA HIS A 48 -14.40 -6.15 -6.72
C HIS A 48 -15.54 -6.58 -5.82
N PRO A 49 -16.07 -5.66 -5.00
CA PRO A 49 -16.96 -5.94 -3.87
C PRO A 49 -17.99 -7.04 -4.13
N ASP A 50 -18.61 -6.98 -5.29
CA ASP A 50 -19.73 -7.86 -5.61
C ASP A 50 -19.31 -9.31 -5.81
N LYS A 51 -18.03 -9.55 -6.02
CA LYS A 51 -17.55 -10.90 -6.20
C LYS A 51 -17.36 -11.61 -4.86
N ASN A 52 -17.43 -10.83 -3.80
CA ASN A 52 -16.99 -11.26 -2.50
C ASN A 52 -18.17 -11.42 -1.55
N PRO A 53 -18.00 -12.18 -0.47
CA PRO A 53 -19.04 -12.42 0.52
C PRO A 53 -19.16 -11.30 1.53
N ASP A 54 -19.77 -11.61 2.66
CA ASP A 54 -20.08 -10.61 3.68
C ASP A 54 -18.82 -10.10 4.38
N ASN A 55 -17.85 -10.99 4.55
CA ASN A 55 -16.59 -10.65 5.22
C ASN A 55 -15.91 -9.46 4.52
N PRO A 56 -15.61 -8.40 5.30
CA PRO A 56 -14.96 -7.20 4.76
C PRO A 56 -13.48 -7.39 4.49
N GLU A 57 -13.06 -8.65 4.46
CA GLU A 57 -11.68 -9.03 4.20
C GLU A 57 -11.31 -8.64 2.78
N ALA A 58 -12.21 -8.98 1.88
CA ALA A 58 -12.04 -8.71 0.47
C ALA A 58 -12.17 -7.22 0.19
N ALA A 59 -13.01 -6.56 0.99
CA ALA A 59 -13.17 -5.12 0.91
C ALA A 59 -11.88 -4.42 1.34
N ASP A 60 -11.26 -4.95 2.38
CA ASP A 60 -9.98 -4.46 2.86
C ASP A 60 -8.95 -4.58 1.76
N LYS A 61 -8.98 -5.73 1.11
CA LYS A 61 -8.13 -6.01 -0.03
C LYS A 61 -8.31 -4.95 -1.11
N PHE A 62 -9.52 -4.81 -1.59
CA PHE A 62 -9.83 -3.78 -2.59
C PHE A 62 -9.36 -2.41 -2.11
N LYS A 63 -9.55 -2.15 -0.83
CA LYS A 63 -9.16 -0.90 -0.22
C LYS A 63 -7.65 -0.65 -0.37
N GLU A 64 -6.86 -1.67 -0.04
CA GLU A 64 -5.41 -1.54 -0.13
C GLU A 64 -4.93 -1.48 -1.58
N ILE A 65 -5.59 -2.21 -2.48
CA ILE A 65 -5.29 -2.12 -3.92
C ILE A 65 -5.53 -0.69 -4.38
N ASN A 66 -6.72 -0.22 -4.05
CA ASN A 66 -7.19 1.10 -4.44
C ASN A 66 -6.27 2.18 -3.86
N ASN A 67 -5.79 1.96 -2.64
CA ASN A 67 -4.87 2.90 -2.01
C ASN A 67 -3.52 2.88 -2.72
N ALA A 68 -2.88 1.70 -2.71
CA ALA A 68 -1.56 1.53 -3.34
C ALA A 68 -1.53 2.08 -4.77
N HIS A 69 -2.66 1.91 -5.46
CA HIS A 69 -2.85 2.45 -6.80
C HIS A 69 -2.42 3.92 -6.89
N ALA A 70 -2.73 4.68 -5.86
CA ALA A 70 -2.34 6.08 -5.80
C ALA A 70 -1.00 6.24 -5.10
N ILE A 71 -0.82 5.50 -4.02
CA ILE A 71 0.32 5.69 -3.11
C ILE A 71 1.66 5.65 -3.84
N LEU A 72 1.92 4.54 -4.52
CA LEU A 72 3.27 4.30 -5.06
C LEU A 72 3.58 5.22 -6.22
N THR A 73 2.56 5.75 -6.86
CA THR A 73 2.76 6.65 -7.98
C THR A 73 2.50 8.10 -7.57
N ASP A 74 2.32 8.31 -6.27
CA ASP A 74 2.18 9.66 -5.73
C ASP A 74 3.45 10.02 -5.00
N ALA A 75 3.84 11.28 -5.08
CA ALA A 75 5.06 11.74 -4.44
C ALA A 75 4.89 11.79 -2.93
N THR A 76 3.75 12.28 -2.47
CA THR A 76 3.53 12.49 -1.04
C THR A 76 3.13 11.21 -0.31
N LYS A 77 2.12 10.52 -0.83
CA LYS A 77 1.62 9.30 -0.20
C LYS A 77 2.73 8.25 -0.08
N ARG A 78 3.70 8.33 -0.97
CA ARG A 78 4.84 7.43 -0.92
C ARG A 78 5.92 8.04 -0.05
N ASN A 79 5.98 9.35 -0.08
CA ASN A 79 6.91 10.11 0.74
C ASN A 79 6.74 9.79 2.22
N ILE A 80 5.57 10.09 2.79
CA ILE A 80 5.36 9.93 4.22
C ILE A 80 5.34 8.46 4.61
N TYR A 81 4.99 7.61 3.65
CA TYR A 81 5.01 6.16 3.85
C TYR A 81 6.42 5.72 4.23
N ASP A 82 7.40 6.41 3.67
CA ASP A 82 8.80 6.10 3.93
C ASP A 82 9.31 6.89 5.14
N LYS A 83 8.49 7.82 5.62
CA LYS A 83 8.90 8.65 6.75
C LYS A 83 8.31 8.13 8.06
N TYR A 84 6.99 8.17 8.17
CA TYR A 84 6.31 7.61 9.33
C TYR A 84 5.13 6.75 8.88
N GLY A 85 4.26 7.34 8.07
CA GLY A 85 3.16 6.61 7.49
C GLY A 85 1.94 6.52 8.40
N SER A 86 2.18 6.33 9.70
CA SER A 86 1.11 6.13 10.68
C SER A 86 0.01 7.17 10.52
N LEU A 87 0.32 8.44 10.76
CA LEU A 87 -0.65 9.49 10.58
C LEU A 87 -0.68 9.96 9.13
N GLY A 88 0.44 10.49 8.66
CA GLY A 88 0.51 11.15 7.36
C GLY A 88 -0.15 10.39 6.23
N LEU A 89 0.04 9.09 6.17
CA LEU A 89 -0.54 8.28 5.10
C LEU A 89 -2.05 8.16 5.27
N TYR A 90 -2.48 7.75 6.46
CA TYR A 90 -3.89 7.54 6.76
C TYR A 90 -4.70 8.82 6.57
N VAL A 91 -4.13 9.96 6.96
CA VAL A 91 -4.82 11.22 6.86
C VAL A 91 -4.80 11.74 5.43
N ALA A 92 -3.74 11.43 4.69
CA ALA A 92 -3.60 11.94 3.33
C ALA A 92 -4.57 11.26 2.37
N GLU A 93 -4.90 10.01 2.65
CA GLU A 93 -5.78 9.26 1.79
C GLU A 93 -7.24 9.58 2.07
N GLN A 94 -7.57 9.78 3.34
CA GLN A 94 -8.95 10.06 3.73
C GLN A 94 -9.25 11.55 3.66
N PHE A 95 -8.28 12.35 4.07
CA PHE A 95 -8.47 13.80 4.13
C PHE A 95 -7.84 14.50 2.93
N GLY A 96 -6.74 13.96 2.41
CA GLY A 96 -6.07 14.61 1.31
C GLY A 96 -4.72 15.14 1.73
N GLU A 97 -3.69 14.86 0.95
CA GLU A 97 -2.31 15.16 1.33
C GLU A 97 -2.10 16.66 1.43
N GLU A 98 -2.72 17.37 0.52
CA GLU A 98 -2.66 18.83 0.52
C GLU A 98 -3.45 19.40 1.69
N ASN A 99 -4.35 18.59 2.22
CA ASN A 99 -5.23 19.01 3.29
C ASN A 99 -4.63 18.73 4.66
N VAL A 100 -3.98 17.58 4.77
CA VAL A 100 -3.39 17.07 6.04
C VAL A 100 -2.74 18.16 6.89
N ASN A 101 -2.16 19.18 6.23
CA ASN A 101 -1.48 20.27 6.92
C ASN A 101 -2.41 20.94 7.94
N THR A 102 -3.71 20.72 7.78
CA THR A 102 -4.68 21.25 8.71
C THR A 102 -4.59 20.57 10.08
N TYR A 103 -4.38 19.26 10.06
CA TYR A 103 -4.27 18.50 11.28
C TYR A 103 -2.81 18.43 11.72
N PHE A 104 -1.93 18.60 10.74
CA PHE A 104 -0.50 18.71 11.00
C PHE A 104 -0.16 20.13 11.47
N VAL A 105 1.12 20.46 11.44
CA VAL A 105 1.62 21.76 11.84
C VAL A 105 0.90 22.90 11.10
N MET A 1 25.09 -28.48 11.73
CA MET A 1 24.32 -29.74 11.66
C MET A 1 23.55 -29.82 10.35
N ARG A 2 24.04 -30.61 9.42
CA ARG A 2 23.39 -30.79 8.13
C ARG A 2 22.53 -32.04 8.14
N SER A 3 21.36 -31.93 8.76
CA SER A 3 20.41 -33.03 8.80
C SER A 3 19.87 -33.31 7.40
N PRO A 4 20.16 -34.50 6.85
CA PRO A 4 19.69 -34.87 5.50
C PRO A 4 18.18 -35.04 5.47
N GLY A 5 17.54 -34.34 4.54
CA GLY A 5 16.10 -34.41 4.43
C GLY A 5 15.43 -33.17 4.96
N MET A 6 16.24 -32.18 5.35
CA MET A 6 15.71 -30.92 5.88
C MET A 6 14.89 -30.20 4.82
N ALA A 7 13.85 -29.51 5.26
CA ALA A 7 12.99 -28.74 4.36
C ALA A 7 13.71 -27.50 3.85
N ASP A 8 13.59 -27.26 2.56
CA ASP A 8 14.22 -26.11 1.92
C ASP A 8 13.35 -24.87 2.09
N GLN A 9 13.90 -23.85 2.71
CA GLN A 9 13.17 -22.62 2.98
C GLN A 9 13.64 -21.48 2.09
N ARG A 10 12.73 -20.96 1.27
CA ARG A 10 13.04 -19.85 0.39
C ARG A 10 12.16 -18.66 0.72
N GLN A 11 10.93 -18.95 1.12
CA GLN A 11 9.94 -17.91 1.39
C GLN A 11 10.03 -17.42 2.83
N ARG A 12 11.23 -17.19 3.30
CA ARG A 12 11.44 -16.72 4.65
C ARG A 12 11.68 -15.21 4.68
N SER A 13 12.79 -14.79 4.11
CA SER A 13 13.21 -13.40 4.18
C SER A 13 12.60 -12.58 3.05
N LEU A 14 12.46 -13.19 1.87
CA LEU A 14 11.96 -12.47 0.70
C LEU A 14 10.44 -12.30 0.75
N SER A 15 9.80 -12.93 1.71
CA SER A 15 8.36 -12.80 1.88
C SER A 15 8.04 -11.59 2.77
N THR A 16 8.83 -11.41 3.81
CA THR A 16 8.64 -10.27 4.70
C THR A 16 9.61 -9.15 4.35
N SER A 17 9.12 -8.18 3.60
CA SER A 17 9.95 -7.09 3.13
C SER A 17 9.76 -5.83 3.98
N GLY A 18 8.57 -5.69 4.55
CA GLY A 18 8.26 -4.52 5.34
C GLY A 18 7.40 -3.53 4.60
N GLU A 19 7.11 -3.84 3.34
CA GLU A 19 6.30 -2.98 2.51
C GLU A 19 4.83 -3.40 2.61
N SER A 20 3.93 -2.43 2.50
CA SER A 20 2.52 -2.71 2.69
C SER A 20 1.73 -2.57 1.38
N LEU A 21 1.72 -1.36 0.82
CA LEU A 21 0.95 -1.08 -0.41
C LEU A 21 1.49 -1.88 -1.57
N TYR A 22 2.81 -1.84 -1.73
CA TYR A 22 3.48 -2.63 -2.75
C TYR A 22 3.05 -4.10 -2.68
N HIS A 23 2.90 -4.60 -1.46
CA HIS A 23 2.61 -6.01 -1.23
C HIS A 23 1.20 -6.39 -1.66
N VAL A 24 0.28 -5.42 -1.64
CA VAL A 24 -1.10 -5.69 -2.02
C VAL A 24 -1.21 -5.88 -3.52
N LEU A 25 -0.34 -5.18 -4.23
CA LEU A 25 -0.34 -5.19 -5.68
C LEU A 25 0.59 -6.27 -6.23
N GLY A 26 1.38 -6.83 -5.32
CA GLY A 26 2.25 -7.93 -5.66
C GLY A 26 3.51 -7.48 -6.37
N LEU A 27 3.81 -6.20 -6.29
CA LEU A 27 5.00 -5.66 -6.94
C LEU A 27 5.99 -5.14 -5.90
N ASP A 28 7.21 -4.91 -6.33
CA ASP A 28 8.25 -4.41 -5.45
C ASP A 28 8.34 -2.90 -5.58
N LYS A 29 9.35 -2.35 -4.94
CA LYS A 29 9.55 -0.91 -4.85
C LYS A 29 10.31 -0.40 -6.05
N ASN A 30 10.35 -1.24 -7.07
CA ASN A 30 11.07 -0.94 -8.29
C ASN A 30 10.09 -0.90 -9.46
N ALA A 31 8.81 -0.92 -9.11
CA ALA A 31 7.76 -0.80 -10.11
C ALA A 31 7.57 0.66 -10.48
N THR A 32 7.04 0.88 -11.67
CA THR A 32 6.80 2.22 -12.14
C THR A 32 5.31 2.51 -12.14
N SER A 33 4.92 3.71 -12.51
CA SER A 33 3.53 4.11 -12.53
C SER A 33 2.69 3.08 -13.28
N ASP A 34 3.26 2.57 -14.36
CA ASP A 34 2.61 1.56 -15.17
C ASP A 34 2.30 0.31 -14.34
N ASP A 35 3.31 -0.25 -13.68
CA ASP A 35 3.15 -1.51 -12.97
C ASP A 35 2.15 -1.36 -11.85
N ILE A 36 2.25 -0.24 -11.15
CA ILE A 36 1.40 0.03 -9.99
C ILE A 36 -0.06 0.23 -10.40
N LYS A 37 -0.30 1.05 -11.41
CA LYS A 37 -1.66 1.36 -11.83
C LYS A 37 -2.32 0.19 -12.54
N LYS A 38 -1.54 -0.57 -13.31
CA LYS A 38 -2.06 -1.78 -13.95
C LYS A 38 -2.41 -2.83 -12.91
N SER A 39 -1.49 -3.13 -11.99
CA SER A 39 -1.72 -4.11 -10.95
C SER A 39 -2.95 -3.77 -10.15
N TYR A 40 -3.21 -2.47 -10.00
CA TYR A 40 -4.43 -1.99 -9.40
C TYR A 40 -5.64 -2.63 -10.08
N ARG A 41 -5.68 -2.55 -11.39
CA ARG A 41 -6.80 -3.06 -12.17
C ARG A 41 -6.93 -4.57 -12.00
N LYS A 42 -5.88 -5.31 -12.33
CA LYS A 42 -5.88 -6.79 -12.29
C LYS A 42 -6.42 -7.33 -10.97
N LEU A 43 -6.13 -6.64 -9.88
CA LEU A 43 -6.57 -7.06 -8.56
C LEU A 43 -7.93 -6.45 -8.21
N ALA A 44 -8.17 -5.24 -8.70
CA ALA A 44 -9.38 -4.49 -8.43
C ALA A 44 -10.65 -5.26 -8.76
N LEU A 45 -10.76 -5.78 -9.98
CA LEU A 45 -11.95 -6.53 -10.36
C LEU A 45 -12.01 -7.86 -9.63
N LYS A 46 -10.82 -8.43 -9.47
CA LYS A 46 -10.62 -9.63 -8.67
C LYS A 46 -11.18 -9.49 -7.26
N TYR A 47 -11.15 -8.27 -6.72
CA TYR A 47 -11.72 -8.00 -5.40
C TYR A 47 -12.80 -6.94 -5.48
N HIS A 48 -13.49 -6.85 -6.62
CA HIS A 48 -14.50 -5.83 -6.84
C HIS A 48 -15.67 -6.05 -5.88
N PRO A 49 -16.28 -4.98 -5.37
CA PRO A 49 -17.32 -5.02 -4.33
C PRO A 49 -18.28 -6.22 -4.40
N ASP A 50 -18.77 -6.56 -5.58
CA ASP A 50 -19.77 -7.62 -5.70
C ASP A 50 -19.13 -9.01 -5.70
N LYS A 51 -17.82 -9.04 -5.76
CA LYS A 51 -17.06 -10.28 -5.62
C LYS A 51 -17.00 -10.66 -4.15
N ASN A 52 -17.47 -9.76 -3.31
CA ASN A 52 -17.27 -9.87 -1.88
C ASN A 52 -18.48 -10.48 -1.21
N PRO A 53 -18.29 -11.60 -0.51
CA PRO A 53 -19.32 -12.20 0.32
C PRO A 53 -19.51 -11.43 1.62
N ASP A 54 -19.94 -12.16 2.62
CA ASP A 54 -20.19 -11.59 3.92
C ASP A 54 -18.90 -11.10 4.57
N ASN A 55 -17.80 -11.79 4.27
CA ASN A 55 -16.50 -11.42 4.80
C ASN A 55 -15.93 -10.21 4.07
N PRO A 56 -15.63 -9.13 4.83
CA PRO A 56 -15.07 -7.90 4.27
C PRO A 56 -13.56 -8.02 4.01
N GLU A 57 -13.09 -9.26 3.94
CA GLU A 57 -11.69 -9.56 3.68
C GLU A 57 -11.30 -9.01 2.32
N ALA A 58 -12.16 -9.29 1.37
CA ALA A 58 -11.96 -8.87 0.00
C ALA A 58 -12.10 -7.36 -0.14
N ALA A 59 -12.89 -6.77 0.76
CA ALA A 59 -13.08 -5.34 0.79
C ALA A 59 -11.83 -4.64 1.30
N ASP A 60 -11.21 -5.25 2.31
CA ASP A 60 -9.94 -4.75 2.84
C ASP A 60 -8.88 -4.84 1.76
N LYS A 61 -8.87 -5.98 1.12
CA LYS A 61 -8.01 -6.23 -0.02
C LYS A 61 -8.21 -5.17 -1.08
N PHE A 62 -9.45 -5.03 -1.54
CA PHE A 62 -9.77 -4.00 -2.51
C PHE A 62 -9.34 -2.62 -2.02
N LYS A 63 -9.55 -2.37 -0.74
CA LYS A 63 -9.21 -1.11 -0.12
C LYS A 63 -7.73 -0.78 -0.28
N GLU A 64 -6.87 -1.76 -0.04
CA GLU A 64 -5.43 -1.57 -0.16
C GLU A 64 -5.00 -1.47 -1.64
N ILE A 65 -5.71 -2.17 -2.53
CA ILE A 65 -5.46 -2.01 -3.97
C ILE A 65 -5.85 -0.60 -4.38
N ASN A 66 -7.08 -0.25 -4.00
CA ASN A 66 -7.67 1.05 -4.29
C ASN A 66 -6.90 2.16 -3.57
N ASN A 67 -6.03 1.76 -2.67
CA ASN A 67 -5.11 2.69 -2.04
C ASN A 67 -3.79 2.73 -2.81
N ALA A 68 -3.10 1.59 -2.85
CA ALA A 68 -1.74 1.49 -3.37
C ALA A 68 -1.55 2.07 -4.77
N HIS A 69 -2.57 1.95 -5.63
CA HIS A 69 -2.45 2.38 -7.03
C HIS A 69 -1.87 3.78 -7.15
N ALA A 70 -2.41 4.69 -6.37
CA ALA A 70 -1.96 6.07 -6.38
C ALA A 70 -0.76 6.25 -5.47
N ILE A 71 -0.70 5.47 -4.40
CA ILE A 71 0.32 5.66 -3.36
C ILE A 71 1.73 5.58 -3.93
N LEU A 72 2.04 4.46 -4.58
CA LEU A 72 3.41 4.18 -4.97
C LEU A 72 3.86 5.08 -6.11
N THR A 73 2.91 5.64 -6.85
CA THR A 73 3.25 6.52 -7.96
C THR A 73 3.08 7.98 -7.56
N ASP A 74 2.66 8.21 -6.32
CA ASP A 74 2.49 9.55 -5.79
C ASP A 74 3.61 9.85 -4.81
N ALA A 75 4.35 10.93 -5.09
CA ALA A 75 5.52 11.27 -4.30
C ALA A 75 5.18 11.50 -2.84
N THR A 76 3.99 12.05 -2.58
CA THR A 76 3.59 12.35 -1.22
C THR A 76 3.03 11.12 -0.50
N LYS A 77 2.10 10.42 -1.13
CA LYS A 77 1.44 9.29 -0.49
C LYS A 77 2.42 8.17 -0.18
N ARG A 78 3.49 8.07 -0.95
CA ARG A 78 4.52 7.09 -0.66
C ARG A 78 5.53 7.70 0.30
N ASN A 79 5.62 9.02 0.28
CA ASN A 79 6.47 9.76 1.20
C ASN A 79 6.07 9.49 2.64
N ILE A 80 4.88 9.95 3.04
CA ILE A 80 4.47 9.78 4.44
C ILE A 80 4.37 8.33 4.81
N TYR A 81 4.05 7.49 3.84
CA TYR A 81 3.98 6.05 4.03
C TYR A 81 5.31 5.52 4.58
N ASP A 82 6.38 5.92 3.92
CA ASP A 82 7.71 5.47 4.31
C ASP A 82 8.21 6.23 5.54
N LYS A 83 7.76 7.46 5.67
CA LYS A 83 8.13 8.29 6.81
C LYS A 83 7.45 7.79 8.09
N TYR A 84 6.12 7.80 8.09
CA TYR A 84 5.35 7.38 9.24
C TYR A 84 4.25 6.39 8.82
N GLY A 85 3.37 6.84 7.94
CA GLY A 85 2.40 5.96 7.31
C GLY A 85 1.13 5.74 8.12
N SER A 86 1.26 5.56 9.42
CA SER A 86 0.09 5.26 10.26
C SER A 86 -0.94 6.38 10.18
N LEU A 87 -0.61 7.54 10.74
CA LEU A 87 -1.50 8.68 10.69
C LEU A 87 -1.48 9.31 9.30
N GLY A 88 -0.28 9.64 8.83
CA GLY A 88 -0.10 10.39 7.59
C GLY A 88 -0.88 9.86 6.40
N LEU A 89 -0.92 8.55 6.23
CA LEU A 89 -1.56 7.96 5.06
C LEU A 89 -3.08 7.98 5.20
N TYR A 90 -3.56 7.95 6.44
CA TYR A 90 -5.00 7.97 6.71
C TYR A 90 -5.55 9.38 6.62
N VAL A 91 -4.83 10.33 7.19
CA VAL A 91 -5.25 11.73 7.21
C VAL A 91 -5.20 12.33 5.81
N ALA A 92 -4.28 11.85 4.98
CA ALA A 92 -4.17 12.32 3.61
C ALA A 92 -5.43 12.05 2.82
N GLU A 93 -6.05 10.92 3.11
CA GLU A 93 -7.24 10.50 2.42
C GLU A 93 -8.42 11.41 2.71
N GLN A 94 -8.63 11.71 3.99
CA GLN A 94 -9.80 12.48 4.41
C GLN A 94 -9.52 13.98 4.33
N PHE A 95 -8.30 14.39 4.61
CA PHE A 95 -7.97 15.80 4.67
C PHE A 95 -7.27 16.29 3.40
N GLY A 96 -6.47 15.42 2.79
CA GLY A 96 -5.69 15.83 1.65
C GLY A 96 -4.22 15.83 2.00
N GLU A 97 -3.40 15.30 1.11
CA GLU A 97 -2.00 15.01 1.44
C GLU A 97 -1.23 16.29 1.72
N GLU A 98 -1.45 17.28 0.90
CA GLU A 98 -0.78 18.58 1.08
C GLU A 98 -1.45 19.36 2.19
N ASN A 99 -2.61 18.89 2.61
CA ASN A 99 -3.39 19.56 3.62
C ASN A 99 -3.04 19.07 5.02
N VAL A 100 -2.73 17.77 5.12
CA VAL A 100 -2.44 17.09 6.38
C VAL A 100 -1.58 17.90 7.35
N ASN A 101 -0.73 18.78 6.82
CA ASN A 101 0.16 19.59 7.64
C ASN A 101 -0.64 20.45 8.63
N THR A 102 -1.93 20.60 8.36
CA THR A 102 -2.84 21.30 9.25
C THR A 102 -3.07 20.49 10.54
N TYR A 103 -3.10 19.18 10.39
CA TYR A 103 -3.33 18.26 11.49
C TYR A 103 -1.98 17.87 12.09
N PHE A 104 -0.96 17.97 11.26
CA PHE A 104 0.41 17.72 11.67
C PHE A 104 1.02 18.98 12.29
N VAL A 105 2.34 18.99 12.40
CA VAL A 105 3.10 20.06 13.01
C VAL A 105 2.78 21.43 12.41
#